data_7TRL
# 
_entry.id   7TRL 
# 
_audit_conform.dict_name       mmcif_pdbx.dic 
_audit_conform.dict_version    5.379 
_audit_conform.dict_location   http://mmcif.pdb.org/dictionaries/ascii/mmcif_pdbx.dic 
# 
loop_
_database_2.database_id 
_database_2.database_code 
_database_2.pdbx_database_accession 
_database_2.pdbx_DOI 
PDB   7TRL         pdb_00007trl 10.2210/pdb7trl/pdb 
WWPDB D_1000262835 ?            ?                   
# 
_pdbx_database_status.status_code                     REL 
_pdbx_database_status.status_code_sf                  REL 
_pdbx_database_status.status_code_mr                  ? 
_pdbx_database_status.entry_id                        7TRL 
_pdbx_database_status.recvd_initial_deposition_date   2022-01-29 
_pdbx_database_status.SG_entry                        N 
_pdbx_database_status.deposit_site                    RCSB 
_pdbx_database_status.process_site                    RCSB 
_pdbx_database_status.status_code_cs                  ? 
_pdbx_database_status.status_code_nmr_data            ? 
_pdbx_database_status.methods_development_category    ? 
_pdbx_database_status.pdb_format_compatible           Y 
# 
loop_
_audit_author.name 
_audit_author.pdbx_ordinal 
_audit_author.identifier_ORCID 
'Klein, B.J.'       1 0000-0003-2479-8013 
'Tencer, A.H.'      2 0000-0002-9774-9207 
'Kutateladze, T.G.' 3 0000-0001-7375-6990 
# 
_citation.abstract                  ? 
_citation.abstract_id_CAS           ? 
_citation.book_id_ISBN              ? 
_citation.book_publisher            ? 
_citation.book_publisher_city       ? 
_citation.book_title                ? 
_citation.coordinate_linkage        ? 
_citation.country                   US 
_citation.database_id_Medline       ? 
_citation.details                   ? 
_citation.id                        primary 
_citation.journal_abbrev            Nat.Struct.Mol.Biol. 
_citation.journal_id_ASTM           ? 
_citation.journal_id_CSD            ? 
_citation.journal_id_ISSN           1545-9985 
_citation.journal_full              ? 
_citation.journal_issue             ? 
_citation.journal_volume            30 
_citation.language                  ? 
_citation.page_first                1265 
_citation.page_last                 1274 
_citation.title                     'Molecular basis for nuclear accumulation and targeting of the inhibitor of apoptosis BIRC2.' 
_citation.year                      2023 
_citation.database_id_CSD           ? 
_citation.pdbx_database_id_DOI      10.1038/s41594-023-01044-1 
_citation.pdbx_database_id_PubMed   37524969 
_citation.pdbx_database_id_patent   ? 
_citation.unpublished_flag          ? 
# 
loop_
_citation_author.citation_id 
_citation_author.name 
_citation_author.ordinal 
_citation_author.identifier_ORCID 
primary 'Tencer, A.H.'      1  ?                   
primary 'Yu, Y.'            2  ?                   
primary 'Causse, S.Z.'      3  ?                   
primary 'Campbell, G.R.'    4  0000-0003-3927-1994 
primary 'Klein, B.J.'       5  0000-0003-2479-8013 
primary 'Xuan, H.'          6  ?                   
primary 'Cartier, J.'       7  ?                   
primary 'Miles, M.A.'       8  0000-0002-2162-2939 
primary 'Gaurav, N.'        9  ?                   
primary 'Zadoroznyj, A.'    10 ?                   
primary 'Holt, T.A.'        11 0000-0003-3027-4478 
primary 'Wen, H.'           12 0000-0001-8739-4572 
primary 'Hawkins, C.J.'     13 0000-0001-8120-1071 
primary 'Spector, S.A.'     14 0000-0002-1882-4855 
primary 'Dubrez, L.'        15 0000-0002-7030-2181 
primary 'Shi, X.'           16 0000-0001-5242-8189 
primary 'Kutateladze, T.G.' 17 0000-0001-7375-6990 
# 
_cell.angle_alpha                  90.000 
_cell.angle_alpha_esd              ? 
_cell.angle_beta                   103.870 
_cell.angle_beta_esd               ? 
_cell.angle_gamma                  90.000 
_cell.angle_gamma_esd              ? 
_cell.entry_id                     7TRL 
_cell.details                      ? 
_cell.formula_units_Z              ? 
_cell.length_a                     33.655 
_cell.length_a_esd                 ? 
_cell.length_b                     34.972 
_cell.length_b_esd                 ? 
_cell.length_c                     35.605 
_cell.length_c_esd                 ? 
_cell.volume                       40684.564 
_cell.volume_esd                   ? 
_cell.Z_PDB                        2 
_cell.reciprocal_angle_alpha       ? 
_cell.reciprocal_angle_beta        ? 
_cell.reciprocal_angle_gamma       ? 
_cell.reciprocal_angle_alpha_esd   ? 
_cell.reciprocal_angle_beta_esd    ? 
_cell.reciprocal_angle_gamma_esd   ? 
_cell.reciprocal_length_a          ? 
_cell.reciprocal_length_b          ? 
_cell.reciprocal_length_c          ? 
_cell.reciprocal_length_a_esd      ? 
_cell.reciprocal_length_b_esd      ? 
_cell.reciprocal_length_c_esd      ? 
_cell.pdbx_unique_axis             ? 
# 
_symmetry.entry_id                         7TRL 
_symmetry.cell_setting                     ? 
_symmetry.Int_Tables_number                4 
_symmetry.space_group_name_Hall            'P 2yb' 
_symmetry.space_group_name_H-M             'P 1 21 1' 
_symmetry.pdbx_full_space_group_name_H-M   ? 
# 
loop_
_entity.id 
_entity.type 
_entity.src_method 
_entity.pdbx_description 
_entity.formula_weight 
_entity.pdbx_number_of_molecules 
_entity.pdbx_ec 
_entity.pdbx_mutation 
_entity.pdbx_fragment 
_entity.details 
1 polymer     man 'Baculoviral IAP repeat-containing protein 2' 10826.264 1  2.3.2.27 ? 'BIR3 domain' ? 
2 polymer     syn 'Histone H3'                                  1308.488  1  ?        ? ?             ? 
3 non-polymer syn 1,2-ETHANEDIOL                                62.068    6  ?        ? ?             ? 
4 non-polymer syn 'ZINC ION'                                    65.409    1  ?        ? ?             ? 
5 water       nat water                                         18.015    34 ?        ? ?             ? 
# 
_entity_name_com.entity_id   1 
_entity_name_com.name        
;Cellular inhibitor of apoptosis 1,C-IAP1,IAP homolog B,Inhibitor of apoptosis protein 2,hIAP-2,hIAP2,RING finger protein 48,RING-type E3 ubiquitin transferase BIRC2,TNFR2-TRAF-signaling complex protein 2
;
# 
loop_
_entity_poly.entity_id 
_entity_poly.type 
_entity_poly.nstd_linkage 
_entity_poly.nstd_monomer 
_entity_poly.pdbx_seq_one_letter_code 
_entity_poly.pdbx_seq_one_letter_code_can 
_entity_poly.pdbx_strand_id 
_entity_poly.pdbx_target_identifier 
1 'polypeptide(L)' no no 
;GPLGSPEFISNLSMQTHAARMRTFMYWPSSVPVQPEQLASAGFYYVGRNDDVKCFCCDGGLRCWESGDDPWVEHAKWFPR
CEFLIRMKGQEFVD
;
;GPLGSPEFISNLSMQTHAARMRTFMYWPSSVPVQPEQLASAGFYYVGRNDDVKCFCCDGGLRCWESGDDPWVEHAKWFPR
CEFLIRMKGQEFVD
;
A ? 
2 'polypeptide(L)' no no ARTKQTARKSTG                                                                                      
ARTKQTARKSTG                                                                                      B ? 
# 
loop_
_entity_poly_seq.entity_id 
_entity_poly_seq.num 
_entity_poly_seq.mon_id 
_entity_poly_seq.hetero 
1 1  GLY n 
1 2  PRO n 
1 3  LEU n 
1 4  GLY n 
1 5  SER n 
1 6  PRO n 
1 7  GLU n 
1 8  PHE n 
1 9  ILE n 
1 10 SER n 
1 11 ASN n 
1 12 LEU n 
1 13 SER n 
1 14 MET n 
1 15 GLN n 
1 16 THR n 
1 17 HIS n 
1 18 ALA n 
1 19 ALA n 
1 20 ARG n 
1 21 MET n 
1 22 ARG n 
1 23 THR n 
1 24 PHE n 
1 25 MET n 
1 26 TYR n 
1 27 TRP n 
1 28 PRO n 
1 29 SER n 
1 30 SER n 
1 31 VAL n 
1 32 PRO n 
1 33 VAL n 
1 34 GLN n 
1 35 PRO n 
1 36 GLU n 
1 37 GLN n 
1 38 LEU n 
1 39 ALA n 
1 40 SER n 
1 41 ALA n 
1 42 GLY n 
1 43 PHE n 
1 44 TYR n 
1 45 TYR n 
1 46 VAL n 
1 47 GLY n 
1 48 ARG n 
1 49 ASN n 
1 50 ASP n 
1 51 ASP n 
1 52 VAL n 
1 53 LYS n 
1 54 CYS n 
1 55 PHE n 
1 56 CYS n 
1 57 CYS n 
1 58 ASP n 
1 59 GLY n 
1 60 GLY n 
1 61 LEU n 
1 62 ARG n 
1 63 CYS n 
1 64 TRP n 
1 65 GLU n 
1 66 SER n 
1 67 GLY n 
1 68 ASP n 
1 69 ASP n 
1 70 PRO n 
1 71 TRP n 
1 72 VAL n 
1 73 GLU n 
1 74 HIS n 
1 75 ALA n 
1 76 LYS n 
1 77 TRP n 
1 78 PHE n 
1 79 PRO n 
1 80 ARG n 
1 81 CYS n 
1 82 GLU n 
1 83 PHE n 
1 84 LEU n 
1 85 ILE n 
1 86 ARG n 
1 87 MET n 
1 88 LYS n 
1 89 GLY n 
1 90 GLN n 
1 91 GLU n 
1 92 PHE n 
1 93 VAL n 
1 94 ASP n 
2 1  ALA n 
2 2  ARG n 
2 3  THR n 
2 4  LYS n 
2 5  GLN n 
2 6  THR n 
2 7  ALA n 
2 8  ARG n 
2 9  LYS n 
2 10 SER n 
2 11 THR n 
2 12 GLY n 
# 
_entity_src_gen.entity_id                          1 
_entity_src_gen.pdbx_src_id                        1 
_entity_src_gen.pdbx_alt_source_flag               sample 
_entity_src_gen.pdbx_seq_type                      'Biological sequence' 
_entity_src_gen.pdbx_beg_seq_num                   1 
_entity_src_gen.pdbx_end_seq_num                   94 
_entity_src_gen.gene_src_common_name               human 
_entity_src_gen.gene_src_genus                     ? 
_entity_src_gen.pdbx_gene_src_gene                 'BIRC2, API1, MIHB, RNF48' 
_entity_src_gen.gene_src_species                   ? 
_entity_src_gen.gene_src_strain                    ? 
_entity_src_gen.gene_src_tissue                    ? 
_entity_src_gen.gene_src_tissue_fraction           ? 
_entity_src_gen.gene_src_details                   ? 
_entity_src_gen.pdbx_gene_src_fragment             ? 
_entity_src_gen.pdbx_gene_src_scientific_name      'Homo sapiens' 
_entity_src_gen.pdbx_gene_src_ncbi_taxonomy_id     9606 
_entity_src_gen.pdbx_gene_src_variant              ? 
_entity_src_gen.pdbx_gene_src_cell_line            ? 
_entity_src_gen.pdbx_gene_src_atcc                 ? 
_entity_src_gen.pdbx_gene_src_organ                ? 
_entity_src_gen.pdbx_gene_src_organelle            ? 
_entity_src_gen.pdbx_gene_src_cell                 ? 
_entity_src_gen.pdbx_gene_src_cellular_location    ? 
_entity_src_gen.host_org_common_name               ? 
_entity_src_gen.pdbx_host_org_scientific_name      'Escherichia coli' 
_entity_src_gen.pdbx_host_org_ncbi_taxonomy_id     562 
_entity_src_gen.host_org_genus                     ? 
_entity_src_gen.pdbx_host_org_gene                 ? 
_entity_src_gen.pdbx_host_org_organ                ? 
_entity_src_gen.host_org_species                   ? 
_entity_src_gen.pdbx_host_org_tissue               ? 
_entity_src_gen.pdbx_host_org_tissue_fraction      ? 
_entity_src_gen.pdbx_host_org_strain               ? 
_entity_src_gen.pdbx_host_org_variant              ? 
_entity_src_gen.pdbx_host_org_cell_line            ? 
_entity_src_gen.pdbx_host_org_atcc                 ? 
_entity_src_gen.pdbx_host_org_culture_collection   ? 
_entity_src_gen.pdbx_host_org_cell                 ? 
_entity_src_gen.pdbx_host_org_organelle            ? 
_entity_src_gen.pdbx_host_org_cellular_location    ? 
_entity_src_gen.pdbx_host_org_vector_type          ? 
_entity_src_gen.pdbx_host_org_vector               ? 
_entity_src_gen.host_org_details                   ? 
_entity_src_gen.expression_system_id               ? 
_entity_src_gen.plasmid_name                       ? 
_entity_src_gen.plasmid_details                    ? 
_entity_src_gen.pdbx_description                   ? 
# 
_pdbx_entity_src_syn.entity_id              2 
_pdbx_entity_src_syn.pdbx_src_id            1 
_pdbx_entity_src_syn.pdbx_alt_source_flag   sample 
_pdbx_entity_src_syn.pdbx_beg_seq_num       1 
_pdbx_entity_src_syn.pdbx_end_seq_num       12 
_pdbx_entity_src_syn.organism_scientific    'Homo sapiens' 
_pdbx_entity_src_syn.organism_common_name   human 
_pdbx_entity_src_syn.ncbi_taxonomy_id       9606 
_pdbx_entity_src_syn.details                ? 
# 
loop_
_struct_ref.id 
_struct_ref.db_name 
_struct_ref.db_code 
_struct_ref.pdbx_db_accession 
_struct_ref.pdbx_db_isoform 
_struct_ref.entity_id 
_struct_ref.pdbx_seq_one_letter_code 
_struct_ref.pdbx_align_begin 
1 UNP BIRC2_HUMAN Q13490 ? 1 
;ISNLSMQTHAARMRTFMYWPSSVPVQPEQLASAGFYYVGRNDDVKCFCCDGGLRCWESGDDPWVEHAKWFPRCEFLIRMK
GQEFVD
;
261 
2 PDB 7TRL        7TRL   ? 2 ?                                                                                         1   
# 
loop_
_struct_ref_seq.align_id 
_struct_ref_seq.ref_id 
_struct_ref_seq.pdbx_PDB_id_code 
_struct_ref_seq.pdbx_strand_id 
_struct_ref_seq.seq_align_beg 
_struct_ref_seq.pdbx_seq_align_beg_ins_code 
_struct_ref_seq.seq_align_end 
_struct_ref_seq.pdbx_seq_align_end_ins_code 
_struct_ref_seq.pdbx_db_accession 
_struct_ref_seq.db_align_beg 
_struct_ref_seq.pdbx_db_align_beg_ins_code 
_struct_ref_seq.db_align_end 
_struct_ref_seq.pdbx_db_align_end_ins_code 
_struct_ref_seq.pdbx_auth_seq_align_beg 
_struct_ref_seq.pdbx_auth_seq_align_end 
1 1 7TRL A 9 ? 94 ? Q13490 261 ? 346 ? 261 346 
2 2 7TRL B 1 ? 12 ? 7TRL   1   ? 12  ? 1   12  
# 
loop_
_struct_ref_seq_dif.align_id 
_struct_ref_seq_dif.pdbx_pdb_id_code 
_struct_ref_seq_dif.mon_id 
_struct_ref_seq_dif.pdbx_pdb_strand_id 
_struct_ref_seq_dif.seq_num 
_struct_ref_seq_dif.pdbx_pdb_ins_code 
_struct_ref_seq_dif.pdbx_seq_db_name 
_struct_ref_seq_dif.pdbx_seq_db_accession_code 
_struct_ref_seq_dif.db_mon_id 
_struct_ref_seq_dif.pdbx_seq_db_seq_num 
_struct_ref_seq_dif.details 
_struct_ref_seq_dif.pdbx_auth_seq_num 
_struct_ref_seq_dif.pdbx_ordinal 
1 7TRL GLY A 1 ? UNP Q13490 ? ? 'expression tag' 253 1 
1 7TRL PRO A 2 ? UNP Q13490 ? ? 'expression tag' 254 2 
1 7TRL LEU A 3 ? UNP Q13490 ? ? 'expression tag' 255 3 
1 7TRL GLY A 4 ? UNP Q13490 ? ? 'expression tag' 256 4 
1 7TRL SER A 5 ? UNP Q13490 ? ? 'expression tag' 257 5 
1 7TRL PRO A 6 ? UNP Q13490 ? ? 'expression tag' 258 6 
1 7TRL GLU A 7 ? UNP Q13490 ? ? 'expression tag' 259 7 
1 7TRL PHE A 8 ? UNP Q13490 ? ? 'expression tag' 260 8 
# 
loop_
_chem_comp.id 
_chem_comp.type 
_chem_comp.mon_nstd_flag 
_chem_comp.name 
_chem_comp.pdbx_synonyms 
_chem_comp.formula 
_chem_comp.formula_weight 
ALA 'L-peptide linking' y ALANINE         ?                 'C3 H7 N O2'     89.093  
ARG 'L-peptide linking' y ARGININE        ?                 'C6 H15 N4 O2 1' 175.209 
ASN 'L-peptide linking' y ASPARAGINE      ?                 'C4 H8 N2 O3'    132.118 
ASP 'L-peptide linking' y 'ASPARTIC ACID' ?                 'C4 H7 N O4'     133.103 
CYS 'L-peptide linking' y CYSTEINE        ?                 'C3 H7 N O2 S'   121.158 
EDO non-polymer         . 1,2-ETHANEDIOL  'ETHYLENE GLYCOL' 'C2 H6 O2'       62.068  
GLN 'L-peptide linking' y GLUTAMINE       ?                 'C5 H10 N2 O3'   146.144 
GLU 'L-peptide linking' y 'GLUTAMIC ACID' ?                 'C5 H9 N O4'     147.129 
GLY 'peptide linking'   y GLYCINE         ?                 'C2 H5 N O2'     75.067  
HIS 'L-peptide linking' y HISTIDINE       ?                 'C6 H10 N3 O2 1' 156.162 
HOH non-polymer         . WATER           ?                 'H2 O'           18.015  
ILE 'L-peptide linking' y ISOLEUCINE      ?                 'C6 H13 N O2'    131.173 
LEU 'L-peptide linking' y LEUCINE         ?                 'C6 H13 N O2'    131.173 
LYS 'L-peptide linking' y LYSINE          ?                 'C6 H15 N2 O2 1' 147.195 
MET 'L-peptide linking' y METHIONINE      ?                 'C5 H11 N O2 S'  149.211 
PHE 'L-peptide linking' y PHENYLALANINE   ?                 'C9 H11 N O2'    165.189 
PRO 'L-peptide linking' y PROLINE         ?                 'C5 H9 N O2'     115.130 
SER 'L-peptide linking' y SERINE          ?                 'C3 H7 N O3'     105.093 
THR 'L-peptide linking' y THREONINE       ?                 'C4 H9 N O3'     119.119 
TRP 'L-peptide linking' y TRYPTOPHAN      ?                 'C11 H12 N2 O2'  204.225 
TYR 'L-peptide linking' y TYROSINE        ?                 'C9 H11 N O3'    181.189 
VAL 'L-peptide linking' y VALINE          ?                 'C5 H11 N O2'    117.146 
ZN  non-polymer         . 'ZINC ION'      ?                 'Zn 2'           65.409  
# 
_exptl.absorpt_coefficient_mu     ? 
_exptl.absorpt_correction_T_max   ? 
_exptl.absorpt_correction_T_min   ? 
_exptl.absorpt_correction_type    ? 
_exptl.absorpt_process_details    ? 
_exptl.entry_id                   7TRL 
_exptl.crystals_number            1 
_exptl.details                    ? 
_exptl.method                     'X-RAY DIFFRACTION' 
_exptl.method_details             ? 
# 
_exptl_crystal.colour                      ? 
_exptl_crystal.density_diffrn              ? 
_exptl_crystal.density_Matthews            1.68 
_exptl_crystal.density_method              ? 
_exptl_crystal.density_percent_sol         26.63 
_exptl_crystal.description                 ? 
_exptl_crystal.F_000                       ? 
_exptl_crystal.id                          1 
_exptl_crystal.preparation                 ? 
_exptl_crystal.size_max                    ? 
_exptl_crystal.size_mid                    ? 
_exptl_crystal.size_min                    ? 
_exptl_crystal.size_rad                    ? 
_exptl_crystal.colour_lustre               ? 
_exptl_crystal.colour_modifier             ? 
_exptl_crystal.colour_primary              ? 
_exptl_crystal.density_meas                ? 
_exptl_crystal.density_meas_esd            ? 
_exptl_crystal.density_meas_gt             ? 
_exptl_crystal.density_meas_lt             ? 
_exptl_crystal.density_meas_temp           ? 
_exptl_crystal.density_meas_temp_esd       ? 
_exptl_crystal.density_meas_temp_gt        ? 
_exptl_crystal.density_meas_temp_lt        ? 
_exptl_crystal.pdbx_crystal_image_url      ? 
_exptl_crystal.pdbx_crystal_image_format   ? 
_exptl_crystal.pdbx_mosaicity              ? 
_exptl_crystal.pdbx_mosaicity_esd          ? 
# 
_exptl_crystal_grow.apparatus       ? 
_exptl_crystal_grow.atmosphere      ? 
_exptl_crystal_grow.crystal_id      1 
_exptl_crystal_grow.details         ? 
_exptl_crystal_grow.method          'VAPOR DIFFUSION, SITTING DROP' 
_exptl_crystal_grow.method_ref      ? 
_exptl_crystal_grow.pH              7.0 
_exptl_crystal_grow.pressure        ? 
_exptl_crystal_grow.pressure_esd    ? 
_exptl_crystal_grow.seeding         ? 
_exptl_crystal_grow.seeding_ref     ? 
_exptl_crystal_grow.temp            291.15 
_exptl_crystal_grow.temp_details    ? 
_exptl_crystal_grow.temp_esd        ? 
_exptl_crystal_grow.time            ? 
_exptl_crystal_grow.pdbx_details    
'0.1 M SPG buffer (2:7:7 molar ratio of succinic acid:sodium dihydrogen phosphate: glycine), 25% PEG 1,500' 
_exptl_crystal_grow.pdbx_pH_range   ? 
# 
_diffrn.ambient_environment              ? 
_diffrn.ambient_temp                     100 
_diffrn.ambient_temp_details             ? 
_diffrn.ambient_temp_esd                 ? 
_diffrn.crystal_id                       1 
_diffrn.crystal_support                  ? 
_diffrn.crystal_treatment                ? 
_diffrn.details                          ? 
_diffrn.id                               1 
_diffrn.ambient_pressure                 ? 
_diffrn.ambient_pressure_esd             ? 
_diffrn.ambient_pressure_gt              ? 
_diffrn.ambient_pressure_lt              ? 
_diffrn.ambient_temp_gt                  ? 
_diffrn.ambient_temp_lt                  ? 
_diffrn.pdbx_serial_crystal_experiment   N 
# 
_diffrn_detector.details                      ? 
_diffrn_detector.detector                     PIXEL 
_diffrn_detector.diffrn_id                    1 
_diffrn_detector.type                         'DECTRIS PILATUS 200K' 
_diffrn_detector.area_resol_mean              ? 
_diffrn_detector.dtime                        ? 
_diffrn_detector.pdbx_frames_total            ? 
_diffrn_detector.pdbx_collection_time_total   ? 
_diffrn_detector.pdbx_collection_date         2019-12-17 
_diffrn_detector.pdbx_frequency               ? 
# 
_diffrn_radiation.collimation                      ? 
_diffrn_radiation.diffrn_id                        1 
_diffrn_radiation.filter_edge                      ? 
_diffrn_radiation.inhomogeneity                    ? 
_diffrn_radiation.monochromator                    ? 
_diffrn_radiation.polarisn_norm                    ? 
_diffrn_radiation.polarisn_ratio                   ? 
_diffrn_radiation.probe                            ? 
_diffrn_radiation.type                             ? 
_diffrn_radiation.xray_symbol                      ? 
_diffrn_radiation.wavelength_id                    1 
_diffrn_radiation.pdbx_monochromatic_or_laue_m_l   M 
_diffrn_radiation.pdbx_wavelength_list             ? 
_diffrn_radiation.pdbx_wavelength                  ? 
_diffrn_radiation.pdbx_diffrn_protocol             'SINGLE WAVELENGTH' 
_diffrn_radiation.pdbx_analyzer                    ? 
_diffrn_radiation.pdbx_scattering_type             x-ray 
# 
_diffrn_radiation_wavelength.id           1 
_diffrn_radiation_wavelength.wavelength   1.54 
_diffrn_radiation_wavelength.wt           1.0 
# 
_diffrn_source.current                     ? 
_diffrn_source.details                     ? 
_diffrn_source.diffrn_id                   1 
_diffrn_source.power                       ? 
_diffrn_source.size                        ? 
_diffrn_source.source                      'ROTATING ANODE' 
_diffrn_source.target                      ? 
_diffrn_source.type                        'RIGAKU MICROMAX-007 HF' 
_diffrn_source.voltage                     ? 
_diffrn_source.take-off_angle              ? 
_diffrn_source.pdbx_wavelength_list        1.54 
_diffrn_source.pdbx_wavelength             ? 
_diffrn_source.pdbx_synchrotron_beamline   ? 
_diffrn_source.pdbx_synchrotron_site       ? 
# 
_reflns.B_iso_Wilson_estimate                          20.27 
_reflns.entry_id                                       7TRL 
_reflns.data_reduction_details                         ? 
_reflns.data_reduction_method                          ? 
_reflns.d_resolution_high                              1.73 
_reflns.d_resolution_low                               50 
_reflns.details                                        ? 
_reflns.limit_h_max                                    ? 
_reflns.limit_h_min                                    ? 
_reflns.limit_k_max                                    ? 
_reflns.limit_k_min                                    ? 
_reflns.limit_l_max                                    ? 
_reflns.limit_l_min                                    ? 
_reflns.number_all                                     ? 
_reflns.number_obs                                     8045 
_reflns.observed_criterion                             ? 
_reflns.observed_criterion_F_max                       ? 
_reflns.observed_criterion_F_min                       ? 
_reflns.observed_criterion_I_max                       ? 
_reflns.observed_criterion_I_min                       ? 
_reflns.observed_criterion_sigma_F                     ? 
_reflns.observed_criterion_sigma_I                     ? 
_reflns.percent_possible_obs                           97.0 
_reflns.R_free_details                                 ? 
_reflns.Rmerge_F_all                                   ? 
_reflns.Rmerge_F_obs                                   ? 
_reflns.Friedel_coverage                               ? 
_reflns.number_gt                                      ? 
_reflns.threshold_expression                           ? 
_reflns.pdbx_redundancy                                4.4 
_reflns.pdbx_Rmerge_I_obs                              ? 
_reflns.pdbx_Rmerge_I_all                              ? 
_reflns.pdbx_Rsym_value                                ? 
_reflns.pdbx_netI_over_av_sigmaI                       ? 
_reflns.pdbx_netI_over_sigmaI                          21.8 
_reflns.pdbx_res_netI_over_av_sigmaI_2                 ? 
_reflns.pdbx_res_netI_over_sigmaI_2                    ? 
_reflns.pdbx_chi_squared                               ? 
_reflns.pdbx_scaling_rejects                           ? 
_reflns.pdbx_d_res_high_opt                            ? 
_reflns.pdbx_d_res_low_opt                             ? 
_reflns.pdbx_d_res_opt_method                          ? 
_reflns.phase_calculation_details                      ? 
_reflns.pdbx_Rrim_I_all                                ? 
_reflns.pdbx_Rpim_I_all                                0.026 
_reflns.pdbx_d_opt                                     ? 
_reflns.pdbx_number_measured_all                       ? 
_reflns.pdbx_diffrn_id                                 1 
_reflns.pdbx_ordinal                                   1 
_reflns.pdbx_CC_half                                   ? 
_reflns.pdbx_CC_star                                   ? 
_reflns.pdbx_R_split                                   ? 
_reflns.pdbx_aniso_diffraction_limit_axis_1_ortho[1]   ? 
_reflns.pdbx_aniso_diffraction_limit_axis_1_ortho[2]   ? 
_reflns.pdbx_aniso_diffraction_limit_axis_1_ortho[3]   ? 
_reflns.pdbx_aniso_diffraction_limit_axis_2_ortho[1]   ? 
_reflns.pdbx_aniso_diffraction_limit_axis_2_ortho[2]   ? 
_reflns.pdbx_aniso_diffraction_limit_axis_2_ortho[3]   ? 
_reflns.pdbx_aniso_diffraction_limit_axis_3_ortho[1]   ? 
_reflns.pdbx_aniso_diffraction_limit_axis_3_ortho[2]   ? 
_reflns.pdbx_aniso_diffraction_limit_axis_3_ortho[3]   ? 
_reflns.pdbx_aniso_diffraction_limit_1                 ? 
_reflns.pdbx_aniso_diffraction_limit_2                 ? 
_reflns.pdbx_aniso_diffraction_limit_3                 ? 
_reflns.pdbx_aniso_B_tensor_eigenvector_1_ortho[1]     ? 
_reflns.pdbx_aniso_B_tensor_eigenvector_1_ortho[2]     ? 
_reflns.pdbx_aniso_B_tensor_eigenvector_1_ortho[3]     ? 
_reflns.pdbx_aniso_B_tensor_eigenvector_2_ortho[1]     ? 
_reflns.pdbx_aniso_B_tensor_eigenvector_2_ortho[2]     ? 
_reflns.pdbx_aniso_B_tensor_eigenvector_2_ortho[3]     ? 
_reflns.pdbx_aniso_B_tensor_eigenvector_3_ortho[1]     ? 
_reflns.pdbx_aniso_B_tensor_eigenvector_3_ortho[2]     ? 
_reflns.pdbx_aniso_B_tensor_eigenvector_3_ortho[3]     ? 
_reflns.pdbx_aniso_B_tensor_eigenvalue_1               ? 
_reflns.pdbx_aniso_B_tensor_eigenvalue_2               ? 
_reflns.pdbx_aniso_B_tensor_eigenvalue_3               ? 
_reflns.pdbx_orthogonalization_convention              ? 
_reflns.pdbx_percent_possible_ellipsoidal              ? 
_reflns.pdbx_percent_possible_spherical                ? 
_reflns.pdbx_percent_possible_ellipsoidal_anomalous    ? 
_reflns.pdbx_percent_possible_spherical_anomalous      ? 
_reflns.pdbx_redundancy_anomalous                      ? 
_reflns.pdbx_CC_half_anomalous                         ? 
_reflns.pdbx_absDiff_over_sigma_anomalous              ? 
_reflns.pdbx_percent_possible_anomalous                ? 
_reflns.pdbx_observed_signal_threshold                 ? 
_reflns.pdbx_signal_type                               ? 
_reflns.pdbx_signal_details                            ? 
_reflns.pdbx_signal_software_id                        ? 
# 
_reflns_shell.d_res_high                                    1.73 
_reflns_shell.d_res_low                                     1.76 
_reflns_shell.meanI_over_sigI_all                           ? 
_reflns_shell.meanI_over_sigI_obs                           ? 
_reflns_shell.number_measured_all                           ? 
_reflns_shell.number_measured_obs                           ? 
_reflns_shell.number_possible                               ? 
_reflns_shell.number_unique_all                             ? 
_reflns_shell.number_unique_obs                             334 
_reflns_shell.percent_possible_all                          ? 
_reflns_shell.percent_possible_obs                          ? 
_reflns_shell.Rmerge_F_all                                  ? 
_reflns_shell.Rmerge_F_obs                                  ? 
_reflns_shell.Rmerge_I_all                                  ? 
_reflns_shell.Rmerge_I_obs                                  ? 
_reflns_shell.meanI_over_sigI_gt                            ? 
_reflns_shell.meanI_over_uI_all                             ? 
_reflns_shell.meanI_over_uI_gt                              ? 
_reflns_shell.number_measured_gt                            ? 
_reflns_shell.number_unique_gt                              ? 
_reflns_shell.percent_possible_gt                           ? 
_reflns_shell.Rmerge_F_gt                                   ? 
_reflns_shell.Rmerge_I_gt                                   ? 
_reflns_shell.pdbx_redundancy                               ? 
_reflns_shell.pdbx_Rsym_value                               ? 
_reflns_shell.pdbx_chi_squared                              ? 
_reflns_shell.pdbx_netI_over_sigmaI_all                     ? 
_reflns_shell.pdbx_netI_over_sigmaI_obs                     ? 
_reflns_shell.pdbx_Rrim_I_all                               ? 
_reflns_shell.pdbx_Rpim_I_all                               0.293 
_reflns_shell.pdbx_rejects                                  ? 
_reflns_shell.pdbx_ordinal                                  1 
_reflns_shell.pdbx_diffrn_id                                1 
_reflns_shell.pdbx_CC_half                                  ? 
_reflns_shell.pdbx_CC_star                                  ? 
_reflns_shell.pdbx_R_split                                  ? 
_reflns_shell.pdbx_percent_possible_ellipsoidal             ? 
_reflns_shell.pdbx_percent_possible_spherical               ? 
_reflns_shell.pdbx_percent_possible_ellipsoidal_anomalous   ? 
_reflns_shell.pdbx_percent_possible_spherical_anomalous     ? 
_reflns_shell.pdbx_redundancy_anomalous                     ? 
_reflns_shell.pdbx_CC_half_anomalous                        ? 
_reflns_shell.pdbx_absDiff_over_sigma_anomalous             ? 
_reflns_shell.pdbx_percent_possible_anomalous               ? 
# 
_refine.aniso_B[1][1]                            ? 
_refine.aniso_B[1][2]                            ? 
_refine.aniso_B[1][3]                            ? 
_refine.aniso_B[2][2]                            ? 
_refine.aniso_B[2][3]                            ? 
_refine.aniso_B[3][3]                            ? 
_refine.B_iso_max                                ? 
_refine.B_iso_mean                               22.72 
_refine.B_iso_min                                ? 
_refine.correlation_coeff_Fo_to_Fc               ? 
_refine.correlation_coeff_Fo_to_Fc_free          ? 
_refine.details                                  ? 
_refine.diff_density_max                         ? 
_refine.diff_density_max_esd                     ? 
_refine.diff_density_min                         ? 
_refine.diff_density_min_esd                     ? 
_refine.diff_density_rms                         ? 
_refine.diff_density_rms_esd                     ? 
_refine.entry_id                                 7TRL 
_refine.pdbx_refine_id                           'X-RAY DIFFRACTION' 
_refine.ls_abs_structure_details                 ? 
_refine.ls_abs_structure_Flack                   ? 
_refine.ls_abs_structure_Flack_esd               ? 
_refine.ls_abs_structure_Rogers                  ? 
_refine.ls_abs_structure_Rogers_esd              ? 
_refine.ls_d_res_high                            1.74 
_refine.ls_d_res_low                             24.58 
_refine.ls_extinction_coef                       ? 
_refine.ls_extinction_coef_esd                   ? 
_refine.ls_extinction_expression                 ? 
_refine.ls_extinction_method                     ? 
_refine.ls_goodness_of_fit_all                   ? 
_refine.ls_goodness_of_fit_all_esd               ? 
_refine.ls_goodness_of_fit_obs                   ? 
_refine.ls_goodness_of_fit_obs_esd               ? 
_refine.ls_hydrogen_treatment                    ? 
_refine.ls_matrix_type                           ? 
_refine.ls_number_constraints                    ? 
_refine.ls_number_parameters                     ? 
_refine.ls_number_reflns_all                     ? 
_refine.ls_number_reflns_obs                     7635 
_refine.ls_number_reflns_R_free                  769 
_refine.ls_number_reflns_R_work                  6866 
_refine.ls_number_restraints                     ? 
_refine.ls_percent_reflns_obs                    91.51 
_refine.ls_percent_reflns_R_free                 10.07 
_refine.ls_R_factor_all                          ? 
_refine.ls_R_factor_obs                          0.1667 
_refine.ls_R_factor_R_free                       0.2060 
_refine.ls_R_factor_R_free_error                 ? 
_refine.ls_R_factor_R_free_error_details         ? 
_refine.ls_R_factor_R_work                       0.1623 
_refine.ls_R_Fsqd_factor_obs                     ? 
_refine.ls_R_I_factor_obs                        ? 
_refine.ls_redundancy_reflns_all                 ? 
_refine.ls_redundancy_reflns_obs                 ? 
_refine.ls_restrained_S_all                      ? 
_refine.ls_restrained_S_obs                      ? 
_refine.ls_shift_over_esd_max                    ? 
_refine.ls_shift_over_esd_mean                   ? 
_refine.ls_structure_factor_coef                 ? 
_refine.ls_weighting_details                     ? 
_refine.ls_weighting_scheme                      ? 
_refine.ls_wR_factor_all                         ? 
_refine.ls_wR_factor_obs                         ? 
_refine.ls_wR_factor_R_free                      ? 
_refine.ls_wR_factor_R_work                      ? 
_refine.occupancy_max                            ? 
_refine.occupancy_min                            ? 
_refine.solvent_model_details                    'FLAT BULK SOLVENT MODEL' 
_refine.solvent_model_param_bsol                 ? 
_refine.solvent_model_param_ksol                 ? 
_refine.pdbx_R_complete                          ? 
_refine.ls_R_factor_gt                           ? 
_refine.ls_goodness_of_fit_gt                    ? 
_refine.ls_goodness_of_fit_ref                   ? 
_refine.ls_shift_over_su_max                     ? 
_refine.ls_shift_over_su_max_lt                  ? 
_refine.ls_shift_over_su_mean                    ? 
_refine.ls_shift_over_su_mean_lt                 ? 
_refine.pdbx_ls_sigma_I                          ? 
_refine.pdbx_ls_sigma_F                          1.34 
_refine.pdbx_ls_sigma_Fsqd                       ? 
_refine.pdbx_data_cutoff_high_absF               ? 
_refine.pdbx_data_cutoff_high_rms_absF           ? 
_refine.pdbx_data_cutoff_low_absF                ? 
_refine.pdbx_isotropic_thermal_model             ? 
_refine.pdbx_ls_cross_valid_method               'FREE R-VALUE' 
_refine.pdbx_method_to_determine_struct          'MOLECULAR REPLACEMENT' 
_refine.pdbx_starting_model                      3D9T 
_refine.pdbx_stereochemistry_target_values       'GeoStd + Monomer Library + CDL v1.2' 
_refine.pdbx_R_Free_selection_details            ? 
_refine.pdbx_stereochem_target_val_spec_case     ? 
_refine.pdbx_overall_ESU_R                       ? 
_refine.pdbx_overall_ESU_R_Free                  ? 
_refine.pdbx_solvent_vdw_probe_radii             1.1100 
_refine.pdbx_solvent_ion_probe_radii             ? 
_refine.pdbx_solvent_shrinkage_radii             0.9000 
_refine.pdbx_real_space_R                        ? 
_refine.pdbx_density_correlation                 ? 
_refine.pdbx_pd_number_of_powder_patterns        ? 
_refine.pdbx_pd_number_of_points                 ? 
_refine.pdbx_pd_meas_number_of_points            ? 
_refine.pdbx_pd_proc_ls_prof_R_factor            ? 
_refine.pdbx_pd_proc_ls_prof_wR_factor           ? 
_refine.pdbx_pd_Marquardt_correlation_coeff      ? 
_refine.pdbx_pd_Fsqrd_R_factor                   ? 
_refine.pdbx_pd_ls_matrix_band_width             ? 
_refine.pdbx_overall_phase_error                 22.8459 
_refine.pdbx_overall_SU_R_free_Cruickshank_DPI   ? 
_refine.pdbx_overall_SU_R_free_Blow_DPI          ? 
_refine.pdbx_overall_SU_R_Blow_DPI               ? 
_refine.pdbx_TLS_residual_ADP_flag               ? 
_refine.pdbx_diffrn_id                           1 
_refine.overall_SU_B                             ? 
_refine.overall_SU_ML                            0.1911 
_refine.overall_SU_R_Cruickshank_DPI             ? 
_refine.overall_SU_R_free                        ? 
_refine.overall_FOM_free_R_set                   ? 
_refine.overall_FOM_work_R_set                   ? 
_refine.pdbx_average_fsc_overall                 ? 
_refine.pdbx_average_fsc_work                    ? 
_refine.pdbx_average_fsc_free                    ? 
# 
_refine_hist.pdbx_refine_id                   'X-RAY DIFFRACTION' 
_refine_hist.cycle_id                         LAST 
_refine_hist.details                          ? 
_refine_hist.d_res_high                       1.74 
_refine_hist.d_res_low                        24.58 
_refine_hist.number_atoms_solvent             34 
_refine_hist.number_atoms_total               826 
_refine_hist.number_reflns_all                ? 
_refine_hist.number_reflns_obs                ? 
_refine_hist.number_reflns_R_free             ? 
_refine_hist.number_reflns_R_work             ? 
_refine_hist.R_factor_all                     ? 
_refine_hist.R_factor_obs                     ? 
_refine_hist.R_factor_R_free                  ? 
_refine_hist.R_factor_R_work                  ? 
_refine_hist.pdbx_number_residues_total       ? 
_refine_hist.pdbx_B_iso_mean_ligand           ? 
_refine_hist.pdbx_B_iso_mean_solvent          ? 
_refine_hist.pdbx_number_atoms_protein        767 
_refine_hist.pdbx_number_atoms_nucleic_acid   0 
_refine_hist.pdbx_number_atoms_ligand         25 
_refine_hist.pdbx_number_atoms_lipid          ? 
_refine_hist.pdbx_number_atoms_carb           ? 
_refine_hist.pdbx_pseudo_atom_details         ? 
# 
loop_
_refine_ls_restr.pdbx_refine_id 
_refine_ls_restr.criterion 
_refine_ls_restr.dev_ideal 
_refine_ls_restr.dev_ideal_target 
_refine_ls_restr.number 
_refine_ls_restr.rejects 
_refine_ls_restr.type 
_refine_ls_restr.weight 
_refine_ls_restr.pdbx_restraint_function 
'X-RAY DIFFRACTION' ? 0.0170  ? 819  ? f_bond_d           ? ? 
'X-RAY DIFFRACTION' ? 1.3928  ? 1095 ? f_angle_d          ? ? 
'X-RAY DIFFRACTION' ? 0.0741  ? 104  ? f_chiral_restr     ? ? 
'X-RAY DIFFRACTION' ? 0.0091  ? 142  ? f_plane_restr      ? ? 
'X-RAY DIFFRACTION' ? 18.2778 ? 110  ? f_dihedral_angle_d ? ? 
# 
loop_
_refine_ls_shell.pdbx_refine_id 
_refine_ls_shell.d_res_high 
_refine_ls_shell.d_res_low 
_refine_ls_shell.number_reflns_all 
_refine_ls_shell.number_reflns_obs 
_refine_ls_shell.number_reflns_R_free 
_refine_ls_shell.number_reflns_R_work 
_refine_ls_shell.percent_reflns_obs 
_refine_ls_shell.percent_reflns_R_free 
_refine_ls_shell.R_factor_all 
_refine_ls_shell.R_factor_obs 
_refine_ls_shell.R_factor_R_free 
_refine_ls_shell.R_factor_R_free_error 
_refine_ls_shell.R_factor_R_work 
_refine_ls_shell.redundancy_reflns_all 
_refine_ls_shell.redundancy_reflns_obs 
_refine_ls_shell.wR_factor_all 
_refine_ls_shell.wR_factor_obs 
_refine_ls_shell.wR_factor_R_free 
_refine_ls_shell.wR_factor_R_work 
_refine_ls_shell.pdbx_R_complete 
_refine_ls_shell.pdbx_total_number_of_bins_used 
_refine_ls_shell.pdbx_phase_error 
_refine_ls_shell.pdbx_fsc_work 
_refine_ls_shell.pdbx_fsc_free 
'X-RAY DIFFRACTION' 1.74 1.88  . . 107 971  64.63  . . . 0.2377 . 0.1935 . . . . . . . . . . . 
'X-RAY DIFFRACTION' 1.88 2.07  . . 156 1370 93.73  . . . 0.2268 . 0.1760 . . . . . . . . . . . 
'X-RAY DIFFRACTION' 2.07 2.37  . . 166 1500 99.46  . . . 0.2413 . 0.1561 . . . . . . . . . . . 
'X-RAY DIFFRACTION' 2.37 2.98  . . 166 1493 100.00 . . . 0.1980 . 0.1695 . . . . . . . . . . . 
'X-RAY DIFFRACTION' 2.98 24.58 . . 174 1532 99.65  . . . 0.1896 . 0.1546 . . . . . . . . . . . 
# 
_struct.entry_id                     7TRL 
_struct.title                        'Crystal structure of human BIRC2 BIR3 domain in complex with histone H3' 
_struct.pdbx_model_details           ? 
_struct.pdbx_formula_weight          ? 
_struct.pdbx_formula_weight_method   ? 
_struct.pdbx_model_type_details      ? 
_struct.pdbx_CASP_flag               N 
# 
_struct_keywords.entry_id        7TRL 
_struct_keywords.text            'Nuclear protein, inhibitor, histone H3, DNA binding, APOPTOSIS' 
_struct_keywords.pdbx_keywords   APOPTOSIS 
# 
loop_
_struct_asym.id 
_struct_asym.pdbx_blank_PDB_chainid_flag 
_struct_asym.pdbx_modified 
_struct_asym.entity_id 
_struct_asym.details 
A N N 1 ? 
B N N 2 ? 
C N N 3 ? 
D N N 3 ? 
E N N 3 ? 
F N N 3 ? 
G N N 3 ? 
H N N 3 ? 
I N N 4 ? 
J N N 5 ? 
K N N 5 ? 
# 
loop_
_struct_conf.conf_type_id 
_struct_conf.id 
_struct_conf.pdbx_PDB_helix_id 
_struct_conf.beg_label_comp_id 
_struct_conf.beg_label_asym_id 
_struct_conf.beg_label_seq_id 
_struct_conf.pdbx_beg_PDB_ins_code 
_struct_conf.end_label_comp_id 
_struct_conf.end_label_asym_id 
_struct_conf.end_label_seq_id 
_struct_conf.pdbx_end_PDB_ins_code 
_struct_conf.beg_auth_comp_id 
_struct_conf.beg_auth_asym_id 
_struct_conf.beg_auth_seq_id 
_struct_conf.end_auth_comp_id 
_struct_conf.end_auth_asym_id 
_struct_conf.end_auth_seq_id 
_struct_conf.pdbx_PDB_helix_class 
_struct_conf.details 
_struct_conf.pdbx_PDB_helix_length 
HELX_P HELX_P1 AA1 ASN A 11 ? GLN A 15 ? ASN A 263 GLN A 267 5 ? 5  
HELX_P HELX_P2 AA2 THR A 16 ? THR A 23 ? THR A 268 THR A 275 1 ? 8  
HELX_P HELX_P3 AA3 PHE A 24 ? TRP A 27 ? PHE A 276 TRP A 279 5 ? 4  
HELX_P HELX_P4 AA4 GLN A 34 ? ALA A 41 ? GLN A 286 ALA A 293 1 ? 8  
HELX_P HELX_P5 AA5 ASP A 69 ? PHE A 78 ? ASP A 321 PHE A 330 1 ? 10 
HELX_P HELX_P6 AA6 CYS A 81 ? GLY A 89 ? CYS A 333 GLY A 341 1 ? 9  
HELX_P HELX_P7 AA7 GLN A 90 ? VAL A 93 ? GLN A 342 VAL A 345 5 ? 4  
# 
_struct_conf_type.id          HELX_P 
_struct_conf_type.criteria    ? 
_struct_conf_type.reference   ? 
# 
loop_
_struct_conn.id 
_struct_conn.conn_type_id 
_struct_conn.pdbx_leaving_atom_flag 
_struct_conn.pdbx_PDB_id 
_struct_conn.ptnr1_label_asym_id 
_struct_conn.ptnr1_label_comp_id 
_struct_conn.ptnr1_label_seq_id 
_struct_conn.ptnr1_label_atom_id 
_struct_conn.pdbx_ptnr1_label_alt_id 
_struct_conn.pdbx_ptnr1_PDB_ins_code 
_struct_conn.pdbx_ptnr1_standard_comp_id 
_struct_conn.ptnr1_symmetry 
_struct_conn.ptnr2_label_asym_id 
_struct_conn.ptnr2_label_comp_id 
_struct_conn.ptnr2_label_seq_id 
_struct_conn.ptnr2_label_atom_id 
_struct_conn.pdbx_ptnr2_label_alt_id 
_struct_conn.pdbx_ptnr2_PDB_ins_code 
_struct_conn.ptnr1_auth_asym_id 
_struct_conn.ptnr1_auth_comp_id 
_struct_conn.ptnr1_auth_seq_id 
_struct_conn.ptnr2_auth_asym_id 
_struct_conn.ptnr2_auth_comp_id 
_struct_conn.ptnr2_auth_seq_id 
_struct_conn.ptnr2_symmetry 
_struct_conn.pdbx_ptnr3_label_atom_id 
_struct_conn.pdbx_ptnr3_label_seq_id 
_struct_conn.pdbx_ptnr3_label_comp_id 
_struct_conn.pdbx_ptnr3_label_asym_id 
_struct_conn.pdbx_ptnr3_label_alt_id 
_struct_conn.pdbx_ptnr3_PDB_ins_code 
_struct_conn.details 
_struct_conn.pdbx_dist_value 
_struct_conn.pdbx_value_order 
_struct_conn.pdbx_role 
metalc1 metalc ? ? A CYS 54 SG  ? ? ? 1_555 I ZN . ZN ? ? A CYS 306 A ZN 407 1_555 ? ? ? ? ? ? ? 2.382 ? ? 
metalc2 metalc ? ? A CYS 57 SG  ? ? ? 1_555 I ZN . ZN ? ? A CYS 309 A ZN 407 1_555 ? ? ? ? ? ? ? 2.326 ? ? 
metalc3 metalc ? ? A HIS 74 NE2 ? ? ? 1_555 I ZN . ZN ? ? A HIS 326 A ZN 407 1_555 ? ? ? ? ? ? ? 2.044 ? ? 
metalc4 metalc ? ? A CYS 81 SG  ? ? ? 1_555 I ZN . ZN ? ? A CYS 333 A ZN 407 1_555 ? ? ? ? ? ? ? 2.352 ? ? 
# 
_struct_conn_type.id          metalc 
_struct_conn_type.criteria    ? 
_struct_conn_type.reference   ? 
# 
_struct_sheet.id               AA1 
_struct_sheet.type             ? 
_struct_sheet.number_strands   4 
_struct_sheet.details          ? 
# 
loop_
_struct_sheet_order.sheet_id 
_struct_sheet_order.range_id_1 
_struct_sheet_order.range_id_2 
_struct_sheet_order.offset 
_struct_sheet_order.sense 
AA1 1 2 ? anti-parallel 
AA1 2 3 ? anti-parallel 
AA1 3 4 ? anti-parallel 
# 
loop_
_struct_sheet_range.sheet_id 
_struct_sheet_range.id 
_struct_sheet_range.beg_label_comp_id 
_struct_sheet_range.beg_label_asym_id 
_struct_sheet_range.beg_label_seq_id 
_struct_sheet_range.pdbx_beg_PDB_ins_code 
_struct_sheet_range.end_label_comp_id 
_struct_sheet_range.end_label_asym_id 
_struct_sheet_range.end_label_seq_id 
_struct_sheet_range.pdbx_end_PDB_ins_code 
_struct_sheet_range.beg_auth_comp_id 
_struct_sheet_range.beg_auth_asym_id 
_struct_sheet_range.beg_auth_seq_id 
_struct_sheet_range.end_auth_comp_id 
_struct_sheet_range.end_auth_asym_id 
_struct_sheet_range.end_auth_seq_id 
AA1 1 PHE A 43 ? TYR A 45 ? PHE A 295 TYR A 297 
AA1 2 VAL A 52 ? CYS A 54 ? VAL A 304 CYS A 306 
AA1 3 GLY A 60 ? ARG A 62 ? GLY A 312 ARG A 314 
AA1 4 ARG B 2  ? THR B 3  ? ARG B 2   THR B 3   
# 
loop_
_pdbx_struct_sheet_hbond.sheet_id 
_pdbx_struct_sheet_hbond.range_id_1 
_pdbx_struct_sheet_hbond.range_id_2 
_pdbx_struct_sheet_hbond.range_1_label_atom_id 
_pdbx_struct_sheet_hbond.range_1_label_comp_id 
_pdbx_struct_sheet_hbond.range_1_label_asym_id 
_pdbx_struct_sheet_hbond.range_1_label_seq_id 
_pdbx_struct_sheet_hbond.range_1_PDB_ins_code 
_pdbx_struct_sheet_hbond.range_1_auth_atom_id 
_pdbx_struct_sheet_hbond.range_1_auth_comp_id 
_pdbx_struct_sheet_hbond.range_1_auth_asym_id 
_pdbx_struct_sheet_hbond.range_1_auth_seq_id 
_pdbx_struct_sheet_hbond.range_2_label_atom_id 
_pdbx_struct_sheet_hbond.range_2_label_comp_id 
_pdbx_struct_sheet_hbond.range_2_label_asym_id 
_pdbx_struct_sheet_hbond.range_2_label_seq_id 
_pdbx_struct_sheet_hbond.range_2_PDB_ins_code 
_pdbx_struct_sheet_hbond.range_2_auth_atom_id 
_pdbx_struct_sheet_hbond.range_2_auth_comp_id 
_pdbx_struct_sheet_hbond.range_2_auth_asym_id 
_pdbx_struct_sheet_hbond.range_2_auth_seq_id 
AA1 1 2 N TYR A 44 ? N TYR A 296 O LYS A 53 ? O LYS A 305 
AA1 2 3 N VAL A 52 ? N VAL A 304 O LEU A 61 ? O LEU A 313 
AA1 3 4 N ARG A 62 ? N ARG A 314 O ARG B 2  ? O ARG B 2   
# 
_atom_sites.entry_id                    7TRL 
_atom_sites.Cartn_transf_matrix[1][1]   ? 
_atom_sites.Cartn_transf_matrix[1][2]   ? 
_atom_sites.Cartn_transf_matrix[1][3]   ? 
_atom_sites.Cartn_transf_matrix[2][1]   ? 
_atom_sites.Cartn_transf_matrix[2][2]   ? 
_atom_sites.Cartn_transf_matrix[2][3]   ? 
_atom_sites.Cartn_transf_matrix[3][1]   ? 
_atom_sites.Cartn_transf_matrix[3][2]   ? 
_atom_sites.Cartn_transf_matrix[3][3]   ? 
_atom_sites.Cartn_transf_vector[1]      ? 
_atom_sites.Cartn_transf_vector[2]      ? 
_atom_sites.Cartn_transf_vector[3]      ? 
_atom_sites.fract_transf_matrix[1][1]   -0.01243298 
_atom_sites.fract_transf_matrix[1][2]   -0.01509997 
_atom_sites.fract_transf_matrix[1][3]   -0.02353945 
_atom_sites.fract_transf_matrix[2][1]   -0.01435077 
_atom_sites.fract_transf_matrix[2][2]   -0.01666782 
_atom_sites.fract_transf_matrix[2][3]   0.01827173 
_atom_sites.fract_transf_matrix[3][1]   -0.02426340 
_atom_sites.fract_transf_matrix[3][2]   0.01471021 
_atom_sites.fract_transf_matrix[3][3]   -0.00563775 
_atom_sites.fract_transf_vector[1]      0.288533 
_atom_sites.fract_transf_vector[2]      0.140520 
_atom_sites.fract_transf_vector[3]      0.193654 
_atom_sites.solution_primary            ? 
_atom_sites.solution_secondary          ? 
_atom_sites.solution_hydrogens          ? 
_atom_sites.special_details             ? 
# 
loop_
_atom_type.symbol 
_atom_type.scat_dispersion_real 
_atom_type.scat_dispersion_imag 
_atom_type.scat_Cromer_Mann_a1 
_atom_type.scat_Cromer_Mann_a2 
_atom_type.scat_Cromer_Mann_a3 
_atom_type.scat_Cromer_Mann_a4 
_atom_type.scat_Cromer_Mann_b1 
_atom_type.scat_Cromer_Mann_b2 
_atom_type.scat_Cromer_Mann_b3 
_atom_type.scat_Cromer_Mann_b4 
_atom_type.scat_Cromer_Mann_c 
_atom_type.scat_source 
_atom_type.scat_dispersion_source 
C  ? ? 3.54356  2.42580 ? ? 25.62398 1.50364  ? ? 0.0 
;2-Gaussian fit: Grosse-Kunstleve RW, Sauter NK, Adams PD: Newsletter of the IUCr Commission on Crystallographic Computing 2004, 3, 22-31.
;
? 
N  ? ? 4.01032  2.96436 ? ? 19.97189 1.75589  ? ? 0.0 
;2-Gaussian fit: Grosse-Kunstleve RW, Sauter NK, Adams PD: Newsletter of the IUCr Commission on Crystallographic Computing 2004, 3, 22-31.
;
? 
O  ? ? 4.49882  3.47563 ? ? 15.80542 1.70748  ? ? 0.0 
;2-Gaussian fit: Grosse-Kunstleve RW, Sauter NK, Adams PD: Newsletter of the IUCr Commission on Crystallographic Computing 2004, 3, 22-31.
;
? 
S  ? ? 9.55732  6.39887 ? ? 1.23737  29.19336 ? ? 0.0 
;2-Gaussian fit: Grosse-Kunstleve RW, Sauter NK, Adams PD: Newsletter of the IUCr Commission on Crystallographic Computing 2004, 3, 22-31.
;
? 
ZN ? ? 24.64596 5.25405 ? ? 2.14387  29.76375 ? ? 0.0 
;2-Gaussian fit: Grosse-Kunstleve RW, Sauter NK, Adams PD: Newsletter of the IUCr Commission on Crystallographic Computing 2004, 3, 22-31.
;
? 
# 
loop_
_atom_site.group_PDB 
_atom_site.id 
_atom_site.type_symbol 
_atom_site.label_atom_id 
_atom_site.label_alt_id 
_atom_site.label_comp_id 
_atom_site.label_asym_id 
_atom_site.label_entity_id 
_atom_site.label_seq_id 
_atom_site.pdbx_PDB_ins_code 
_atom_site.Cartn_x 
_atom_site.Cartn_y 
_atom_site.Cartn_z 
_atom_site.occupancy 
_atom_site.B_iso_or_equiv 
_atom_site.pdbx_formal_charge 
_atom_site.auth_seq_id 
_atom_site.auth_comp_id 
_atom_site.auth_asym_id 
_atom_site.auth_atom_id 
_atom_site.pdbx_PDB_model_num 
ATOM   1   N  N   . SER A 1 5  ? 8.08013   -8.84967  9.10063   1.000 40.38670 ? 257 SER A N   1 
ATOM   2   C  CA  . SER A 1 5  ? 7.70002   -9.44029  7.79778   1.000 33.52899 ? 257 SER A CA  1 
ATOM   3   C  C   . SER A 1 5  ? 6.67685   -10.54970 7.93679   1.000 31.31693 ? 257 SER A C   1 
ATOM   4   O  O   . SER A 1 5  ? 6.79874   -11.45242 8.76123   1.000 35.72884 ? 257 SER A O   1 
ATOM   5   C  CB  . SER A 1 5  ? 8.92405   -9.98377  7.04693   1.000 37.30385 ? 257 SER A CB  1 
ATOM   6   O  OG  . SER A 1 5  ? 8.75040   -9.89099  5.61499   1.000 39.95889 ? 257 SER A OG  1 
ATOM   7   N  N   . PRO A 1 6  ? 5.65307   -10.50306 7.10554   1.000 26.38147 ? 258 PRO A N   1 
ATOM   8   C  CA  . PRO A 1 6  ? 4.59303   -11.50792 7.19532   1.000 18.54593 ? 258 PRO A CA  1 
ATOM   9   C  C   . PRO A 1 6  ? 5.01936   -12.84289 6.59758   1.000 19.65916 ? 258 PRO A C   1 
ATOM   10  O  O   . PRO A 1 6  ? 5.89488   -12.93344 5.71941   1.000 24.96959 ? 258 PRO A O   1 
ATOM   11  C  CB  . PRO A 1 6  ? 3.44843   -10.88392 6.37575   1.000 21.15787 ? 258 PRO A CB  1 
ATOM   12  C  CG  . PRO A 1 6  ? 4.20958   -10.01728 5.33924   1.000 17.35566 ? 258 PRO A CG  1 
ATOM   13  C  CD  . PRO A 1 6  ? 5.40730   -9.47200  6.07427   1.000 21.77087 ? 258 PRO A CD  1 
ATOM   14  N  N   . GLU A 1 7  ? 4.37426   -13.88972 7.09752   1.000 24.34263 ? 259 GLU A N   1 
ATOM   15  C  CA  . GLU A 1 7  ? 4.55948   -15.21167 6.54457   1.000 26.27067 ? 259 GLU A CA  1 
ATOM   16  C  C   . GLU A 1 7  ? 4.23123   -15.19967 5.06195   1.000 23.29949 ? 259 GLU A C   1 
ATOM   17  O  O   . GLU A 1 7  ? 5.04763   -15.60274 4.22864   1.000 28.13587 ? 259 GLU A O   1 
ATOM   18  C  CB  . GLU A 1 7  ? 3.65671   -16.17988 7.30089   1.000 24.40945 ? 259 GLU A CB  1 
ATOM   19  C  CG  . GLU A 1 7  ? 4.32201   -17.07440 8.26590   1.000 37.93241 ? 259 GLU A CG  1 
ATOM   20  C  CD  . GLU A 1 7  ? 3.48306   -18.31495 8.45638   1.000 39.85868 ? 259 GLU A CD  1 
ATOM   21  O  OE1 . GLU A 1 7  ? 2.43970   -18.20315 9.12232   1.000 45.06722 ? 259 GLU A OE1 1 
ATOM   22  O  OE2 . GLU A 1 7  ? 3.82417   -19.37387 7.88623   1.000 39.41050 ? 259 GLU A OE2 1 
ATOM   23  N  N   . PHE A 1 8  ? 3.07466   -14.62910 4.70807   1.000 18.96042 ? 260 PHE A N   1 
ATOM   24  C  CA  . PHE A 1 8  ? 2.60044   -14.60284 3.32688   1.000 20.15912 ? 260 PHE A CA  1 
ATOM   25  C  C   . PHE A 1 8  ? 3.12835   -13.38376 2.56620   1.000 19.18180 ? 260 PHE A C   1 
ATOM   26  O  O   . PHE A 1 8  ? 3.07740   -12.24681 3.06719   1.000 21.92314 ? 260 PHE A O   1 
ATOM   27  C  CB  . PHE A 1 8  ? 1.07328   -14.61292 3.29411   1.000 19.92155 ? 260 PHE A CB  1 
ATOM   28  C  CG  . PHE A 1 8  ? 0.51263   -14.82741 1.91690   1.000 22.13392 ? 260 PHE A CG  1 
ATOM   29  C  CD1 . PHE A 1 8  ? 0.36833   -16.10353 1.41592   1.000 20.96226 ? 260 PHE A CD1 1 
ATOM   30  C  CD2 . PHE A 1 8  ? 0.19125   -13.75542 1.11118   1.000 21.14472 ? 260 PHE A CD2 1 
ATOM   31  C  CE1 . PHE A 1 8  ? -0.15807  -16.32122 0.16723   1.000 21.83835 ? 260 PHE A CE1 1 
ATOM   32  C  CE2 . PHE A 1 8  ? -0.32687  -13.94872 -0.15727  1.000 19.47095 ? 260 PHE A CE2 1 
ATOM   33  C  CZ  . PHE A 1 8  ? -0.49631  -15.23393 -0.63002  1.000 28.25556 ? 260 PHE A CZ  1 
ATOM   34  N  N   . ILE A 1 9  ? 3.64760   -13.61657 1.36341   1.000 17.96025 ? 261 ILE A N   1 
ATOM   35  C  CA  . ILE A 1 9  ? 4.21455   -12.53749 0.54477   1.000 20.01547 ? 261 ILE A CA  1 
ATOM   36  C  C   . ILE A 1 9  ? 3.80802   -12.73292 -0.92353  1.000 25.61601 ? 261 ILE A C   1 
ATOM   37  O  O   . ILE A 1 9  ? 4.02451   -13.81136 -1.49261  1.000 25.03788 ? 261 ILE A O   1 
ATOM   38  C  CB  . ILE A 1 9  ? 5.75292   -12.47336 0.69025   1.000 25.41664 ? 261 ILE A CB  1 
ATOM   39  C  CG1 . ILE A 1 9  ? 6.34200   -11.20495 0.08928   1.000 26.90426 ? 261 ILE A CG1 1 
ATOM   40  C  CG2 . ILE A 1 9  ? 6.46518   -13.69938 0.21685   1.000 27.76364 ? 261 ILE A CG2 1 
ATOM   41  C  CD1 . ILE A 1 9  ? 7.38828   -10.56193 1.04408   1.000 29.69937 ? 261 ILE A CD1 1 
ATOM   42  N  N   . SER A 1 10 ? 3.21019   -11.69773 -1.53733  1.000 18.52681 ? 262 SER A N   1 
ATOM   43  C  CA  . SER A 1 10 ? 2.88561   -11.76534 -2.96084  1.000 18.74402 ? 262 SER A CA  1 
ATOM   44  C  C   . SER A 1 10 ? 4.00345   -11.20667 -3.83424  1.000 22.78944 ? 262 SER A C   1 
ATOM   45  O  O   . SER A 1 10 ? 4.18470   -11.64930 -4.99575  1.000 21.54962 ? 262 SER A O   1 
ATOM   46  C  CB  . SER A 1 10 ? 1.57743   -11.02174 -3.28395  1.000 18.82408 ? 262 SER A CB  1 
ATOM   47  O  OG  . SER A 1 10 ? 0.45665   -11.56222 -2.61879  1.000 20.23897 ? 262 SER A OG  1 
ATOM   48  N  N   . ASN A 1 11 ? 4.77700   -10.26009 -3.31859  1.000 17.59892 ? 263 ASN A N   1 
ATOM   49  C  CA  . ASN A 1 11 ? 5.91370   -9.72825  -4.08044  1.000 16.77822 ? 263 ASN A CA  1 
ATOM   50  C  C   . ASN A 1 11 ? 7.13606   -9.68801  -3.18084  1.000 14.92705 ? 263 ASN A C   1 
ATOM   51  O  O   . ASN A 1 11 ? 7.35426   -8.70824  -2.47042  1.000 18.23607 ? 263 ASN A O   1 
ATOM   52  C  CB  . ASN A 1 11 ? 5.60594   -8.32501  -4.66305  1.000 20.01376 ? 263 ASN A CB  1 
ATOM   53  C  CG  . ASN A 1 11 ? 6.65196   -7.88086  -5.64633  1.000 21.00094 ? 263 ASN A CG  1 
ATOM   54  O  OD1 . ASN A 1 11 ? 7.81354   -8.18738  -5.47586  1.000 18.47159 ? 263 ASN A OD1 1 
ATOM   55  N  ND2 . ASN A 1 11 ? 6.23230   -7.16359  -6.71330  1.000 16.23724 ? 263 ASN A ND2 1 
ATOM   56  N  N   . LEU A 1 12 ? 7.95651   -10.73273 -3.24785  1.000 16.14254 ? 264 LEU A N   1 
ATOM   57  C  CA  . LEU A 1 12 ? 9.12210   -10.83281 -2.37347  1.000 19.34982 ? 264 LEU A CA  1 
ATOM   58  C  C   . LEU A 1 12 ? 10.11174  -9.71148  -2.65627  1.000 20.16256 ? 264 LEU A C   1 
ATOM   59  O  O   . LEU A 1 12 ? 10.78315  -9.22570  -1.73201  1.000 18.20879 ? 264 LEU A O   1 
ATOM   60  C  CB  . LEU A 1 12 ? 9.79098   -12.18713 -2.57288  1.000 20.85709 ? 264 LEU A CB  1 
ATOM   61  C  CG  . LEU A 1 12 ? 10.94750  -12.58708 -1.65910  1.000 20.88155 ? 264 LEU A CG  1 
ATOM   62  C  CD1 . LEU A 1 12 ? 10.56364  -12.59745 -0.21025  1.000 20.08058 ? 264 LEU A CD1 1 
ATOM   63  C  CD2 . LEU A 1 12 ? 11.49116  -13.95404 -2.11645  1.000 20.31308 ? 264 LEU A CD2 1 
ATOM   64  N  N   . SER A 1 13 ? 10.17482  -9.23505  -3.91155  1.000 17.31552 ? 265 SER A N   1 
ATOM   65  C  CA  . SER A 1 13 ? 11.12823  -8.16141  -4.20275  1.000 18.22078 ? 265 SER A CA  1 
ATOM   66  C  C   . SER A 1 13 ? 10.77142  -6.86261  -3.47288  1.000 19.28498 ? 265 SER A C   1 
ATOM   67  O  O   . SER A 1 13 ? 11.63458  -5.99040  -3.30616  1.000 17.36999 ? 265 SER A O   1 
ATOM   68  C  CB  . SER A 1 13 ? 11.20577  -7.88322  -5.71897  1.000 23.33730 ? 265 SER A CB  1 
ATOM   69  O  OG  . SER A 1 13 ? 11.59612  -9.06137  -6.39868  1.000 23.04536 ? 265 SER A OG  1 
ATOM   70  N  N   . MET A 1 14 ? 9.52670   -6.72875  -3.04299  1.000 15.96357 ? 266 MET A N   1 
ATOM   71  C  CA  . MET A 1 14 ? 9.03163   -5.54798  -2.35088  1.000 20.57749 ? 266 MET A CA  1 
ATOM   72  C  C   . MET A 1 14 ? 8.84366   -5.79689  -0.85025  1.000 20.12396 ? 266 MET A C   1 
ATOM   73  O  O   . MET A 1 14 ? 8.09355   -5.06355  -0.18654  1.000 16.41360 ? 266 MET A O   1 
ATOM   74  C  CB  . MET A 1 14 ? 7.70650   -5.10848  -2.99729  1.000 18.72165 ? 266 MET A CB  1 
ATOM   75  C  CG  . MET A 1 14 ? 7.82071   -4.74223  -4.44102  1.000 18.75319 ? 266 MET A CG  1 
ATOM   76  S  SD  . MET A 1 14 ? 8.79848   -3.22399  -4.58885  1.000 20.53438 ? 266 MET A SD  1 
ATOM   77  C  CE  . MET A 1 14 ? 9.86747   -3.64219  -5.98366  1.000 23.43079 ? 266 MET A CE  1 
ATOM   78  N  N   . GLN A 1 15 ? 9.51145   -6.82256  -0.29431  1.000 18.49730 ? 267 GLN A N   1 
ATOM   79  C  CA  . GLN A 1 15 ? 9.40787   -7.10433  1.12847   1.000 19.93205 ? 267 GLN A CA  1 
ATOM   80  C  C   . GLN A 1 15 ? 9.92540   -5.96069  2.02860   1.000 17.54263 ? 267 GLN A C   1 
ATOM   81  O  O   . GLN A 1 15 ? 9.39152   -5.78421  3.12350   1.000 17.85952 ? 267 GLN A O   1 
ATOM   82  C  CB  . GLN A 1 15 ? 10.14244  -8.41639  1.38667   1.000 21.63548 ? 267 GLN A CB  1 
ATOM   83  C  CG  . GLN A 1 15 ? 10.94729  -8.58574  2.64611   1.000 29.77173 ? 267 GLN A CG  1 
ATOM   84  C  CD  . GLN A 1 15 ? 11.49062  -10.03999 2.72845   1.000 28.01497 ? 267 GLN A CD  1 
ATOM   85  O  OE1 . GLN A 1 15 ? 12.45323  -10.40901 2.03372   1.000 34.82741 ? 267 GLN A OE1 1 
ATOM   86  N  NE2 . GLN A 1 15 ? 10.84695  -10.85931 3.51735   1.000 26.03322 ? 267 GLN A NE2 1 
ATOM   87  N  N   . THR A 1 16 ? 10.92790  -5.16500  1.58056   1.000 20.50765 ? 268 THR A N   1 
ATOM   88  C  CA  . THR A 1 16 ? 11.55333  -4.12123  2.39146   1.000 18.48579 ? 268 THR A CA  1 
ATOM   89  C  C   . THR A 1 16 ? 10.91798  -2.76153  2.12756   1.000 15.99235 ? 268 THR A C   1 
ATOM   90  O  O   . THR A 1 16 ? 10.50239  -2.44857  0.98981   1.000 15.18423 ? 268 THR A O   1 
ATOM   91  C  CB  . THR A 1 16 ? 13.08799  -4.03549  2.14126   1.000 19.93125 ? 268 THR A CB  1 
ATOM   92  O  OG1 . THR A 1 16 ? 13.35840  -3.64540  0.78293   1.000 17.19750 ? 268 THR A OG1 1 
ATOM   93  C  CG2 . THR A 1 16 ? 13.75510  -5.39614  2.43398   1.000 20.71876 ? 268 THR A CG2 1 
ATOM   94  N  N   . HIS A 1 17 ? 10.79152  -1.96288  3.19355   1.000 18.21648 ? 269 HIS A N   1 
ATOM   95  C  CA  . HIS A 1 17 ? 10.35228  -0.59201  3.01745   1.000 16.47911 ? 269 HIS A CA  1 
ATOM   96  C  C   . HIS A 1 17 ? 11.19697  0.12296   1.94167   1.000 16.25987 ? 269 HIS A C   1 
ATOM   97  O  O   . HIS A 1 17 ? 10.66033  0.88356   1.12331   1.000 15.68294 ? 269 HIS A O   1 
ATOM   98  C  CB  . HIS A 1 17 ? 10.43796  0.12774   4.35736   1.000 22.39528 ? 269 HIS A CB  1 
ATOM   99  C  CG  . HIS A 1 17 ? 9.90574   1.53056   4.34786   1.000 17.58296 ? 269 HIS A CG  1 
ATOM   100 N  ND1 . HIS A 1 17 ? 8.63909   1.84561   4.80411   1.000 17.92513 ? 269 HIS A ND1 1 
ATOM   101 C  CD2 . HIS A 1 17 ? 10.49338  2.70896   3.99939   1.000 18.87574 ? 269 HIS A CD2 1 
ATOM   102 C  CE1 . HIS A 1 17 ? 8.45590   3.14795   4.68892   1.000 22.48424 ? 269 HIS A CE1 1 
ATOM   103 N  NE2 . HIS A 1 17 ? 9.56644   3.69721   4.22171   1.000 17.67631 ? 269 HIS A NE2 1 
ATOM   104 N  N   . ALA A 1 18 ? 12.53354  -0.08690  1.95712   1.000 17.79307 ? 270 ALA A N   1 
ATOM   105 C  CA  . ALA A 1 18 ? 13.40889  0.60188   1.01228   1.000 15.82636 ? 270 ALA A CA  1 
ATOM   106 C  C   . ALA A 1 18 ? 13.07748  0.26492   -0.43912  1.000 18.03042 ? 270 ALA A C   1 
ATOM   107 O  O   . ALA A 1 18 ? 13.06240  1.14930   -1.29291  1.000 15.46939 ? 270 ALA A O   1 
ATOM   108 C  CB  . ALA A 1 18 ? 14.89607  0.27366   1.31326   1.000 15.78626 ? 270 ALA A CB  1 
ATOM   109 N  N   . ALA A 1 19 ? 12.82193  -1.01555  -0.75297  1.000 15.85996 ? 271 ALA A N   1 
ATOM   110 C  CA  . ALA A 1 19 ? 12.37801  -1.39397  -2.09326  1.000 21.92934 ? 271 ALA A CA  1 
ATOM   111 C  C   . ALA A 1 19 ? 11.05804  -0.71790  -2.47156  1.000 20.15798 ? 271 ALA A C   1 
ATOM   112 O  O   . ALA A 1 19 ? 10.90404  -0.22363  -3.58693  1.000 18.03707 ? 271 ALA A O   1 
ATOM   113 C  CB  . ALA A 1 19 ? 12.23828  -2.92039  -2.16433  1.000 14.03090 ? 271 ALA A CB  1 
ATOM   114 N  N   . ARG A 1 20 ? 10.08032  -0.69971  -1.56399  1.000 18.69199 ? 272 ARG A N   1 
ATOM   115 C  CA  . ARG A 1 20 ? 8.79301   -0.08465  -1.90956  1.000 13.82693 ? 272 ARG A CA  1 
ATOM   116 C  C   . ARG A 1 20 ? 8.95532   1.41572   -2.17271  1.000 18.05372 ? 272 ARG A C   1 
ATOM   117 O  O   . ARG A 1 20 ? 8.43243   1.94418   -3.16342  1.000 18.10293 ? 272 ARG A O   1 
ATOM   118 C  CB  . ARG A 1 20 ? 7.78045   -0.31403  -0.78021  1.000 18.95269 ? 272 ARG A CB  1 
ATOM   119 C  CG  . ARG A 1 20 ? 7.50058   -1.80118  -0.53393  1.000 16.52485 ? 272 ARG A CG  1 
ATOM   120 C  CD  . ARG A 1 20 ? 6.28216   -2.03153  0.33060   1.000 16.68468 ? 272 ARG A CD  1 
ATOM   121 N  NE  . ARG A 1 20 ? 6.41636   -1.56112  1.70089   1.000 13.83545 ? 272 ARG A NE  1 
ATOM   122 C  CZ  . ARG A 1 20 ? 7.03150   -2.28351  2.64641   1.000 17.20530 ? 272 ARG A CZ  1 
ATOM   123 N  NH1 . ARG A 1 20 ? 7.56889   -3.47992  2.31471   1.000 17.56318 ? 272 ARG A NH1 1 
ATOM   124 N  NH2 . ARG A 1 20 ? 7.09519   -1.84006  3.91651   1.000 16.11386 ? 272 ARG A NH2 1 
ATOM   125 N  N   . MET A 1 21 ? 9.73638   2.10720   -1.32483  1.000 19.06504 ? 273 MET A N   1 
ATOM   126 C  CA  . MET A 1 21 ? 9.99782   3.52965   -1.56183  1.000 16.83681 ? 273 MET A CA  1 
ATOM   127 C  C   . MET A 1 21 ? 10.68374  3.75495   -2.92035  1.000 17.01840 ? 273 MET A C   1 
ATOM   128 O  O   . MET A 1 21 ? 10.37967  4.72838   -3.63295  1.000 19.77194 ? 273 MET A O   1 
ATOM   129 C  CB  . MET A 1 21 ? 10.84299  4.08259   -0.40964  1.000 15.48278 ? 273 MET A CB  1 
ATOM   130 C  CG  . MET A 1 21 ? 10.08085  4.34400   0.87939   1.000 21.16775 ? 273 MET A CG  1 
ATOM   131 S  SD  . MET A 1 21 ? 8.77505   5.62762   0.62804   1.000 21.21665 ? 273 MET A SD  1 
ATOM   132 C  CE  . MET A 1 21 ? 9.73171   7.16812   0.51582   1.000 21.48239 ? 273 MET A CE  1 
ATOM   133 N  N   . ARG A 1 22 ? 11.57415  2.84188   -3.32227  1.000 14.56641 ? 274 ARG A N   1 
ATOM   134 C  CA  . ARG A 1 22 ? 12.27824  2.99691   -4.58422  1.000 19.04426 ? 274 ARG A CA  1 
ATOM   135 C  C   . ARG A 1 22 ? 11.31289  3.01871   -5.79282  1.000 18.60571 ? 274 ARG A C   1 
ATOM   136 O  O   . ARG A 1 22 ? 11.56407  3.75192   -6.76827  1.000 17.47946 ? 274 ARG A O   1 
ATOM   137 C  CB  . ARG A 1 22 ? 13.30678  1.88287   -4.73028  1.000 22.30812 ? 274 ARG A CB  1 
ATOM   138 C  CG  . ARG A 1 22 ? 14.17088  2.05121   -5.96539  1.000 32.10989 ? 274 ARG A CG  1 
ATOM   139 C  CD  . ARG A 1 22 ? 14.05180  0.85391   -6.87208  1.000 45.37787 ? 274 ARG A CD  1 
ATOM   140 N  NE  . ARG A 1 22 ? 14.64389  -0.33095  -6.24896  1.000 48.78981 ? 274 ARG A NE  1 
ATOM   141 C  CZ  . ARG A 1 22 ? 13.95566  -1.35763  -5.75231  1.000 44.13384 ? 274 ARG A CZ  1 
ATOM   142 N  NH1 . ARG A 1 22 ? 14.60977  -2.36138  -5.19265  1.000 35.25104 ? 274 ARG A NH1 1 
ATOM   143 N  NH2 . ARG A 1 22 ? 12.61703  -1.38971  -5.81839  1.000 37.17250 ? 274 ARG A NH2 1 
ATOM   144 N  N   . THR A 1 23 ? 10.18507  2.29116   -5.72057  1.000 16.11412 ? 275 THR A N   1 
ATOM   145 C  CA  . THR A 1 23 ? 9.22948   2.28648   -6.83650  1.000 14.05412 ? 275 THR A CA  1 
ATOM   146 C  C   . THR A 1 23 ? 8.55508   3.63260   -7.05680  1.000 17.15425 ? 275 THR A C   1 
ATOM   147 O  O   . THR A 1 23 ? 7.93362   3.85508   -8.12389  1.000 15.26684 ? 275 THR A O   1 
ATOM   148 C  CB  . THR A 1 23 ? 8.09999   1.24102   -6.65501  1.000 13.50010 ? 275 THR A CB  1 
ATOM   149 O  OG1 . THR A 1 23 ? 7.32263   1.56556   -5.49704  1.000 14.61307 ? 275 THR A OG1 1 
ATOM   150 C  CG2 . THR A 1 23 ? 8.68405   -0.24690  -6.55382  1.000 17.47727 ? 275 THR A CG2 1 
ATOM   151 N  N   . PHE A 1 24 ? 8.60899   4.50200   -6.06976  1.000 19.19349 ? 276 PHE A N   1 
ATOM   152 C  CA  . PHE A 1 24 ? 7.94607   5.78659   -6.13841  1.000 17.17393 ? 276 PHE A CA  1 
ATOM   153 C  C   . PHE A 1 24 ? 8.81011   6.81941   -6.81625  1.000 19.38664 ? 276 PHE A C   1 
ATOM   154 O  O   . PHE A 1 24 ? 8.47728   8.01410   -6.80565  1.000 18.72427 ? 276 PHE A O   1 
ATOM   155 C  CB  . PHE A 1 24 ? 7.53767   6.22293   -4.75679  1.000 21.83628 ? 276 PHE A CB  1 
ATOM   156 C  CG  . PHE A 1 24 ? 6.37083   5.43062   -4.23845  1.000 18.59704 ? 276 PHE A CG  1 
ATOM   157 C  CD1 . PHE A 1 24 ? 5.07890   5.70429   -4.71052  1.000 16.13623 ? 276 PHE A CD1 1 
ATOM   158 C  CD2 . PHE A 1 24 ? 6.54208   4.42682   -3.31216  1.000 18.04446 ? 276 PHE A CD2 1 
ATOM   159 C  CE1 . PHE A 1 24 ? 3.97844   4.95306   -4.23929  1.000 15.92726 ? 276 PHE A CE1 1 
ATOM   160 C  CE2 . PHE A 1 24 ? 5.44641   3.66294   -2.87233  1.000 17.85987 ? 276 PHE A CE2 1 
ATOM   161 C  CZ  . PHE A 1 24 ? 4.16446   3.93406   -3.34008  1.000 17.55439 ? 276 PHE A CZ  1 
ATOM   162 N  N   . MET A 1 25 ? 9.89839   6.37319   -7.43197  1.000 20.34456 ? 277 MET A N   1 
ATOM   163 C  CA  . MET A 1 25 ? 10.79951  7.31892   -8.09849  1.000 20.60568 ? 277 MET A CA  1 
ATOM   164 C  C   . MET A 1 25 ? 10.08237  8.18524   -9.11914  1.000 20.28748 ? 277 MET A C   1 
ATOM   165 O  O   . MET A 1 25 ? 10.39324  9.38684   -9.26012  1.000 20.67419 ? 277 MET A O   1 
ATOM   166 C  CB  . MET A 1 25 ? 11.94947  6.56290   -8.76139  1.000 25.76530 ? 277 MET A CB  1 
ATOM   167 C  CG  . MET A 1 25 ? 13.00689  7.55917   -9.14023  1.000 35.50449 ? 277 MET A CG  1 
ATOM   168 S  SD  . MET A 1 25 ? 14.53674  6.97318   -9.86176  1.000 42.84830 ? 277 MET A SD  1 
ATOM   169 C  CE  . MET A 1 25 ? 14.14424  5.43201   -10.63456 1.000 32.12185 ? 277 MET A CE  1 
ATOM   170 N  N   . TYR A 1 26 ? 9.15448   7.58364   -9.88730  1.000 23.09942 ? 278 TYR A N   1 
ATOM   171 C  CA  . TYR A 1 26 ? 8.42994   8.29201   -10.93134 1.000 23.34203 ? 278 TYR A CA  1 
ATOM   172 C  C   . TYR A 1 26 ? 6.96871   8.49919   -10.55061 1.000 18.92881 ? 278 TYR A C   1 
ATOM   173 O  O   . TYR A 1 26 ? 6.12403   8.71007   -11.41131 1.000 22.04055 ? 278 TYR A O   1 
ATOM   174 C  CB  . TYR A 1 26 ? 8.59293   7.56425   -12.27109 1.000 23.14290 ? 278 TYR A CB  1 
ATOM   175 C  CG  . TYR A 1 26 ? 10.06036  7.50248   -12.69607 1.000 22.53792 ? 278 TYR A CG  1 
ATOM   176 C  CD1 . TYR A 1 26 ? 10.73164  8.63886   -13.18935 1.000 19.27876 ? 278 TYR A CD1 1 
ATOM   177 C  CD2 . TYR A 1 26 ? 10.78447  6.33206   -12.57512 1.000 28.25674 ? 278 TYR A CD2 1 
ATOM   178 C  CE1 . TYR A 1 26 ? 12.10672  8.57424   -13.56489 1.000 22.45157 ? 278 TYR A CE1 1 
ATOM   179 C  CE2 . TYR A 1 26 ? 12.11574  6.26553   -12.95454 1.000 32.58339 ? 278 TYR A CE2 1 
ATOM   180 C  CZ  . TYR A 1 26 ? 12.78594  7.38458   -13.44368 1.000 32.80160 ? 278 TYR A CZ  1 
ATOM   181 O  OH  . TYR A 1 26 ? 14.14218  7.29430   -13.79814 1.000 27.44013 ? 278 TYR A OH  1 
ATOM   182 N  N   . TRP A 1 27 ? 6.67618   8.49162   -9.26614  1.000 16.66839 ? 279 TRP A N   1 
ATOM   183 C  CA  . TRP A 1 27 ? 5.32120   8.76207   -8.78775  1.000 24.82524 ? 279 TRP A CA  1 
ATOM   184 C  C   . TRP A 1 27 ? 4.91050   10.18678  -9.15556  1.000 21.25226 ? 279 TRP A C   1 
ATOM   185 O  O   . TRP A 1 27 ? 5.61763   11.12354  -8.82249  1.000 20.93234 ? 279 TRP A O   1 
ATOM   186 C  CB  . TRP A 1 27 ? 5.30220   8.57757   -7.27523  1.000 18.87413 ? 279 TRP A CB  1 
ATOM   187 C  CG  . TRP A 1 27 ? 3.99180   8.82037   -6.53461  1.000 20.24176 ? 279 TRP A CG  1 
ATOM   188 C  CD1 . TRP A 1 27 ? 3.72696   9.83747   -5.66428  1.000 19.58791 ? 279 TRP A CD1 1 
ATOM   189 C  CD2 . TRP A 1 27 ? 2.83688   7.96714   -6.53111  1.000 17.15270 ? 279 TRP A CD2 1 
ATOM   190 N  NE1 . TRP A 1 27 ? 2.45538   9.67009   -5.12643  1.000 20.49979 ? 279 TRP A NE1 1 
ATOM   191 C  CE2 . TRP A 1 27 ? 1.88400   8.55237   -5.66606  1.000 19.35134 ? 279 TRP A CE2 1 
ATOM   192 C  CE3 . TRP A 1 27 ? 2.50613   6.76920   -7.19213  1.000 14.79976 ? 279 TRP A CE3 1 
ATOM   193 C  CZ2 . TRP A 1 27 ? 0.64888   7.96345   -5.40673  1.000 17.98324 ? 279 TRP A CZ2 1 
ATOM   194 C  CZ3 . TRP A 1 27 ? 1.23999   6.19131   -6.94855  1.000 14.02218 ? 279 TRP A CZ3 1 
ATOM   195 C  CH2 . TRP A 1 27 ? 0.33206   6.80964   -6.07506  1.000 17.80238 ? 279 TRP A CH2 1 
ATOM   196 N  N   . PRO A 1 28 ? 3.76925   10.39891  -9.79749  1.000 19.94083 ? 280 PRO A N   1 
ATOM   197 C  CA  . PRO A 1 28 ? 3.40108   11.78532  -10.16101 1.000 21.67242 ? 280 PRO A CA  1 
ATOM   198 C  C   . PRO A 1 28 ? 3.21837   12.66239  -8.91655  1.000 19.86967 ? 280 PRO A C   1 
ATOM   199 O  O   . PRO A 1 28 ? 2.42380   12.36193  -8.02113  1.000 22.34614 ? 280 PRO A O   1 
ATOM   200 C  CB  . PRO A 1 28 ? 2.07650   11.62156  -10.93975 1.000 25.88416 ? 280 PRO A CB  1 
ATOM   201 C  CG  . PRO A 1 28 ? 1.98370   10.17567  -11.29623 1.000 23.76552 ? 280 PRO A CG  1 
ATOM   202 C  CD  . PRO A 1 28 ? 2.79625   9.38800   -10.26317 1.000 19.28866 ? 280 PRO A CD  1 
ATOM   203 N  N   . SER A 1 29 ? 3.92766   13.78529  -8.87672  1.000 22.11323 ? 281 SER A N   1 
ATOM   204 C  CA  . SER A 1 29 ? 3.84610   14.53731  -7.63149  1.000 21.75585 ? 281 SER A CA  1 
ATOM   205 C  C   . SER A 1 29 ? 2.53659   15.32459  -7.52880  1.000 26.57879 ? 281 SER A C   1 
ATOM   206 O  O   . SER A 1 29 ? 2.25293   15.91967  -6.49252  1.000 27.41005 ? 281 SER A O   1 
ATOM   207 C  CB  . SER A 1 29 ? 5.11315   15.39686  -7.51870  1.000 31.72857 ? 281 SER A CB  1 
ATOM   208 O  OG  . SER A 1 29 ? 4.93011   16.54220  -6.71881  1.000 37.19292 ? 281 SER A OG  1 
ATOM   209 N  N   . SER A 1 30 ? 1.70673   15.31187  -8.56026  1.000 21.19547 ? 282 SER A N   1 
ATOM   210 C  CA  . SER A 1 30 ? 0.37469   15.87335  -8.43029  1.000 26.44850 ? 282 SER A CA  1 
ATOM   211 C  C   . SER A 1 30 ? -0.59551  14.98265  -7.66474  1.000 24.40264 ? 282 SER A C   1 
ATOM   212 O  O   . SER A 1 30 ? -1.69698  15.44924  -7.33797  1.000 27.28456 ? 282 SER A O   1 
ATOM   213 C  CB  . SER A 1 30 ? -0.20957  16.10978  -9.80028  1.000 21.83878 ? 282 SER A CB  1 
ATOM   214 O  OG  . SER A 1 30 ? -0.02887  14.90753  -10.54717 1.000 23.73970 ? 282 SER A OG  1 
ATOM   215 N  N   . VAL A 1 31 ? -0.26990  13.70572  -7.44933  1.000 20.60552 ? 283 VAL A N   1 
ATOM   216 C  CA  . VAL A 1 31 ? -1.16369  12.83689  -6.66371  1.000 20.08708 ? 283 VAL A CA  1 
ATOM   217 C  C   . VAL A 1 31 ? -1.06981  13.23737  -5.19826  1.000 21.17261 ? 283 VAL A C   1 
ATOM   218 O  O   . VAL A 1 31 ? 0.04534   13.35827  -4.65521  1.000 24.66981 ? 283 VAL A O   1 
ATOM   219 C  CB  . VAL A 1 31 ? -0.79258  11.35656  -6.86166  1.000 23.30627 ? 283 VAL A CB  1 
ATOM   220 C  CG1 . VAL A 1 31 ? -1.67855  10.45360  -5.98581  1.000 21.42038 ? 283 VAL A CG1 1 
ATOM   221 C  CG2 . VAL A 1 31 ? -0.87009  10.94204  -8.37788  1.000 22.93720 ? 283 VAL A CG2 1 
ATOM   222 N  N   . PRO A 1 32 ? -2.17126  13.45627  -4.53477  1.000 25.54486 ? 284 PRO A N   1 
ATOM   223 C  CA  . PRO A 1 32 ? -2.11600  14.10757  -3.22357  1.000 25.12597 ? 284 PRO A CA  1 
ATOM   224 C  C   . PRO A 1 32 ? -1.82082  13.16718  -2.05167  1.000 28.67389 ? 284 PRO A C   1 
ATOM   225 O  O   . PRO A 1 32 ? -2.16786  13.48301  -0.91017  1.000 36.38270 ? 284 PRO A O   1 
ATOM   226 C  CB  . PRO A 1 32 ? -3.51947  14.72851  -3.09515  1.000 30.68238 ? 284 PRO A CB  1 
ATOM   227 C  CG  . PRO A 1 32 ? -4.41350  13.89597  -3.93632  1.000 29.61923 ? 284 PRO A CG  1 
ATOM   228 C  CD  . PRO A 1 32 ? -3.55285  13.33814  -5.06037  1.000 28.36909 ? 284 PRO A CD  1 
ATOM   229 N  N   . VAL A 1 33 ? -1.24266  11.99751  -2.29901  1.000 24.23284 ? 285 VAL A N   1 
ATOM   230 C  CA  . VAL A 1 33 ? -0.84597  11.08116  -1.22920  1.000 23.05969 ? 285 VAL A CA  1 
ATOM   231 C  C   . VAL A 1 33 ? 0.64976   10.87312  -1.38945  1.000 24.29319 ? 285 VAL A C   1 
ATOM   232 O  O   . VAL A 1 33 ? 1.11574   10.66146  -2.51492  1.000 24.62611 ? 285 VAL A O   1 
ATOM   233 C  CB  . VAL A 1 33 ? -1.61298  9.74368   -1.27938  1.000 24.17103 ? 285 VAL A CB  1 
ATOM   234 C  CG1 . VAL A 1 33 ? -1.07985  8.78541   -0.22803  1.000 22.13920 ? 285 VAL A CG1 1 
ATOM   235 C  CG2 . VAL A 1 33 ? -3.08373  9.94249   -1.00438  1.000 20.71360 ? 285 VAL A CG2 1 
ATOM   236 N  N   . GLN A 1 34 ? 1.41265   10.96416  -0.25349  1.000 20.83543 ? 286 GLN A N   1 
ATOM   237 C  CA  . GLN A 1 34 ? 2.89000   10.93658  -0.26411  1.000 26.81978 ? 286 GLN A CA  1 
ATOM   238 C  C   . GLN A 1 34 ? 3.42456   9.50594   -0.36509  1.000 22.01903 ? 286 GLN A C   1 
ATOM   239 O  O   . GLN A 1 34 ? 2.91731   8.59627   0.30031   1.000 21.76584 ? 286 GLN A O   1 
ATOM   240 C  CB  . GLN A 1 34 ? 3.46948   11.58977  1.00337   1.000 35.13571 ? 286 GLN A CB  1 
ATOM   241 C  CG  . GLN A 1 34 ? 3.07224   13.05533  1.20157   1.000 36.06804 ? 286 GLN A CG  1 
ATOM   242 C  CD  . GLN A 1 34 ? 3.84432   13.98139  0.30411   1.000 46.18507 ? 286 GLN A CD  1 
ATOM   243 O  OE1 . GLN A 1 34 ? 4.00355   13.71353  -0.89587  1.000 54.07866 ? 286 GLN A OE1 1 
ATOM   244 N  NE2 . GLN A 1 34 ? 4.29598   15.10105  0.85496   1.000 55.55329 ? 286 GLN A NE2 1 
ATOM   245 N  N   . PRO A 1 35 ? 4.51195   9.30022   -1.10243  1.000 21.60862 ? 287 PRO A N   1 
ATOM   246 C  CA  . PRO A 1 35 ? 5.04043   7.93682   -1.22601  1.000 22.57158 ? 287 PRO A CA  1 
ATOM   247 C  C   . PRO A 1 35 ? 5.29051   7.25820   0.10233   1.000 23.77832 ? 287 PRO A C   1 
ATOM   248 O  O   . PRO A 1 35 ? 5.02927   6.04799   0.21111   1.000 19.63336 ? 287 PRO A O   1 
ATOM   249 C  CB  . PRO A 1 35 ? 6.34471   8.13735   -2.02285  1.000 25.49632 ? 287 PRO A CB  1 
ATOM   250 C  CG  . PRO A 1 35 ? 5.98612   9.29470   -2.91507  1.000 21.20423 ? 287 PRO A CG  1 
ATOM   251 C  CD  . PRO A 1 35 ? 5.14240   10.22195  -2.06150  1.000 22.73993 ? 287 PRO A CD  1 
ATOM   252 N  N   A GLU A 1 36 ? 5.79209   7.98847   1.11034   0.532 22.87655 ? 288 GLU A N   1 
ATOM   253 N  N   B GLU A 1 36 ? 5.78819   7.98399   1.10257   0.468 22.87838 ? 288 GLU A N   1 
ATOM   254 C  CA  A GLU A 1 36 ? 6.11308   7.36317   2.39685   0.532 24.12620 ? 288 GLU A CA  1 
ATOM   255 C  CA  B GLU A 1 36 ? 6.09960   7.35156   2.38128   0.468 24.10856 ? 288 GLU A CA  1 
ATOM   256 C  C   A GLU A 1 36 ? 4.86911   6.84218   3.11068   0.532 23.70292 ? 288 GLU A C   1 
ATOM   257 C  C   B GLU A 1 36 ? 4.85049   6.80040   3.05759   0.468 23.67604 ? 288 GLU A C   1 
ATOM   258 O  O   A GLU A 1 36 ? 4.95198   5.84371   3.83514   0.532 20.33657 ? 288 GLU A O   1 
ATOM   259 O  O   B GLU A 1 36 ? 4.90523   5.75189   3.71250   0.468 20.33495 ? 288 GLU A O   1 
ATOM   260 C  CB  A GLU A 1 36 ? 6.88122   8.33066   3.32301   0.532 26.78911 ? 288 GLU A CB  1 
ATOM   261 C  CB  B GLU A 1 36 ? 6.80555   8.34087   3.30596   0.468 26.77317 ? 288 GLU A CB  1 
ATOM   262 C  CG  A GLU A 1 36 ? 6.53895   9.82920   3.22749   0.532 24.91534 ? 288 GLU A CG  1 
ATOM   263 C  CG  B GLU A 1 36 ? 7.27512   7.70699   4.59305   0.468 25.65757 ? 288 GLU A CG  1 
ATOM   264 C  CD  A GLU A 1 36 ? 7.40193   10.55300  2.19541   0.532 28.77304 ? 288 GLU A CD  1 
ATOM   265 C  CD  B GLU A 1 36 ? 6.32295   7.93337   5.72808   0.468 26.88355 ? 288 GLU A CD  1 
ATOM   266 O  OE1 A GLU A 1 36 ? 7.16055   10.35798  0.97620   0.532 22.53634 ? 288 GLU A OE1 1 
ATOM   267 O  OE1 B GLU A 1 36 ? 5.83841   9.07517   5.88199   0.468 32.27079 ? 288 GLU A OE1 1 
ATOM   268 O  OE2 A GLU A 1 36 ? 8.32071   11.30759  2.60265   0.532 30.83281 ? 288 GLU A OE2 1 
ATOM   269 O  OE2 B GLU A 1 36 ? 6.05973   6.97355   6.46705   0.468 27.93133 ? 288 GLU A OE2 1 
ATOM   270 N  N   . GLN A 1 37 ? 3.72490   7.50574   2.93130   1.000 19.49856 ? 289 GLN A N   1 
ATOM   271 C  CA  . GLN A 1 37 ? 2.48267   7.00980   3.50163   1.000 21.63086 ? 289 GLN A CA  1 
ATOM   272 C  C   . GLN A 1 37 ? 2.10830   5.67717   2.86158   1.000 22.61039 ? 289 GLN A C   1 
ATOM   273 O  O   . GLN A 1 37 ? 1.71236   4.73457   3.56540   1.000 22.14752 ? 289 GLN A O   1 
ATOM   274 C  CB  . GLN A 1 37 ? 1.34716   8.02434   3.30612   1.000 26.70303 ? 289 GLN A CB  1 
ATOM   275 C  CG  . GLN A 1 37 ? 1.53097   9.41394   3.94022   1.000 31.65384 ? 289 GLN A CG  1 
ATOM   276 C  CD  . GLN A 1 37 ? 0.41760   10.37038  3.48645   1.000 33.73676 ? 289 GLN A CD  1 
ATOM   277 O  OE1 . GLN A 1 37 ? 0.49189   11.00202  2.40229   1.000 31.53792 ? 289 GLN A OE1 1 
ATOM   278 N  NE2 . GLN A 1 37 ? -0.63977  10.45507  4.29125   1.000 39.13413 ? 289 GLN A NE2 1 
ATOM   279 N  N   . LEU A 1 38 ? 2.25130   5.58298   1.52260   1.000 15.44731 ? 290 LEU A N   1 
ATOM   280 C  CA  . LEU A 1 38 ? 1.89453   4.35634   0.81741   1.000 21.89375 ? 290 LEU A CA  1 
ATOM   281 C  C   . LEU A 1 38 ? 2.85260   3.23444   1.18519   1.000 19.70744 ? 290 LEU A C   1 
ATOM   282 O  O   . LEU A 1 38 ? 2.41421   2.12824   1.54277   1.000 17.24556 ? 290 LEU A O   1 
ATOM   283 C  CB  . LEU A 1 38 ? 1.87216   4.60333   -0.69526  1.000 17.85047 ? 290 LEU A CB  1 
ATOM   284 C  CG  . LEU A 1 38 ? 0.72609   5.56775   -1.05961  1.000 15.25513 ? 290 LEU A CG  1 
ATOM   285 C  CD1 . LEU A 1 38 ? 1.02728   6.28521   -2.40413  1.000 17.95548 ? 290 LEU A CD1 1 
ATOM   286 C  CD2 . LEU A 1 38 ? -0.61457  4.87069   -1.15271  1.000 15.90904 ? 290 LEU A CD2 1 
ATOM   287 N  N   . ALA A 1 39 ? 4.17220   3.50524   1.12933   1.000 15.90510 ? 291 ALA A N   1 
ATOM   288 C  CA  . ALA A 1 39 ? 5.14695   2.43744   1.34251   1.000 17.57973 ? 291 ALA A CA  1 
ATOM   289 C  C   . ALA A 1 39 ? 5.06460   1.88633   2.76454   1.000 19.42936 ? 291 ALA A C   1 
ATOM   290 O  O   . ALA A 1 39 ? 5.16685   0.66372   2.97945   1.000 14.01111 ? 291 ALA A O   1 
ATOM   291 C  CB  . ALA A 1 39 ? 6.56831   2.94841   1.02592   1.000 16.46761 ? 291 ALA A CB  1 
ATOM   292 N  N   . SER A 1 40 ? 4.87082   2.77842   3.74476   1.000 15.47013 ? 292 SER A N   1 
ATOM   293 C  CA  . SER A 1 40 ? 4.71790   2.37633   5.14734   1.000 21.34125 ? 292 SER A CA  1 
ATOM   294 C  C   . SER A 1 40 ? 3.53602   1.44342   5.34510   1.000 20.12942 ? 292 SER A C   1 
ATOM   295 O  O   . SER A 1 40 ? 3.59057   0.53697   6.19565   1.000 19.62992 ? 292 SER A O   1 
ATOM   296 C  CB  . SER A 1 40 ? 4.54087   3.61151   6.04339   1.000 23.48805 ? 292 SER A CB  1 
ATOM   297 O  OG  . SER A 1 40 ? 5.79043   4.31954   6.14618   1.000 21.88087 ? 292 SER A OG  1 
ATOM   298 N  N   . ALA A 1 41 ? 2.44201   1.66882   4.59712   1.000 15.79225 ? 293 ALA A N   1 
ATOM   299 C  CA  . ALA A 1 41 ? 1.26314   0.84287   4.64876   1.000 17.28923 ? 293 ALA A CA  1 
ATOM   300 C  C   . ALA A 1 41 ? 1.34254   -0.40630  3.74682   1.000 12.96880 ? 293 ALA A C   1 
ATOM   301 O  O   . ALA A 1 41 ? 0.28485   -1.01414  3.48905   1.000 16.65787 ? 293 ALA A O   1 
ATOM   302 C  CB  . ALA A 1 41 ? 0.01668   1.63843   4.26295   1.000 16.84465 ? 293 ALA A CB  1 
ATOM   303 N  N   . GLY A 1 42 ? 2.53880   -0.77964  3.26650   1.000 15.43540 ? 294 GLY A N   1 
ATOM   304 C  CA  . GLY A 1 42 ? 2.75526   -1.98840  2.47885   1.000 14.65840 ? 294 GLY A CA  1 
ATOM   305 C  C   . GLY A 1 42 ? 2.66639   -1.79587  0.95873   1.000 16.57221 ? 294 GLY A C   1 
ATOM   306 O  O   . GLY A 1 42 ? 2.89864   -2.76754  0.19090   1.000 14.58206 ? 294 GLY A O   1 
ATOM   307 N  N   . PHE A 1 43 ? 2.34368   -0.60157  0.48816   1.000 13.83087 ? 295 PHE A N   1 
ATOM   308 C  CA  . PHE A 1 43 ? 2.09079   -0.39350  -0.93270  1.000 16.44484 ? 295 PHE A CA  1 
ATOM   309 C  C   . PHE A 1 43 ? 3.36401   -0.00488  -1.69197  1.000 12.86264 ? 295 PHE A C   1 
ATOM   310 O  O   . PHE A 1 43 ? 4.23927   0.68060   -1.14992  1.000 14.83837 ? 295 PHE A O   1 
ATOM   311 C  CB  . PHE A 1 43 ? 1.01050   0.66052   -1.12089  1.000 13.92819 ? 295 PHE A CB  1 
ATOM   312 C  CG  . PHE A 1 43 ? -0.33875  0.22422   -0.60491  1.000 13.56893 ? 295 PHE A CG  1 
ATOM   313 C  CD1 . PHE A 1 43 ? -1.03067  -0.83194  -1.21961  1.000 14.91538 ? 295 PHE A CD1 1 
ATOM   314 C  CD2 . PHE A 1 43 ? -0.92167  0.90013   0.45826   1.000 15.28040 ? 295 PHE A CD2 1 
ATOM   315 C  CE1 . PHE A 1 43 ? -2.34381  -1.26983  -0.74628  1.000 13.68779 ? 295 PHE A CE1 1 
ATOM   316 C  CE2 . PHE A 1 43 ? -2.21175  0.52121   0.93002   1.000 13.99496 ? 295 PHE A CE2 1 
ATOM   317 C  CZ  . PHE A 1 43 ? -2.92832  -0.58524  0.31188   1.000 12.63915 ? 295 PHE A CZ  1 
ATOM   318 N  N   . TYR A 1 44 ? 3.45326   -0.46709  -2.96767  1.000 15.63277 ? 296 TYR A N   1 
ATOM   319 C  CA  . TYR A 1 44 ? 4.46963   -0.02440  -3.93707  1.000 11.65988 ? 296 TYR A CA  1 
ATOM   320 C  C   . TYR A 1 44 ? 3.81533   0.37837   -5.26385  1.000 15.67749 ? 296 TYR A C   1 
ATOM   321 O  O   . TYR A 1 44 ? 2.73847   -0.09494  -5.61592  1.000 12.73778 ? 296 TYR A O   1 
ATOM   322 C  CB  . TYR A 1 44 ? 5.54274   -1.11673  -4.16228  1.000 14.71143 ? 296 TYR A CB  1 
ATOM   323 C  CG  . TYR A 1 44 ? 4.96677   -2.40594  -4.70314  1.000 12.98989 ? 296 TYR A CG  1 
ATOM   324 C  CD1 . TYR A 1 44 ? 4.41401   -3.34976  -3.84098  1.000 12.41996 ? 296 TYR A CD1 1 
ATOM   325 C  CD2 . TYR A 1 44 ? 4.97966   -2.66675  -6.09019  1.000 15.13876 ? 296 TYR A CD2 1 
ATOM   326 C  CE1 . TYR A 1 44 ? 3.86462   -4.55302  -4.34885  1.000 13.53910 ? 296 TYR A CE1 1 
ATOM   327 C  CE2 . TYR A 1 44 ? 4.45314   -3.82594  -6.62994  1.000 16.36721 ? 296 TYR A CE2 1 
ATOM   328 C  CZ  . TYR A 1 44 ? 3.90064   -4.79567  -5.76048  1.000 14.26193 ? 296 TYR A CZ  1 
ATOM   329 O  OH  . TYR A 1 44 ? 3.36453   -5.94976  -6.28508  1.000 15.08808 ? 296 TYR A OH  1 
ATOM   330 N  N   . TYR A 1 45 ? 4.48800   1.25436   -6.01280  1.000 15.56743 ? 297 TYR A N   1 
ATOM   331 C  CA  . TYR A 1 45 ? 3.95353   1.79701   -7.26448  1.000 16.04223 ? 297 TYR A CA  1 
ATOM   332 C  C   . TYR A 1 45 ? 4.19751   0.79107   -8.39417  1.000 15.51230 ? 297 TYR A C   1 
ATOM   333 O  O   . TYR A 1 45 ? 5.29631   0.25091   -8.52261  1.000 17.59197 ? 297 TYR A O   1 
ATOM   334 C  CB  . TYR A 1 45 ? 4.63660   3.15295   -7.54105  1.000 15.34007 ? 297 TYR A CB  1 
ATOM   335 C  CG  . TYR A 1 45 ? 4.14623   3.93375   -8.77716  1.000 12.70666 ? 297 TYR A CG  1 
ATOM   336 C  CD1 . TYR A 1 45 ? 2.78675   3.92412   -9.14513  1.000 13.11989 ? 297 TYR A CD1 1 
ATOM   337 C  CD2 . TYR A 1 45 ? 5.05244   4.64005   -9.57208  1.000 15.15780 ? 297 TYR A CD2 1 
ATOM   338 C  CE1 . TYR A 1 45 ? 2.35139   4.60902   -10.22951 1.000 16.27544 ? 297 TYR A CE1 1 
ATOM   339 C  CE2 . TYR A 1 45 ? 4.61286   5.35050   -10.73530 1.000 17.86855 ? 297 TYR A CE2 1 
ATOM   340 C  CZ  . TYR A 1 45 ? 3.24957   5.32851   -11.04418 1.000 17.57360 ? 297 TYR A CZ  1 
ATOM   341 O  OH  . TYR A 1 45 ? 2.75562   6.03550   -12.15765 1.000 16.21611 ? 297 TYR A OH  1 
ATOM   342 N  N   . VAL A 1 46 ? 3.15834   0.47297   -9.17333  1.000 14.23089 ? 298 VAL A N   1 
ATOM   343 C  CA  . VAL A 1 46 ? 3.36233   -0.46576  -10.27456 1.000 15.99374 ? 298 VAL A CA  1 
ATOM   344 C  C   . VAL A 1 46 ? 3.73340   0.25541   -11.57132 1.000 19.83338 ? 298 VAL A C   1 
ATOM   345 O  O   . VAL A 1 46 ? 3.98884   -0.41370  -12.57983 1.000 19.72333 ? 298 VAL A O   1 
ATOM   346 C  CB  . VAL A 1 46 ? 2.15484   -1.38699  -10.52319 1.000 17.34397 ? 298 VAL A CB  1 
ATOM   347 C  CG1 . VAL A 1 46 ? 1.77068   -2.12375  -9.20384  1.000 24.64171 ? 298 VAL A CG1 1 
ATOM   348 C  CG2 . VAL A 1 46 ? 0.96758   -0.58328  -11.11230 1.000 15.58992 ? 298 VAL A CG2 1 
ATOM   349 N  N   . GLY A 1 47 ? 3.81953   1.58565   -11.55052 1.000 16.96400 ? 299 GLY A N   1 
ATOM   350 C  CA  . GLY A 1 47 ? 4.41096   2.33148   -12.65205 1.000 16.97813 ? 299 GLY A CA  1 
ATOM   351 C  C   . GLY A 1 47 ? 3.44166   2.83423   -13.68088 1.000 18.90276 ? 299 GLY A C   1 
ATOM   352 O  O   . GLY A 1 47 ? 3.88640   3.38559   -14.71415 1.000 18.93653 ? 299 GLY A O   1 
ATOM   353 N  N   . ARG A 1 48 ? 2.13396   2.62533   -13.48874 1.000 17.49376 ? 300 ARG A N   1 
ATOM   354 C  CA  . ARG A 1 48 ? 1.13484   3.15771   -14.39969 1.000 21.56589 ? 300 ARG A CA  1 
ATOM   355 C  C   . ARG A 1 48 ? 0.17388   3.97835   -13.57226 1.000 21.04126 ? 300 ARG A C   1 
ATOM   356 O  O   . ARG A 1 48 ? -0.20017  3.58057   -12.45120 1.000 17.05385 ? 300 ARG A O   1 
ATOM   357 C  CB  . ARG A 1 48 ? 0.38370   2.06251   -15.13442 1.000 23.90790 ? 300 ARG A CB  1 
ATOM   358 C  CG  . ARG A 1 48 ? 1.23580   0.89668   -15.55566 1.000 31.08631 ? 300 ARG A CG  1 
ATOM   359 C  CD  . ARG A 1 48 ? 0.44021   -0.37954  -15.79605 1.000 34.13232 ? 300 ARG A CD  1 
ATOM   360 N  NE  . ARG A 1 48 ? 1.18101   -1.33164  -16.62254 1.000 29.38589 ? 300 ARG A NE  1 
ATOM   361 C  CZ  . ARG A 1 48 ? 1.45368   -1.11179  -17.90996 1.000 38.99026 ? 300 ARG A CZ  1 
ATOM   362 N  NH1 . ARG A 1 48 ? 1.03367   0.01898   -18.51002 1.000 34.50648 ? 300 ARG A NH1 1 
ATOM   363 N  NH2 . ARG A 1 48 ? 2.14511   -2.01913  -18.61300 1.000 31.77506 ? 300 ARG A NH2 1 
ATOM   364 N  N   . ASN A 1 49 ? -0.23681  5.11505   -14.11505 1.000 18.35942 ? 301 ASN A N   1 
ATOM   365 C  CA  . ASN A 1 49 ? -1.23033  5.95481   -13.45249 1.000 19.96122 ? 301 ASN A CA  1 
ATOM   366 C  C   . ASN A 1 49 ? -0.80764  6.20432   -12.00098 1.000 19.84107 ? 301 ASN A C   1 
ATOM   367 O  O   . ASN A 1 49 ? 0.33782   6.62447   -11.74905 1.000 17.18559 ? 301 ASN A O   1 
ATOM   368 C  CB  . ASN A 1 49 ? -2.57478  5.27682   -13.63369 1.000 23.81912 ? 301 ASN A CB  1 
ATOM   369 C  CG  . ASN A 1 49 ? -2.96930  5.17630   -15.11891 1.000 28.45278 ? 301 ASN A CG  1 
ATOM   370 O  OD1 . ASN A 1 49 ? -3.45857  6.14706   -15.71364 1.000 33.71869 ? 301 ASN A OD1 1 
ATOM   371 N  ND2 . ASN A 1 49 ? -2.74133  4.02119   -15.70167 1.000 30.18193 ? 301 ASN A ND2 1 
ATOM   372 N  N   . ASP A 1 50 ? -1.71833  6.05986   -11.03109 1.000 17.90694 ? 302 ASP A N   1 
ATOM   373 C  CA  . ASP A 1 50 ? -1.37637  6.06898   -9.62765  1.000 16.21334 ? 302 ASP A CA  1 
ATOM   374 C  C   . ASP A 1 50 ? -1.63928  4.71211   -9.00455  1.000 14.06593 ? 302 ASP A C   1 
ATOM   375 O  O   . ASP A 1 50 ? -1.98445  4.61439   -7.82041  1.000 15.81770 ? 302 ASP A O   1 
ATOM   376 C  CB  . ASP A 1 50 ? -2.09248  7.18679   -8.86132  1.000 14.75172 ? 302 ASP A CB  1 
ATOM   377 C  CG  . ASP A 1 50 ? -3.60931  7.03853   -8.77447  1.000 16.66393 ? 302 ASP A CG  1 
ATOM   378 O  OD1 . ASP A 1 50 ? -4.23291  6.24282   -9.51149  1.000 16.89000 ? 302 ASP A OD1 1 
ATOM   379 O  OD2 . ASP A 1 50 ? -4.18032  7.81518   -7.94764  1.000 20.44375 ? 302 ASP A OD2 1 
ATOM   380 N  N   . ASP A 1 51 ? -1.45361  3.66199   -9.80521  1.000 17.15672 ? 303 ASP A N   1 
ATOM   381 C  CA  . ASP A 1 51 ? -1.78206  2.29195   -9.38773  1.000 16.64381 ? 303 ASP A CA  1 
ATOM   382 C  C   . ASP A 1 51 ? -0.76388  1.73936   -8.37877  1.000 13.71779 ? 303 ASP A C   1 
ATOM   383 O  O   . ASP A 1 51 ? 0.44331   1.76627   -8.62793  1.000 13.49895 ? 303 ASP A O   1 
ATOM   384 C  CB  . ASP A 1 51 ? -1.82955  1.38092   -10.61689 1.000 14.83982 ? 303 ASP A CB  1 
ATOM   385 C  CG  . ASP A 1 51 ? -3.02265  1.71455   -11.55548 1.000 24.50166 ? 303 ASP A CG  1 
ATOM   386 O  OD1 . ASP A 1 51 ? -3.67001  2.77580   -11.36257 1.000 21.23228 ? 303 ASP A OD1 1 
ATOM   387 O  OD2 . ASP A 1 51 ? -3.33364  0.88896   -12.44890 1.000 28.62848 ? 303 ASP A OD2 1 
ATOM   388 N  N   . VAL A 1 52 ? -1.23940  1.19897   -7.25407  1.000 15.83239 ? 304 VAL A N   1 
ATOM   389 C  CA  . VAL A 1 52 ? -0.30724  0.56509   -6.31989  1.000 14.60614 ? 304 VAL A CA  1 
ATOM   390 C  C   . VAL A 1 52 ? -0.82750  -0.81732  -5.96821  1.000 15.89565 ? 304 VAL A C   1 
ATOM   391 O  O   . VAL A 1 52 ? -2.01251  -1.12436  -6.15747  1.000 15.12725 ? 304 VAL A O   1 
ATOM   392 C  CB  . VAL A 1 52 ? -0.10738  1.36834   -5.01503  1.000 13.04901 ? 304 VAL A CB  1 
ATOM   393 C  CG1 . VAL A 1 52 ? 0.47210   2.85603   -5.29611  1.000 16.75703 ? 304 VAL A CG1 1 
ATOM   394 C  CG2 . VAL A 1 52 ? -1.40079  1.42696   -4.23076  1.000 12.44267 ? 304 VAL A CG2 1 
ATOM   395 N  N   . LYS A 1 53 ? 0.07717   -1.63717  -5.38588  1.000 12.97647 ? 305 LYS A N   1 
ATOM   396 C  CA  . LYS A 1 53 ? -0.26664  -2.95497  -4.87875  1.000 17.93432 ? 305 LYS A CA  1 
ATOM   397 C  C   . LYS A 1 53 ? 0.43728   -3.20055  -3.54341  1.000 12.28418 ? 305 LYS A C   1 
ATOM   398 O  O   . LYS A 1 53 ? 1.53388   -2.68143  -3.29826  1.000 14.23895 ? 305 LYS A O   1 
ATOM   399 C  CB  . LYS A 1 53 ? 0.14250   -4.05377  -5.86354  1.000 18.77803 ? 305 LYS A CB  1 
ATOM   400 C  CG  . LYS A 1 53 ? -0.58719  -4.02071  -7.19897  1.000 22.89436 ? 305 LYS A CG  1 
ATOM   401 C  CD  . LYS A 1 53 ? -0.11394  -5.14830  -8.12807  1.000 28.22922 ? 305 LYS A CD  1 
ATOM   402 C  CE  . LYS A 1 53 ? -0.95610  -6.33214  -8.00597  1.000 33.97023 ? 305 LYS A CE  1 
ATOM   403 N  NZ  . LYS A 1 53 ? -0.11344  -7.39882  -8.61900  1.000 39.81779 ? 305 LYS A NZ  1 
ATOM   404 N  N   . CYS A 1 54 ? -0.21433  -3.96490  -2.66462  1.000 14.67468 ? 306 CYS A N   1 
ATOM   405 C  CA  . CYS A 1 54 ? 0.40011   -4.35811  -1.39440  1.000 13.34891 ? 306 CYS A CA  1 
ATOM   406 C  C   . CYS A 1 54 ? 1.34311   -5.54648  -1.61425  1.000 15.39188 ? 306 CYS A C   1 
ATOM   407 O  O   . CYS A 1 54 ? 0.98218   -6.51674  -2.29981  1.000 16.08932 ? 306 CYS A O   1 
ATOM   408 C  CB  . CYS A 1 54 ? -0.69332  -4.72209  -0.36056  1.000 16.43145 ? 306 CYS A CB  1 
ATOM   409 S  SG  . CYS A 1 54 ? -0.02111  -5.47295  1.12278   1.000 14.36400 ? 306 CYS A SG  1 
ATOM   410 N  N   . PHE A 1 55 ? 2.56754   -5.48221  -1.04936  1.000 16.52146 ? 307 PHE A N   1 
ATOM   411 C  CA  . PHE A 1 55 ? 3.52777   -6.58078  -1.23119  1.000 15.65832 ? 307 PHE A CA  1 
ATOM   412 C  C   . PHE A 1 55 ? 3.07171   -7.89973  -0.59025  1.000 16.89591 ? 307 PHE A C   1 
ATOM   413 O  O   . PHE A 1 55 ? 3.53677   -8.99428  -0.97257  1.000 16.53310 ? 307 PHE A O   1 
ATOM   414 C  CB  . PHE A 1 55 ? 4.91872   -6.18780  -0.66971  1.000 14.01285 ? 307 PHE A CB  1 
ATOM   415 C  CG  . PHE A 1 55 ? 5.03511   -6.29003  0.83258   1.000 16.95706 ? 307 PHE A CG  1 
ATOM   416 C  CD1 . PHE A 1 55 ? 4.47615   -5.31325  1.68260   1.000 12.62060 ? 307 PHE A CD1 1 
ATOM   417 C  CD2 . PHE A 1 55 ? 5.63693   -7.40845  1.41610   1.000 16.93427 ? 307 PHE A CD2 1 
ATOM   418 C  CE1 . PHE A 1 55 ? 4.57474   -5.44585  3.13562   1.000 18.49969 ? 307 PHE A CE1 1 
ATOM   419 C  CE2 . PHE A 1 55 ? 5.76705   -7.56263  2.81343   1.000 17.61738 ? 307 PHE A CE2 1 
ATOM   420 C  CZ  . PHE A 1 55 ? 5.21893   -6.57004  3.69620   1.000 16.58587 ? 307 PHE A CZ  1 
ATOM   421 N  N   . CYS A 1 56 ? 2.16559   -7.81254  0.36779   1.000 14.19079 ? 308 CYS A N   1 
ATOM   422 C  CA  . CYS A 1 56 ? 1.69617   -8.98439  1.12371   1.000 17.13251 ? 308 CYS A CA  1 
ATOM   423 C  C   . CYS A 1 56 ? 0.46566   -9.58310  0.43930   1.000 18.02558 ? 308 CYS A C   1 
ATOM   424 O  O   . CYS A 1 56 ? 0.49951   -10.71803 -0.04783  1.000 18.26050 ? 308 CYS A O   1 
ATOM   425 C  CB  . CYS A 1 56 ? 1.42373   -8.56283  2.56946   1.000 14.69407 ? 308 CYS A CB  1 
ATOM   426 S  SG  . CYS A 1 56 ? 0.61292   -9.93961  3.51849   1.000 17.35828 ? 308 CYS A SG  1 
ATOM   427 N  N   . CYS A 1 57 ? -0.64190  -8.82942  0.40721   1.000 17.04414 ? 309 CYS A N   1 
ATOM   428 C  CA  . CYS A 1 57 ? -1.90420  -9.41867  -0.04729  1.000 18.57356 ? 309 CYS A CA  1 
ATOM   429 C  C   . CYS A 1 57 ? -2.15975  -9.29914  -1.56498  1.000 18.29664 ? 309 CYS A C   1 
ATOM   430 O  O   . CYS A 1 57 ? -3.17087  -9.85275  -2.05781  1.000 17.58131 ? 309 CYS A O   1 
ATOM   431 C  CB  . CYS A 1 57 ? -3.08124  -8.78121  0.72419   1.000 16.82528 ? 309 CYS A CB  1 
ATOM   432 S  SG  . CYS A 1 57 ? -3.41301  -7.02797  0.41508   1.000 14.96102 ? 309 CYS A SG  1 
ATOM   433 N  N   . ASP A 1 58 ? -1.32601  -8.56194  -2.30620  1.000 17.20707 ? 310 ASP A N   1 
ATOM   434 C  CA  . ASP A 1 58 ? -1.50909  -8.29068  -3.73708  1.000 18.20175 ? 310 ASP A CA  1 
ATOM   435 C  C   . ASP A 1 58 ? -2.71593  -7.40815  -4.00436  1.000 19.52352 ? 310 ASP A C   1 
ATOM   436 O  O   . ASP A 1 58 ? -3.08710  -7.20090  -5.17755  1.000 19.61471 ? 310 ASP A O   1 
ATOM   437 C  CB  . ASP A 1 58 ? -1.62993  -9.58634  -4.55486  1.000 18.84362 ? 310 ASP A CB  1 
ATOM   438 C  CG  . ASP A 1 58 ? -0.96020  -9.50635  -5.91283  1.000 24.84492 ? 310 ASP A CG  1 
ATOM   439 O  OD1 . ASP A 1 58 ? 0.00895   -8.77140  -6.08448  1.000 20.58745 ? 310 ASP A OD1 1 
ATOM   440 O  OD2 . ASP A 1 58 ? -1.42566  -10.19211 -6.81806  1.000 22.54799 ? 310 ASP A OD2 1 
ATOM   441 N  N   . GLY A 1 59 ? -3.32317  -6.81683  -2.97910  1.000 17.25019 ? 311 GLY A N   1 
ATOM   442 C  CA  . GLY A 1 59 ? -4.46139  -5.95838  -3.22295  1.000 19.44611 ? 311 GLY A CA  1 
ATOM   443 C  C   . GLY A 1 59 ? -4.05557  -4.70986  -3.98803  1.000 19.43069 ? 311 GLY A C   1 
ATOM   444 O  O   . GLY A 1 59 ? -3.02991  -4.09405  -3.69135  1.000 16.42939 ? 311 GLY A O   1 
ATOM   445 N  N   . GLY A 1 60 ? -4.85444  -4.33945  -4.99297  1.000 15.85658 ? 312 GLY A N   1 
ATOM   446 C  CA  . GLY A 1 60 ? -4.51836  -3.22598  -5.88892  1.000 18.02379 ? 312 GLY A CA  1 
ATOM   447 C  C   . GLY A 1 60 ? -5.48518  -2.06014  -5.73603  1.000 16.89211 ? 312 GLY A C   1 
ATOM   448 O  O   . GLY A 1 60 ? -6.70881  -2.25959  -5.71482  1.000 17.10312 ? 312 GLY A O   1 
ATOM   449 N  N   . LEU A 1 61 ? -4.93865  -0.83838  -5.69097  1.000 13.83609 ? 313 LEU A N   1 
ATOM   450 C  CA  . LEU A 1 61 ? -5.73423  0.38036   -5.47750  1.000 15.97475 ? 313 LEU A CA  1 
ATOM   451 C  C   . LEU A 1 61 ? -5.23885  1.48934   -6.38771  1.000 19.55555 ? 313 LEU A C   1 
ATOM   452 O  O   . LEU A 1 61 ? -4.02422  1.65638   -6.56954  1.000 16.68548 ? 313 LEU A O   1 
ATOM   453 C  CB  . LEU A 1 61 ? -5.65681  0.93303   -4.05248  1.000 17.37155 ? 313 LEU A CB  1 
ATOM   454 C  CG  . LEU A 1 61 ? -6.17323  0.00022   -2.96412  1.000 16.55640 ? 313 LEU A CG  1 
ATOM   455 C  CD1 . LEU A 1 61 ? -5.78335  0.49420   -1.54511  1.000 15.80549 ? 313 LEU A CD1 1 
ATOM   456 C  CD2 . LEU A 1 61 ? -7.72244  -0.17555  -3.12790  1.000 18.00378 ? 313 LEU A CD2 1 
ATOM   457 N  N   . ARG A 1 62 ? -6.17767  2.29186   -6.89735  1.000 18.60802 ? 314 ARG A N   1 
ATOM   458 C  CA  . ARG A 1 62 ? -5.81015  3.49126   -7.66611  1.000 19.62090 ? 314 ARG A CA  1 
ATOM   459 C  C   . ARG A 1 62 ? -6.74601  4.63886   -7.30761  1.000 18.45032 ? 314 ARG A C   1 
ATOM   460 O  O   . ARG A 1 62 ? -7.62143  4.52324   -6.44200  1.000 18.02058 ? 314 ARG A O   1 
ATOM   461 C  CB  . ARG A 1 62 ? -5.87886  3.26795   -9.18373  1.000 21.60976 ? 314 ARG A CB  1 
ATOM   462 C  CG  . ARG A 1 62 ? -7.31445  2.87929   -9.63711  1.000 31.13190 ? 314 ARG A CG  1 
ATOM   463 C  CD  . ARG A 1 62 ? -7.61652  3.07663   -11.15428 1.000 37.55207 ? 314 ARG A CD  1 
ATOM   464 N  NE  . ARG A 1 62 ? -6.68399  2.32643   -12.00244 1.000 36.69554 ? 314 ARG A NE  1 
ATOM   465 C  CZ  . ARG A 1 62 ? -7.01087  1.27900   -12.76823 1.000 41.48882 ? 314 ARG A CZ  1 
ATOM   466 N  NH1 . ARG A 1 62 ? -8.24974  0.80076   -12.75739 1.000 39.80416 ? 314 ARG A NH1 1 
ATOM   467 N  NH2 . ARG A 1 62 ? -6.08194  0.68692   -13.51943 1.000 34.52033 ? 314 ARG A NH2 1 
ATOM   468 N  N   . CYS A 1 63 ? -6.54076  5.76999   -7.98693  1.000 17.57529 ? 315 CYS A N   1 
ATOM   469 C  CA  . CYS A 1 63 ? -7.31252  7.00402   -7.75591  1.000 21.40918 ? 315 CYS A CA  1 
ATOM   470 C  C   . CYS A 1 63 ? -7.21182  7.46218   -6.28473  1.000 18.80400 ? 315 CYS A C   1 
ATOM   471 O  O   . CYS A 1 63 ? -8.17288  7.56698   -5.52548  1.000 21.05614 ? 315 CYS A O   1 
ATOM   472 C  CB  . CYS A 1 63 ? -8.77074  6.84852   -8.21138  1.000 30.62924 ? 315 CYS A CB  1 
ATOM   473 S  SG  . CYS A 1 63 ? -9.66401  8.50233   -8.12989  1.000 29.69626 ? 315 CYS A SG  1 
ATOM   474 N  N   . TRP A 1 64 ? -5.99972  7.83805   -5.92976  1.000 20.13105 ? 316 TRP A N   1 
ATOM   475 C  CA  . TRP A 1 64 ? -5.71799  8.38242   -4.60815  1.000 17.53166 ? 316 TRP A CA  1 
ATOM   476 C  C   . TRP A 1 64 ? -6.14489  9.86041   -4.49235  1.000 23.34626 ? 316 TRP A C   1 
ATOM   477 O  O   . TRP A 1 64 ? -5.70506  10.69924  -5.28392  1.000 26.89609 ? 316 TRP A O   1 
ATOM   478 C  CB  . TRP A 1 64 ? -4.22437  8.20874   -4.33727  1.000 18.53394 ? 316 TRP A CB  1 
ATOM   479 C  CG  . TRP A 1 64 ? -3.89848  6.73629   -4.15077  1.000 17.06848 ? 316 TRP A CG  1 
ATOM   480 C  CD1 . TRP A 1 64 ? -3.40557  5.86005   -5.09374  1.000 15.35413 ? 316 TRP A CD1 1 
ATOM   481 C  CD2 . TRP A 1 64 ? -4.08137  5.97512   -2.96477  1.000 14.67932 ? 316 TRP A CD2 1 
ATOM   482 N  NE1 . TRP A 1 64 ? -3.26043  4.60767   -4.56452  1.000 13.28853 ? 316 TRP A NE1 1 
ATOM   483 C  CE2 . TRP A 1 64 ? -3.69920  4.63295   -3.26426  1.000 16.38986 ? 316 TRP A CE2 1 
ATOM   484 C  CE3 . TRP A 1 64 ? -4.56801  6.28268   -1.67240  1.000 16.28438 ? 316 TRP A CE3 1 
ATOM   485 C  CZ2 . TRP A 1 64 ? -3.72274  3.61410   -2.30697  1.000 15.58958 ? 316 TRP A CZ2 1 
ATOM   486 C  CZ3 . TRP A 1 64 ? -4.59863  5.27511   -0.72526  1.000 19.63172 ? 316 TRP A CZ3 1 
ATOM   487 C  CH2 . TRP A 1 64 ? -4.19524  3.93579   -1.05976  1.000 18.95964 ? 316 TRP A CH2 1 
ATOM   488 N  N   . GLU A 1 65 ? -6.95268  10.19500  -3.47965  1.000 22.22051 ? 317 GLU A N   1 
ATOM   489 C  CA  . GLU A 1 65 ? -7.50811  11.53900  -3.35756  1.000 23.95784 ? 317 GLU A CA  1 
ATOM   490 C  C   . GLU A 1 65 ? -7.03049  12.18374  -2.07051  1.000 26.41870 ? 317 GLU A C   1 
ATOM   491 O  O   . GLU A 1 65 ? -6.56174  11.51975  -1.13312  1.000 21.92871 ? 317 GLU A O   1 
ATOM   492 C  CB  . GLU A 1 65 ? -9.05482  11.52624  -3.41631  1.000 23.70504 ? 317 GLU A CB  1 
ATOM   493 C  CG  . GLU A 1 65 ? -9.59221  10.67365  -4.56699  1.000 30.50888 ? 317 GLU A CG  1 
ATOM   494 C  CD  . GLU A 1 65 ? -11.11024 10.58931  -4.59356  1.000 28.58192 ? 317 GLU A CD  1 
ATOM   495 O  OE1 . GLU A 1 65 ? -11.72102 11.66228  -4.73248  1.000 30.49159 ? 317 GLU A OE1 1 
ATOM   496 O  OE2 . GLU A 1 65 ? -11.67237 9.47413   -4.45122  1.000 26.11708 ? 317 GLU A OE2 1 
ATOM   497 N  N   . SER A 1 66 ? -7.14601  13.50966  -2.04461  1.000 25.92792 ? 318 SER A N   1 
ATOM   498 C  CA  . SER A 1 66 ? -6.73679  14.23070  -0.85757  1.000 27.16948 ? 318 SER A CA  1 
ATOM   499 C  C   . SER A 1 66 ? -7.49664  13.68433  0.34291   1.000 24.25372 ? 318 SER A C   1 
ATOM   500 O  O   . SER A 1 66 ? -8.69310  13.36343  0.26724   1.000 23.19268 ? 318 SER A O   1 
ATOM   501 C  CB  . SER A 1 66 ? -6.94649  15.73212  -1.05726  1.000 32.73907 ? 318 SER A CB  1 
ATOM   502 O  OG  . SER A 1 66 ? -8.20238  16.14189  -0.59208  1.000 51.82886 ? 318 SER A OG  1 
ATOM   503 N  N   . GLY A 1 67 ? -6.76458  13.48448  1.43210   1.000 29.89374 ? 319 GLY A N   1 
ATOM   504 C  CA  . GLY A 1 67 ? -7.35550  12.97622  2.63944   1.000 31.66291 ? 319 GLY A CA  1 
ATOM   505 C  C   . GLY A 1 67 ? -7.33922  11.47083  2.75304   1.000 27.92783 ? 319 GLY A C   1 
ATOM   506 O  O   . GLY A 1 67 ? -7.54310  10.94713  3.86413   1.000 26.01343 ? 319 GLY A O   1 
ATOM   507 N  N   . ASP A 1 68 ? -7.12902  10.74888  1.65111   1.000 24.01855 ? 320 ASP A N   1 
ATOM   508 C  CA  . ASP A 1 68 ? -7.00008  9.29200   1.75719   1.000 20.47943 ? 320 ASP A CA  1 
ATOM   509 C  C   . ASP A 1 68 ? -5.87735  8.92526   2.72409   1.000 21.05358 ? 320 ASP A C   1 
ATOM   510 O  O   . ASP A 1 68 ? -4.76463  9.47512   2.64217   1.000 23.94493 ? 320 ASP A O   1 
ATOM   511 C  CB  . ASP A 1 68 ? -6.70933  8.65154   0.39527   1.000 21.48037 ? 320 ASP A CB  1 
ATOM   512 C  CG  . ASP A 1 68 ? -7.94287  8.54467   -0.46679  1.000 23.18065 ? 320 ASP A CG  1 
ATOM   513 O  OD1 . ASP A 1 68 ? -9.02873  8.90631   0.03026   1.000 27.90142 ? 320 ASP A OD1 1 
ATOM   514 O  OD2 . ASP A 1 68 ? -7.84723  8.09568   -1.62944  1.000 22.33826 ? 320 ASP A OD2 1 
ATOM   515 N  N   . ASP A 1 69 ? -6.17022  7.97524   3.62398   1.000 19.30924 ? 321 ASP A N   1 
ATOM   516 C  CA  . ASP A 1 69 ? -5.15391  7.42417   4.51421   1.000 19.21596 ? 321 ASP A CA  1 
ATOM   517 C  C   . ASP A 1 69 ? -4.84061  6.01813   4.02183   1.000 17.27077 ? 321 ASP A C   1 
ATOM   518 O  O   . ASP A 1 69 ? -5.70927  5.14617   4.12310   1.000 18.86853 ? 321 ASP A O   1 
ATOM   519 C  CB  . ASP A 1 69 ? -5.66026  7.36621   5.95593   1.000 22.46893 ? 321 ASP A CB  1 
ATOM   520 C  CG  . ASP A 1 69 ? -4.62987  6.78822   6.93864   1.000 27.87814 ? 321 ASP A CG  1 
ATOM   521 O  OD1 . ASP A 1 69 ? -3.86356  5.87753   6.57552   1.000 27.01036 ? 321 ASP A OD1 1 
ATOM   522 O  OD2 . ASP A 1 69 ? -4.60050  7.24123   8.09226   1.000 30.57897 ? 321 ASP A OD2 1 
ATOM   523 N  N   . PRO A 1 70 ? -3.62973  5.75002   3.51562   1.000 19.74951 ? 322 PRO A N   1 
ATOM   524 C  CA  . PRO A 1 70 ? -3.34009  4.39661   3.00717   1.000 18.82899 ? 322 PRO A CA  1 
ATOM   525 C  C   . PRO A 1 70 ? -3.65083  3.25479   3.98487   1.000 18.15681 ? 322 PRO A C   1 
ATOM   526 O  O   . PRO A 1 70 ? -4.07688  2.20732   3.49937   1.000 18.86555 ? 322 PRO A O   1 
ATOM   527 C  CB  . PRO A 1 70 ? -1.84481  4.45820   2.65117   1.000 18.55710 ? 322 PRO A CB  1 
ATOM   528 C  CG  . PRO A 1 70 ? -1.61400  5.83412   2.23838   1.000 21.61989 ? 322 PRO A CG  1 
ATOM   529 C  CD  . PRO A 1 70 ? -2.56363  6.68858   3.17624   1.000 22.74752 ? 322 PRO A CD  1 
ATOM   530 N  N   . TRP A 1 71 ? -3.41357  3.39835   5.30163   1.000 21.86232 ? 323 TRP A N   1 
ATOM   531 C  CA  . TRP A 1 71 ? -3.76811  2.33997   6.26941   1.000 19.23169 ? 323 TRP A CA  1 
ATOM   532 C  C   . TRP A 1 71 ? -5.27321  2.11086   6.33429   1.000 21.26138 ? 323 TRP A C   1 
ATOM   533 O  O   . TRP A 1 71 ? -5.74246  0.96683   6.29865   1.000 21.48755 ? 323 TRP A O   1 
ATOM   534 C  CB  . TRP A 1 71 ? -3.25662  2.70145   7.66984   1.000 21.76686 ? 323 TRP A CB  1 
ATOM   535 C  CG  . TRP A 1 71 ? -1.80206  2.56768   7.89296   1.000 22.53853 ? 323 TRP A CG  1 
ATOM   536 C  CD1 . TRP A 1 71 ? -0.93715  3.57653   8.15954   1.000 26.76689 ? 323 TRP A CD1 1 
ATOM   537 C  CD2 . TRP A 1 71 ? -1.01778  1.36305   7.89764   1.000 25.45266 ? 323 TRP A CD2 1 
ATOM   538 N  NE1 . TRP A 1 71 ? 0.34097   3.08686   8.34288   1.000 20.98477 ? 323 TRP A NE1 1 
ATOM   539 C  CE2 . TRP A 1 71 ? 0.32189   1.73277   8.18670   1.000 24.06192 ? 323 TRP A CE2 1 
ATOM   540 C  CE3 . TRP A 1 71 ? -1.31092  0.01832   7.69963   1.000 26.06944 ? 323 TRP A CE3 1 
ATOM   541 C  CZ2 . TRP A 1 71 ? 1.36662   0.79792   8.29070   1.000 18.05065 ? 323 TRP A CZ2 1 
ATOM   542 C  CZ3 . TRP A 1 71 ? -0.24845  -0.92481  7.79395   1.000 27.83763 ? 323 TRP A CZ3 1 
ATOM   543 C  CH2 . TRP A 1 71 ? 1.04385   -0.52020  8.06749   1.000 21.74668 ? 323 TRP A CH2 1 
ATOM   544 N  N   . VAL A 1 72 ? -6.05046  3.20007   6.40448   1.000 18.40805 ? 324 VAL A N   1 
ATOM   545 C  CA  . VAL A 1 72 ? -7.50154  3.08281   6.40562   1.000 20.26835 ? 324 VAL A CA  1 
ATOM   546 C  C   . VAL A 1 72 ? -8.00794  2.46588   5.10246   1.000 17.68493 ? 324 VAL A C   1 
ATOM   547 O  O   . VAL A 1 72 ? -8.84791  1.56727   5.13563   1.000 18.55425 ? 324 VAL A O   1 
ATOM   548 C  CB  . VAL A 1 72 ? -8.14242  4.44452   6.68934   1.000 24.71436 ? 324 VAL A CB  1 
ATOM   549 C  CG1 . VAL A 1 72 ? -9.64368  4.27508   6.64062   1.000 28.62613 ? 324 VAL A CG1 1 
ATOM   550 C  CG2 . VAL A 1 72 ? -7.64981  4.91106   8.05549   1.000 23.57590 ? 324 VAL A CG2 1 
ATOM   551 N  N   . GLU A 1 73 ? -7.48638  2.90205   3.93212   1.000 18.45339 ? 325 GLU A N   1 
ATOM   552 C  CA  . GLU A 1 73 ? -7.92807  2.25892   2.69007   1.000 17.42345 ? 325 GLU A CA  1 
ATOM   553 C  C   . GLU A 1 73 ? -7.52488  0.78250   2.65759   1.000 17.54495 ? 325 GLU A C   1 
ATOM   554 O  O   . GLU A 1 73 ? -8.26889  -0.05353  2.12340   1.000 16.83867 ? 325 GLU A O   1 
ATOM   555 C  CB  . GLU A 1 73 ? -7.36572  2.98371   1.45452   1.000 18.46927 ? 325 GLU A CB  1 
ATOM   556 C  CG  . GLU A 1 73 ? -7.90365  4.42597   1.24013   1.000 24.64749 ? 325 GLU A CG  1 
ATOM   557 C  CD  . GLU A 1 73 ? -9.44541  4.53809   1.39720   1.000 24.21380 ? 325 GLU A CD  1 
ATOM   558 O  OE1 . GLU A 1 73 ? -10.19294 3.85106   0.67628   1.000 28.87395 ? 325 GLU A OE1 1 
ATOM   559 O  OE2 . GLU A 1 73 ? -9.90553  5.28855   2.30375   1.000 26.10124 ? 325 GLU A OE2 1 
ATOM   560 N  N   . HIS A 1 74 ? -6.31108  0.45439   3.15134   1.000 17.61022 ? 326 HIS A N   1 
ATOM   561 C  CA  . HIS A 1 74 ? -5.86991  -0.95012  3.20314   1.000 16.02453 ? 326 HIS A CA  1 
ATOM   562 C  C   . HIS A 1 74 ? -6.87197  -1.78694  4.00562   1.000 19.96013 ? 326 HIS A C   1 
ATOM   563 O  O   . HIS A 1 74 ? -7.23673  -2.89257  3.60817   1.000 16.37563 ? 326 HIS A O   1 
ATOM   564 C  CB  . HIS A 1 74 ? -4.44503  -1.03467  3.84353   1.000 14.87687 ? 326 HIS A CB  1 
ATOM   565 C  CG  . HIS A 1 74 ? -3.57928  -2.19870  3.37074   1.000 16.02987 ? 326 HIS A CG  1 
ATOM   566 N  ND1 . HIS A 1 74 ? -2.20428  -2.08961  3.27651   1.000 16.46195 ? 326 HIS A ND1 1 
ATOM   567 C  CD2 . HIS A 1 74 ? -3.87254  -3.48842  3.04419   1.000 17.04590 ? 326 HIS A CD2 1 
ATOM   568 C  CE1 . HIS A 1 74 ? -1.69476  -3.23882  2.84590   1.000 15.24401 ? 326 HIS A CE1 1 
ATOM   569 N  NE2 . HIS A 1 74 ? -2.67260  -4.12015  2.73922   1.000 15.01353 ? 326 HIS A NE2 1 
ATOM   570 N  N   . ALA A 1 75 ? -7.37451  -1.24940  5.10997   1.000 15.89303 ? 327 ALA A N   1 
ATOM   571 C  CA  . ALA A 1 75 ? -8.18919  -2.08764  6.00195   1.000 18.47974 ? 327 ALA A CA  1 
ATOM   572 C  C   . ALA A 1 75 ? -9.61924  -2.23454  5.48682   1.000 16.56186 ? 327 ALA A C   1 
ATOM   573 O  O   . ALA A 1 75 ? -10.30546 -3.23315  5.78274   1.000 19.25275 ? 327 ALA A O   1 
ATOM   574 C  CB  . ALA A 1 75 ? -8.20909  -1.46985  7.38309   1.000 21.05479 ? 327 ALA A CB  1 
ATOM   575 N  N   . LYS A 1 76 ? -10.07059 -1.26607  4.69800   1.000 19.61392 ? 328 LYS A N   1 
ATOM   576 C  CA  . LYS A 1 76 ? -11.45205 -1.33466  4.19550   1.000 19.80451 ? 328 LYS A CA  1 
ATOM   577 C  C   . LYS A 1 76 ? -11.58878 -2.22616  2.97509   1.000 23.26785 ? 328 LYS A C   1 
ATOM   578 O  O   . LYS A 1 76 ? -12.57901 -2.96307  2.83893   1.000 23.20920 ? 328 LYS A O   1 
ATOM   579 C  CB  . LYS A 1 76 ? -11.92893 0.07280   3.91923   1.000 22.93200 ? 328 LYS A CB  1 
ATOM   580 C  CG  . LYS A 1 76 ? -12.15668 0.71976   5.24693   1.000 41.51205 ? 328 LYS A CG  1 
ATOM   581 C  CD  . LYS A 1 76 ? -13.28229 1.66093   5.32085   1.000 46.00406 ? 328 LYS A CD  1 
ATOM   582 C  CE  . LYS A 1 76 ? -13.14090 2.61715   4.20081   1.000 48.55827 ? 328 LYS A CE  1 
ATOM   583 N  NZ  . LYS A 1 76 ? -11.79516 3.19647   3.89087   1.000 46.86267 ? 328 LYS A NZ  1 
ATOM   584 N  N   . TRP A 1 77 ? -10.58807 -2.21872  2.10670   1.000 17.59046 ? 329 TRP A N   1 
ATOM   585 C  CA  . TRP A 1 77 ? -10.62028 -3.04866  0.91365   1.000 17.43435 ? 329 TRP A CA  1 
ATOM   586 C  C   . TRP A 1 77 ? -10.00172 -4.42981  1.11402   1.000 16.94975 ? 329 TRP A C   1 
ATOM   587 O  O   . TRP A 1 77 ? -10.41236 -5.39779  0.45763   1.000 20.34187 ? 329 TRP A O   1 
ATOM   588 C  CB  . TRP A 1 77 ? -9.88576  -2.30922  -0.20202  1.000 16.65338 ? 329 TRP A CB  1 
ATOM   589 C  CG  . TRP A 1 77 ? -10.51404 -1.04084  -0.67167  1.000 18.21228 ? 329 TRP A CG  1 
ATOM   590 C  CD1 . TRP A 1 77 ? -10.07409 0.23270   -0.46714  1.000 19.97947 ? 329 TRP A CD1 1 
ATOM   591 C  CD2 . TRP A 1 77 ? -11.71018 -0.92470  -1.47517  1.000 18.82192 ? 329 TRP A CD2 1 
ATOM   592 N  NE1 . TRP A 1 77 ? -10.90395 1.14504   -1.11847  1.000 19.90759 ? 329 TRP A NE1 1 
ATOM   593 C  CE2 . TRP A 1 77 ? -11.93753 0.45358   -1.69741  1.000 20.98626 ? 329 TRP A CE2 1 
ATOM   594 C  CE3 . TRP A 1 77 ? -12.61019 -1.85827  -2.00599  1.000 21.54954 ? 329 TRP A CE3 1 
ATOM   595 C  CZ2 . TRP A 1 77 ? -13.01738 0.92844   -2.45225  1.000 18.78458 ? 329 TRP A CZ2 1 
ATOM   596 C  CZ3 . TRP A 1 77 ? -13.70680 -1.38398  -2.75455  1.000 27.94150 ? 329 TRP A CZ3 1 
ATOM   597 C  CH2 . TRP A 1 77 ? -13.89351 0.00071   -2.95824  1.000 22.74926 ? 329 TRP A CH2 1 
ATOM   598 N  N   . PHE A 1 78 ? -8.95468  -4.56325  1.93444   1.000 18.01764 ? 330 PHE A N   1 
ATOM   599 C  CA  . PHE A 1 78 ? -8.21785  -5.82236  2.05611   1.000 15.82959 ? 330 PHE A CA  1 
ATOM   600 C  C   . PHE A 1 78 ? -8.06226  -6.16170  3.53287   1.000 17.55153 ? 330 PHE A C   1 
ATOM   601 O  O   . PHE A 1 78 ? -6.94327  -6.25227  4.07629   1.000 16.11429 ? 330 PHE A O   1 
ATOM   602 C  CB  . PHE A 1 78 ? -6.86151  -5.73906  1.35141   1.000 15.16720 ? 330 PHE A CB  1 
ATOM   603 C  CG  . PHE A 1 78 ? -6.94974  -5.11638  -0.00583  1.000 15.96542 ? 330 PHE A CG  1 
ATOM   604 C  CD1 . PHE A 1 78 ? -7.71855  -5.69475  -0.99352  1.000 18.92871 ? 330 PHE A CD1 1 
ATOM   605 C  CD2 . PHE A 1 78 ? -6.19958  -3.98281  -0.29743  1.000 18.72820 ? 330 PHE A CD2 1 
ATOM   606 C  CE1 . PHE A 1 78 ? -7.76966  -5.11289  -2.30222  1.000 19.07306 ? 330 PHE A CE1 1 
ATOM   607 C  CE2 . PHE A 1 78 ? -6.26709  -3.38681  -1.53714  1.000 17.95818 ? 330 PHE A CE2 1 
ATOM   608 C  CZ  . PHE A 1 78 ? -7.05415  -3.96526  -2.55123  1.000 19.34338 ? 330 PHE A CZ  1 
ATOM   609 N  N   . PRO A 1 79 ? -9.19706  -6.29716  4.23510   1.000 20.65354 ? 331 PRO A N   1 
ATOM   610 C  CA  . PRO A 1 79 ? -9.16466  -6.39987  5.70418   1.000 18.86374 ? 331 PRO A CA  1 
ATOM   611 C  C   . PRO A 1 79 ? -8.47267  -7.63221  6.24273   1.000 17.82492 ? 331 PRO A C   1 
ATOM   612 O  O   . PRO A 1 79 ? -8.10203  -7.60904  7.42301   1.000 18.71991 ? 331 PRO A O   1 
ATOM   613 C  CB  . PRO A 1 79 ? -10.65827 -6.41498  6.08822   1.000 21.05406 ? 331 PRO A CB  1 
ATOM   614 C  CG  . PRO A 1 79 ? -11.34367 -6.99018  4.89340   1.000 18.85545 ? 331 PRO A CG  1 
ATOM   615 C  CD  . PRO A 1 79 ? -10.55182 -6.46643  3.67823   1.000 21.67677 ? 331 PRO A CD  1 
ATOM   616 N  N   . ARG A 1 80 ? -8.29312  -8.69698  5.45083   1.000 16.23156 ? 332 ARG A N   1 
ATOM   617 C  CA  . ARG A 1 80 ? -7.62777  -9.90469  5.93244   1.000 19.45691 ? 332 ARG A CA  1 
ATOM   618 C  C   . ARG A 1 80 ? -6.14417  -9.97154  5.56234   1.000 19.19552 ? 332 ARG A C   1 
ATOM   619 O  O   . ARG A 1 80 ? -5.53606  -11.04348 5.67228   1.000 25.53871 ? 332 ARG A O   1 
ATOM   620 C  CB  . ARG A 1 80 ? -8.35747  -11.13827 5.42239   1.000 19.89674 ? 332 ARG A CB  1 
ATOM   621 C  CG  . ARG A 1 80 ? -9.79440  -11.22931 5.97114   1.000 18.72906 ? 332 ARG A CG  1 
ATOM   622 C  CD  . ARG A 1 80 ? -10.44584 -12.60012 5.66877   1.000 28.28811 ? 332 ARG A CD  1 
ATOM   623 N  NE  . ARG A 1 80 ? -10.29461 -12.99290 4.26351   1.000 18.98101 ? 332 ARG A NE  1 
ATOM   624 C  CZ  . ARG A 1 80 ? -11.18320 -12.70677 3.30765   1.000 25.98754 ? 332 ARG A CZ  1 
ATOM   625 N  NH1 . ARG A 1 80 ? -12.30811 -12.05072 3.60061   1.000 22.79922 ? 332 ARG A NH1 1 
ATOM   626 N  NH2 . ARG A 1 80 ? -10.96571 -13.07113 2.04634   1.000 23.37288 ? 332 ARG A NH2 1 
ATOM   627 N  N   . CYS A 1 81 ? -5.54711  -8.85791  5.13626   1.000 15.04774 ? 333 CYS A N   1 
ATOM   628 C  CA  . CYS A 1 81 ? -4.12112  -8.84622  4.82018   1.000 13.50886 ? 333 CYS A CA  1 
ATOM   629 C  C   . CYS A 1 81 ? -3.25195  -9.11851  6.05466   1.000 17.11892 ? 333 CYS A C   1 
ATOM   630 O  O   . CYS A 1 81 ? -3.37376  -8.43811  7.05841   1.000 18.23017 ? 333 CYS A O   1 
ATOM   631 C  CB  . CYS A 1 81 ? -3.76005  -7.46316  4.21526   1.000 14.95540 ? 333 CYS A CB  1 
ATOM   632 S  SG  . CYS A 1 81 ? -2.00205  -7.28222  4.01225   1.000 15.67383 ? 333 CYS A SG  1 
ATOM   633 N  N   . GLU A 1 82 ? -2.33042  -10.09532 5.95433   1.000 16.03023 ? 334 GLU A N   1 
ATOM   634 C  CA  . GLU A 1 82 ? -1.49946  -10.49545 7.09774   1.000 16.76104 ? 334 GLU A CA  1 
ATOM   635 C  C   . GLU A 1 82 ? -0.58799  -9.35955  7.59410   1.000 17.28662 ? 334 GLU A C   1 
ATOM   636 O  O   . GLU A 1 82 ? -0.41536  -9.14930  8.80436   1.000 19.51435 ? 334 GLU A O   1 
ATOM   637 C  CB  . GLU A 1 82 ? -0.66309  -11.72552 6.70084   1.000 16.94135 ? 334 GLU A CB  1 
ATOM   638 C  CG  . GLU A 1 82 ? 0.08226   -12.28934 7.92627   1.000 18.30684 ? 334 GLU A CG  1 
ATOM   639 C  CD  . GLU A 1 82 ? 1.14034   -13.28880 7.58941   1.000 24.15722 ? 334 GLU A CD  1 
ATOM   640 O  OE1 . GLU A 1 82 ? 1.00613   -13.91189 6.50398   1.000 21.48057 ? 334 GLU A OE1 1 
ATOM   641 O  OE2 . GLU A 1 82 ? 2.10811   -13.40024 8.41948   1.000 24.79215 ? 334 GLU A OE2 1 
ATOM   642 N  N   . PHE A 1 83 ? 0.00447   -8.62934  6.67513   1.000 14.78929 ? 335 PHE A N   1 
ATOM   643 C  CA  . PHE A 1 83 ? 0.84505   -7.49091  7.02962   1.000 14.27074 ? 335 PHE A CA  1 
ATOM   644 C  C   . PHE A 1 83 ? 0.03043   -6.43798  7.75769   1.000 15.67559 ? 335 PHE A C   1 
ATOM   645 O  O   . PHE A 1 83 ? 0.42348   -5.96294  8.82390   1.000 15.36834 ? 335 PHE A O   1 
ATOM   646 C  CB  . PHE A 1 83 ? 1.47910   -6.91629  5.75264   1.000 15.10081 ? 335 PHE A CB  1 
ATOM   647 C  CG  . PHE A 1 83 ? 2.20832   -5.58978  5.97131   1.000 14.42483 ? 335 PHE A CG  1 
ATOM   648 C  CD1 . PHE A 1 83 ? 3.43923   -5.55458  6.62585   1.000 18.41026 ? 335 PHE A CD1 1 
ATOM   649 C  CD2 . PHE A 1 83 ? 1.65660   -4.38154  5.47121   1.000 20.83448 ? 335 PHE A CD2 1 
ATOM   650 C  CE1 . PHE A 1 83 ? 4.07693   -4.34070  6.83127   1.000 17.81349 ? 335 PHE A CE1 1 
ATOM   651 C  CE2 . PHE A 1 83 ? 2.31745   -3.15750  5.66383   1.000 17.20096 ? 335 PHE A CE2 1 
ATOM   652 C  CZ  . PHE A 1 83 ? 3.52449   -3.14301  6.34787   1.000 17.45424 ? 335 PHE A CZ  1 
ATOM   653 N  N   . LEU A 1 84 ? -1.13757  -6.07938  7.20150   1.000 14.81556 ? 336 LEU A N   1 
ATOM   654 C  CA  . LEU A 1 84 ? -2.00862  -5.08343  7.84617   1.000 15.15430 ? 336 LEU A CA  1 
ATOM   655 C  C   . LEU A 1 84 ? -2.31292  -5.45800  9.30343   1.000 20.06274 ? 336 LEU A C   1 
ATOM   656 O  O   . LEU A 1 84 ? -2.16194  -4.63880  10.22972  1.000 18.01430 ? 336 LEU A O   1 
ATOM   657 C  CB  . LEU A 1 84 ? -3.31079  -4.97134  7.02876   1.000 16.37159 ? 336 LEU A CB  1 
ATOM   658 C  CG  . LEU A 1 84 ? -4.41093  -4.17212  7.75398   1.000 21.71445 ? 336 LEU A CG  1 
ATOM   659 C  CD1 . LEU A 1 84 ? -3.97334  -2.72839  7.81373   1.000 17.69640 ? 336 LEU A CD1 1 
ATOM   660 C  CD2 . LEU A 1 84 ? -5.73194  -4.30701  6.97533   1.000 23.05508 ? 336 LEU A CD2 1 
ATOM   661 N  N   . ILE A 1 85 ? -2.66651  -6.72862  9.52956   1.000 16.48533 ? 337 ILE A N   1 
ATOM   662 C  CA  . ILE A 1 85 ? -3.04613  -7.19522  10.86694  1.000 17.90574 ? 337 ILE A CA  1 
ATOM   663 C  C   . ILE A 1 85 ? -1.83833  -7.19252  11.82339  1.000 17.21735 ? 337 ILE A C   1 
ATOM   664 O  O   . ILE A 1 85 ? -1.94542  -6.74167  12.96606  1.000 17.65448 ? 337 ILE A O   1 
ATOM   665 C  CB  . ILE A 1 85 ? -3.69741  -8.58716  10.75613  1.000 16.78300 ? 337 ILE A CB  1 
ATOM   666 C  CG1 . ILE A 1 85 ? -5.02063  -8.48285  10.00613  1.000 16.87007 ? 337 ILE A CG1 1 
ATOM   667 C  CG2 . ILE A 1 85 ? -3.90337  -9.23127  12.11792  1.000 21.36908 ? 337 ILE A CG2 1 
ATOM   668 C  CD1 . ILE A 1 85 ? -6.08943  -7.89225  10.80294  1.000 23.35769 ? 337 ILE A CD1 1 
ATOM   669 N  N   . ARG A 1 86 ? -0.68360  -7.71436  11.38887  1.000 18.46663 ? 338 ARG A N   1 
ATOM   670 C  CA  . ARG A 1 86 ? 0.54551   -7.62166  12.18483  1.000 22.02147 ? 338 ARG A CA  1 
ATOM   671 C  C   . ARG A 1 86 ? 0.93838   -6.18113  12.51710  1.000 20.62184 ? 338 ARG A C   1 
ATOM   672 O  O   . ARG A 1 86 ? 1.55644   -5.93612  13.56083  1.000 20.29110 ? 338 ARG A O   1 
ATOM   673 C  CB  . ARG A 1 86 ? 1.71282   -8.31163  11.45270  1.000 20.53330 ? 338 ARG A CB  1 
ATOM   674 C  CG  . ARG A 1 86 ? 1.58131   -9.85853  11.52150  1.000 26.02077 ? 338 ARG A CG  1 
ATOM   675 C  CD  . ARG A 1 86 ? 2.73908   -10.62564 10.85447  1.000 31.57610 ? 338 ARG A CD  1 
ATOM   676 N  NE  . ARG A 1 86 ? 2.42510   -12.06268 10.79402  1.000 33.90973 ? 338 ARG A NE  1 
ATOM   677 C  CZ  . ARG A 1 86 ? 2.43581   -12.90276 11.83276  1.000 43.55038 ? 338 ARG A CZ  1 
ATOM   678 N  NH1 . ARG A 1 86 ? 2.72433   -12.47923 13.06698  1.000 45.87320 ? 338 ARG A NH1 1 
ATOM   679 N  NH2 . ARG A 1 86 ? 2.13154   -14.18098 11.64429  1.000 45.79683 ? 338 ARG A NH2 1 
ATOM   680 N  N   . MET A 1 87 ? 0.66216   -5.21747  11.62667  1.000 15.92175 ? 339 MET A N   1 
ATOM   681 C  CA  . MET A 1 87 ? 1.10764   -3.83860  11.88287  1.000 18.54016 ? 339 MET A CA  1 
ATOM   682 C  C   . MET A 1 87 ? 0.14027   -3.05699  12.76836  1.000 21.17141 ? 339 MET A C   1 
ATOM   683 O  O   . MET A 1 87 ? 0.57246   -2.22835  13.57536  1.000 21.44830 ? 339 MET A O   1 
ATOM   684 C  CB  . MET A 1 87 ? 1.27502   -3.09092  10.56262  1.000 15.95347 ? 339 MET A CB  1 
ATOM   685 C  CG  . MET A 1 87 ? 2.49697   -3.48183  9.73924   1.000 12.97629 ? 339 MET A CG  1 
ATOM   686 S  SD  . MET A 1 87 ? 4.07585   -3.39007  10.62169  1.000 20.01402 ? 339 MET A SD  1 
ATOM   687 C  CE  . MET A 1 87 ? 4.11860   -1.68642  11.07651  1.000 21.15774 ? 339 MET A CE  1 
ATOM   688 N  N   . LYS A 1 88 ? -1.17215  -3.24600  12.56896  1.000 17.78990 ? 340 LYS A N   1 
ATOM   689 C  CA  . LYS A 1 88 ? -2.21835  -2.43583  13.17783  1.000 22.48967 ? 340 LYS A CA  1 
ATOM   690 C  C   . LYS A 1 88 ? -3.10488  -3.23103  14.10923  1.000 21.95699 ? 340 LYS A C   1 
ATOM   691 O  O   . LYS A 1 88 ? -3.84543  -2.62659  14.89440  1.000 23.96861 ? 340 LYS A O   1 
ATOM   692 C  CB  . LYS A 1 88 ? -3.13256  -1.80750  12.09481  1.000 21.53015 ? 340 LYS A CB  1 
ATOM   693 C  CG  . LYS A 1 88 ? -2.38162  -0.84398  11.29518  1.000 22.10970 ? 340 LYS A CG  1 
ATOM   694 C  CD  . LYS A 1 88 ? -1.99975  0.35549   12.17526  1.000 22.50879 ? 340 LYS A CD  1 
ATOM   695 C  CE  . LYS A 1 88 ? -1.43761  1.49475   11.35919  1.000 27.09387 ? 340 LYS A CE  1 
ATOM   696 N  NZ  . LYS A 1 88 ? -1.36082  2.71963   12.21255  1.000 29.71584 ? 340 LYS A NZ  1 
ATOM   697 N  N   . GLY A 1 89 ? -3.09559  -4.55105  14.01276  1.000 17.34170 ? 341 GLY A N   1 
ATOM   698 C  CA  . GLY A 1 89 ? -3.89097  -5.35399  14.93156  1.000 21.45869 ? 341 GLY A CA  1 
ATOM   699 C  C   . GLY A 1 89 ? -5.27860  -5.66708  14.39372  1.000 21.15938 ? 341 GLY A C   1 
ATOM   700 O  O   . GLY A 1 89 ? -5.88025  -4.90942  13.62846  1.000 20.16454 ? 341 GLY A O   1 
ATOM   701 N  N   . GLN A 1 90 ? -5.76306  -6.84920  14.77155  1.000 26.44967 ? 342 GLN A N   1 
ATOM   702 C  CA  . GLN A 1 90 ? -7.16459  -7.20247  14.56952  1.000 29.15396 ? 342 GLN A CA  1 
ATOM   703 C  C   . GLN A 1 90 ? -8.10382  -6.06282  14.96576  1.000 29.73324 ? 342 GLN A C   1 
ATOM   704 O  O   . GLN A 1 90 ? -9.13242  -5.83348  14.31417  1.000 30.37973 ? 342 GLN A O   1 
ATOM   705 C  CB  . GLN A 1 90 ? -7.47251  -8.46735  15.38106  1.000 25.89907 ? 342 GLN A CB  1 
ATOM   706 C  CG  . GLN A 1 90 ? -8.91434  -8.92659  15.37890  1.000 23.73875 ? 342 GLN A CG  1 
ATOM   707 C  CD  . GLN A 1 90 ? -9.77422  -8.16952  16.39859  1.000 29.69784 ? 342 GLN A CD  1 
ATOM   708 O  OE1 . GLN A 1 90 ? -9.29066  -7.73097  17.44408  1.000 32.30306 ? 342 GLN A OE1 1 
ATOM   709 N  NE2 . GLN A 1 90 ? -11.03649 -7.97604  16.06170  1.000 24.43833 ? 342 GLN A NE2 1 
ATOM   710 N  N   . GLU A 1 91 ? -7.78069  -5.36188  16.04992  1.000 27.39586 ? 343 GLU A N   1 
ATOM   711 C  CA  . GLU A 1 91 ? -8.67334  -4.36315  16.63434  1.000 28.87394 ? 343 GLU A CA  1 
ATOM   712 C  C   . GLU A 1 91 ? -8.90427  -3.15230  15.73414  1.000 35.26954 ? 343 GLU A C   1 
ATOM   713 O  O   . GLU A 1 91 ? -9.94497  -2.49628  15.87148  1.000 31.61940 ? 343 GLU A O   1 
ATOM   714 C  CB  . GLU A 1 91 ? -8.11374  -3.91220  17.98513  1.000 27.84679 ? 343 GLU A CB  1 
ATOM   715 C  CG  . GLU A 1 91 ? -6.64724  -3.56497  17.91109  1.000 31.23721 ? 343 GLU A CG  1 
ATOM   716 C  CD  . GLU A 1 91 ? -5.91576  -3.49771  19.26070  1.000 31.34102 ? 343 GLU A CD  1 
ATOM   717 O  OE1 . GLU A 1 91 ? -5.67833  -2.36026  19.68744  1.000 43.00686 ? 343 GLU A OE1 1 
ATOM   718 O  OE2 . GLU A 1 91 ? -5.57886  -4.53105  19.88925  1.000 34.39598 ? 343 GLU A OE2 1 
ATOM   719 N  N   . PHE A 1 92 ? -7.97811  -2.85419  14.80118  1.000 26.46210 ? 344 PHE A N   1 
ATOM   720 C  CA  . PHE A 1 92 ? -8.03549  -1.66794  13.93140  1.000 27.16953 ? 344 PHE A CA  1 
ATOM   721 C  C   . PHE A 1 92 ? -8.88536  -1.90018  12.67920  1.000 34.78631 ? 344 PHE A C   1 
ATOM   722 O  O   . PHE A 1 92 ? -9.29111  -0.92733  12.01424  1.000 33.73149 ? 344 PHE A O   1 
ATOM   723 C  CB  . PHE A 1 92 ? -6.60101  -1.28471  13.50647  1.000 31.33048 ? 344 PHE A CB  1 
ATOM   724 C  CG  . PHE A 1 92 ? -6.50163  -0.22962  12.39611  1.000 30.66787 ? 344 PHE A CG  1 
ATOM   725 C  CD1 . PHE A 1 92 ? -6.26394  -0.59548  11.05574  1.000 25.79435 ? 344 PHE A CD1 1 
ATOM   726 C  CD2 . PHE A 1 92 ? -6.60775  1.11794   12.69799  1.000 39.24738 ? 344 PHE A CD2 1 
ATOM   727 C  CE1 . PHE A 1 92 ? -6.14990  0.38089   10.05064  1.000 30.29043 ? 344 PHE A CE1 1 
ATOM   728 C  CE2 . PHE A 1 92 ? -6.51154  2.09869   11.68011  1.000 41.77750 ? 344 PHE A CE2 1 
ATOM   729 C  CZ  . PHE A 1 92 ? -6.28158  1.72067   10.36358  1.000 31.99341 ? 344 PHE A CZ  1 
ATOM   730 N  N   . VAL A 1 93 ? -9.15744  -3.15928  12.34068  1.000 29.37525 ? 345 VAL A N   1 
ATOM   731 C  CA  . VAL A 1 93 ? -9.71796  -3.52688  11.04460  1.000 31.92762 ? 345 VAL A CA  1 
ATOM   732 C  C   . VAL A 1 93 ? -11.17215 -3.94688  11.24098  1.000 34.56392 ? 345 VAL A C   1 
ATOM   733 O  O   . VAL A 1 93 ? -11.46356 -5.05151  11.73933  1.000 30.55294 ? 345 VAL A O   1 
ATOM   734 C  CB  . VAL A 1 93 ? -8.89459  -4.62476  10.36584  1.000 30.20900 ? 345 VAL A CB  1 
ATOM   735 C  CG1 . VAL A 1 93 ? -9.58484  -5.09023  9.11357   1.000 26.26436 ? 345 VAL A CG1 1 
ATOM   736 C  CG2 . VAL A 1 93 ? -7.55733  -4.07336  10.04530  1.000 24.07820 ? 345 VAL A CG2 1 
ATOM   737 N  N   . ASP A 1 94 ? -12.07877 -3.04166  10.86565  1.000 33.61239 ? 346 ASP A N   1 
ATOM   738 C  CA  . ASP A 1 94 ? -13.53775 -3.27416  10.91195  1.000 37.32228 ? 346 ASP A CA  1 
ATOM   739 C  C   . ASP A 1 94 ? -13.99469 -4.61054  10.31258  1.000 33.29735 ? 346 ASP A C   1 
ATOM   740 O  O   . ASP A 1 94 ? -14.97019 -5.21068  10.82205  1.000 29.75759 ? 346 ASP A O   1 
ATOM   741 C  CB  . ASP A 1 94 ? -14.26869 -2.13660  10.19405  1.000 38.52679 ? 346 ASP A CB  1 
ATOM   742 C  CG  . ASP A 1 94 ? -14.51403 -0.94896  11.09466  1.000 55.46377 ? 346 ASP A CG  1 
ATOM   743 O  OD1 . ASP A 1 94 ? -15.63835 -0.83698  11.63708  1.000 58.56937 ? 346 ASP A OD1 1 
ATOM   744 O  OD2 . ASP A 1 94 ? -13.57003 -0.15215  11.28972  1.000 64.04920 ? 346 ASP A OD2 1 
ATOM   745 N  N   . ALA B 2 1  ? -9.64234  6.04643   -2.77552  1.000 25.00390 ? 1   ALA B N   1 
ATOM   746 C  CA  . ALA B 2 1  ? -8.94590  4.96716   -3.46903  1.000 20.02632 ? 1   ALA B CA  1 
ATOM   747 C  C   . ALA B 2 1  ? -9.95647  3.90676   -3.76800  1.000 20.62521 ? 1   ALA B C   1 
ATOM   748 O  O   . ALA B 2 1  ? -10.89323 3.70061   -2.97688  1.000 21.34055 ? 1   ALA B O   1 
ATOM   749 C  CB  . ALA B 2 1  ? -7.78433  4.43166   -2.61449  1.000 17.71686 ? 1   ALA B CB  1 
ATOM   750 N  N   . ARG B 2 2  ? -9.83680  3.23884   -4.90850  1.000 18.41682 ? 2   ARG B N   1 
ATOM   751 C  CA  . ARG B 2 2  ? -10.72925 2.13024   -5.22832  1.000 20.67039 ? 2   ARG B CA  1 
ATOM   752 C  C   . ARG B 2 2  ? -9.89198  1.00614   -5.78902  1.000 22.39303 ? 2   ARG B C   1 
ATOM   753 O  O   . ARG B 2 2  ? -8.77590  1.23998   -6.26224  1.000 18.21165 ? 2   ARG B O   1 
ATOM   754 C  CB  . ARG B 2 2  ? -11.80063 2.50507   -6.24739  1.000 22.75130 ? 2   ARG B CB  1 
ATOM   755 C  CG  . ARG B 2 2  ? -11.24378 3.32863   -7.41311  1.000 29.43663 ? 2   ARG B CG  1 
ATOM   756 C  CD  . ARG B 2 2  ? -12.27925 3.48680   -8.56744  1.000 30.59786 ? 2   ARG B CD  1 
ATOM   757 N  NE  . ARG B 2 2  ? -13.38954 4.34793   -8.18008  1.000 26.47707 ? 2   ARG B NE  1 
ATOM   758 C  CZ  . ARG B 2 2  ? -14.54720 4.39941   -8.84078  1.000 27.39958 ? 2   ARG B CZ  1 
ATOM   759 N  NH1 . ARG B 2 2  ? -14.73568 3.62713   -9.89915  1.000 23.76512 ? 2   ARG B NH1 1 
ATOM   760 N  NH2 . ARG B 2 2  ? -15.52611 5.18284   -8.41360  1.000 26.25493 ? 2   ARG B NH2 1 
ATOM   761 N  N   . THR B 2 3  ? -10.47257 -0.19381  -5.79585  1.000 25.44351 ? 3   THR B N   1 
ATOM   762 C  CA  . THR B 2 3  ? -9.78677  -1.37186  -6.33262  1.000 20.58517 ? 3   THR B CA  1 
ATOM   763 C  C   . THR B 2 3  ? -9.64841  -1.27818  -7.86509  1.000 29.07177 ? 3   THR B C   1 
ATOM   764 O  O   . THR B 2 3  ? -10.37885 -0.53730  -8.52899  1.000 25.01075 ? 3   THR B O   1 
ATOM   765 C  CB  . THR B 2 3  ? -10.54657 -2.62830  -5.87778  1.000 30.92561 ? 3   THR B CB  1 
ATOM   766 O  OG1 . THR B 2 3  ? -11.97761 -2.42997  -6.01084  1.000 29.18575 ? 3   THR B OG1 1 
ATOM   767 C  CG2 . THR B 2 3  ? -10.26884 -2.88816  -4.43112  1.000 27.72250 ? 3   THR B CG2 1 
ATOM   768 N  N   . LYS B 2 4  ? -8.63805  -1.95849  -8.42187  1.000 28.17823 ? 4   LYS B N   1 
ATOM   769 C  CA  . LYS B 2 4  ? -8.34833  -1.87792  -9.87618  1.000 32.75911 ? 4   LYS B CA  1 
ATOM   770 C  C   . LYS B 2 4  ? -9.04193  -3.03764  -10.49049 1.000 32.06089 ? 4   LYS B C   1 
ATOM   771 O  O   . LYS B 2 4  ? -9.01675  -4.08469  -9.85770  1.000 33.28660 ? 4   LYS B O   1 
ATOM   772 C  CB  . LYS B 2 4  ? -6.83755  -1.99177  -10.20714 1.000 36.42997 ? 4   LYS B CB  1 
ATOM   773 C  CG  . LYS B 2 4  ? -5.89282  -0.91579  -9.61649  1.000 38.46642 ? 4   LYS B CG  1 
ATOM   774 C  CD  . LYS B 2 4  ? -4.40826  -1.38573  -9.56451  1.000 31.86407 ? 4   LYS B CD  1 
ATOM   775 C  CE  . LYS B 2 4  ? -4.08348  -2.55827  -10.56247 1.000 43.35598 ? 4   LYS B CE  1 
ATOM   776 N  NZ  . LYS B 2 4  ? -3.89262  -2.09492  -11.98546 1.000 45.46599 ? 4   LYS B NZ  1 
HETATM 777 C  C1  . EDO C 3 .  ? 6.33177   -0.74721  8.00828   1.000 22.35901 ? 401 EDO A C1  1 
HETATM 778 O  O1  . EDO C 3 .  ? 5.42391   0.35145   8.19854   1.000 21.25685 ? 401 EDO A O1  1 
HETATM 779 C  C2  . EDO C 3 .  ? 7.46753   -0.37268  7.03657   1.000 21.71997 ? 401 EDO A C2  1 
HETATM 780 O  O2  . EDO C 3 .  ? 6.87677   0.02947   5.80716   1.000 22.64233 ? 401 EDO A O2  1 
HETATM 781 C  C1  . EDO D 3 .  ? -3.06783  -9.54793  15.87733  1.000 26.75961 ? 402 EDO A C1  1 
HETATM 782 O  O1  . EDO D 3 .  ? -4.13291  -8.73400  16.40396  1.000 29.44365 ? 402 EDO A O1  1 
HETATM 783 C  C2  . EDO D 3 .  ? -1.76951  -8.75167  15.72058  1.000 26.93512 ? 402 EDO A C2  1 
HETATM 784 O  O2  . EDO D 3 .  ? -0.73907  -9.57092  15.15199  1.000 39.15914 ? 402 EDO A O2  1 
HETATM 785 C  C1  . EDO E 3 .  ? 8.69695   -10.10618 -8.28266  1.000 25.31058 ? 403 EDO A C1  1 
HETATM 786 O  O1  . EDO E 3 .  ? 7.66132   -10.05445 -9.26910  1.000 33.47545 ? 403 EDO A O1  1 
HETATM 787 C  C2  . EDO E 3 .  ? 8.18033   -11.13851 -7.30747  1.000 30.20567 ? 403 EDO A C2  1 
HETATM 788 O  O2  . EDO E 3 .  ? 9.03961   -10.89355 -6.21122  1.000 25.14415 ? 403 EDO A O2  1 
HETATM 789 C  C1  . EDO F 3 .  ? 8.04786   0.58303   -10.53520 1.000 24.10880 ? 404 EDO A C1  1 
HETATM 790 O  O1  . EDO F 3 .  ? 6.85694   1.30823   -10.68083 1.000 30.03266 ? 404 EDO A O1  1 
HETATM 791 C  C2  . EDO F 3 .  ? 9.24781   1.55347   -10.54489 1.000 25.70658 ? 404 EDO A C2  1 
HETATM 792 O  O2  . EDO F 3 .  ? 10.25207  0.89312   -9.76690  1.000 40.30641 ? 404 EDO A O2  1 
HETATM 793 C  C1  . EDO G 3 .  ? -3.14651  -13.10741 1.84433   1.000 31.19906 ? 405 EDO A C1  1 
HETATM 794 O  O1  . EDO G 3 .  ? -3.66977  -14.37144 2.27292   1.000 31.13671 ? 405 EDO A O1  1 
HETATM 795 C  C2  . EDO G 3 .  ? -2.24075  -12.62227 2.96906   1.000 24.43267 ? 405 EDO A C2  1 
HETATM 796 O  O2  . EDO G 3 .  ? -3.04826  -12.04855 3.98741   1.000 24.53933 ? 405 EDO A O2  1 
HETATM 797 C  C1  . EDO H 3 .  ? 8.49865   -5.75499  6.59733   1.000 26.72192 ? 406 EDO A C1  1 
HETATM 798 O  O1  . EDO H 3 .  ? 8.34264   -6.68693  5.52479   1.000 25.71410 ? 406 EDO A O1  1 
HETATM 799 C  C2  . EDO H 3 .  ? 7.82188   -4.44311  6.22795   1.000 22.10489 ? 406 EDO A C2  1 
HETATM 800 O  O2  . EDO H 3 .  ? 8.74691   -3.62205  5.53786   1.000 23.76107 ? 406 EDO A O2  1 
HETATM 801 ZN ZN  . ZN  I 4 .  ? -2.15119  -5.97635  2.06161   1.000 17.55471 ? 407 ZN  A ZN  1 
HETATM 802 O  O   . HOH J 5 .  ? -3.31308  1.91948   -15.02608 1.000 34.30586 ? 501 HOH A O   1 
HETATM 803 O  O   . HOH J 5 .  ? -10.95823 7.36844   -5.02295  1.000 24.43061 ? 502 HOH A O   1 
HETATM 804 O  O   . HOH J 5 .  ? 10.59658  11.99193  3.33200   1.000 39.36401 ? 503 HOH A O   1 
HETATM 805 O  O   . HOH J 5 .  ? -4.60385  -1.26992  16.93906  1.000 19.79523 ? 504 HOH A O   1 
HETATM 806 O  O   . HOH J 5 .  ? -5.68112  -6.35001  18.07150  1.000 30.35046 ? 505 HOH A O   1 
HETATM 807 O  O   . HOH J 5 .  ? -3.79998  13.96006  1.06390   1.000 37.56116 ? 506 HOH A O   1 
HETATM 808 O  O   . HOH J 5 .  ? 2.07376   -7.52336  -4.65416  1.000 17.86078 ? 507 HOH A O   1 
HETATM 809 O  O   . HOH J 5 .  ? 8.61925   4.85484   -10.43808 1.000 27.17084 ? 508 HOH A O   1 
HETATM 810 O  O   . HOH J 5 .  ? -3.35003  3.74689   13.60345  1.000 38.17128 ? 509 HOH A O   1 
HETATM 811 O  O   . HOH J 5 .  ? -8.69150  7.12031   3.93877   1.000 22.95065 ? 510 HOH A O   1 
HETATM 812 O  O   . HOH J 5 .  ? -11.75077 5.68268   -0.55701  1.000 29.31919 ? 511 HOH A O   1 
HETATM 813 O  O   . HOH J 5 .  ? -11.09189 8.59409   -1.70396  1.000 31.63585 ? 512 HOH A O   1 
HETATM 814 O  O   . HOH J 5 .  ? -12.61815 -3.17637  7.20348   1.000 32.01604 ? 513 HOH A O   1 
HETATM 815 O  O   . HOH J 5 .  ? 12.71168  -5.91165  -0.76174  1.000 20.24563 ? 514 HOH A O   1 
HETATM 816 O  O   . HOH J 5 .  ? -10.61176 -7.64885  11.29971  1.000 29.47510 ? 515 HOH A O   1 
HETATM 817 O  O   . HOH J 5 .  ? -0.48235  -16.24671 6.24497   1.000 27.12259 ? 516 HOH A O   1 
HETATM 818 O  O   . HOH J 5 .  ? -5.28260  10.58150  -8.08521  1.000 22.92895 ? 517 HOH A O   1 
HETATM 819 O  O   . HOH J 5 .  ? 4.86664   7.54746   -13.76350 1.000 24.97439 ? 518 HOH A O   1 
HETATM 820 O  O   . HOH J 5 .  ? 6.31055   4.97926   -14.44344 1.000 30.21897 ? 519 HOH A O   1 
HETATM 821 O  O   . HOH J 5 .  ? -9.70023  -9.07849  9.45306   1.000 24.95532 ? 520 HOH A O   1 
HETATM 822 O  O   . HOH J 5 .  ? 7.12938   -13.00482 -5.04520  1.000 21.86105 ? 521 HOH A O   1 
HETATM 823 O  O   . HOH J 5 .  ? 1.59565   -15.15916 14.45200  1.000 41.73074 ? 522 HOH A O   1 
HETATM 824 O  O   . HOH J 5 .  ? 0.46855   6.86017   -16.47927 1.000 29.84439 ? 523 HOH A O   1 
HETATM 825 O  O   . HOH J 5 .  ? -7.02895  -6.09214  -6.17478  1.000 31.99163 ? 524 HOH A O   1 
HETATM 826 O  O   . HOH J 5 .  ? -11.50496 -0.68796  9.01935   1.000 40.37963 ? 525 HOH A O   1 
HETATM 827 O  O   . HOH J 5 .  ? 14.94576  3.53502   -1.02925  1.000 26.75264 ? 526 HOH A O   1 
HETATM 828 O  O   . HOH J 5 .  ? -3.87778  5.56039   10.83025  1.000 40.59250 ? 527 HOH A O   1 
HETATM 829 O  O   . HOH J 5 .  ? 9.02164   11.87745  -1.33969  1.000 39.76861 ? 528 HOH A O   1 
HETATM 830 O  O   . HOH J 5 .  ? 3.62102   13.40582  -4.23401  1.000 40.77184 ? 529 HOH A O   1 
HETATM 831 O  O   . HOH J 5 .  ? -10.57335 -8.85287  0.75223   1.000 35.33381 ? 530 HOH A O   1 
HETATM 832 O  O   . HOH J 5 .  ? -4.39503  -13.07970 -1.64605  1.000 40.02500 ? 531 HOH A O   1 
HETATM 833 O  O   . HOH K 5 .  ? -13.16145 6.34379   -6.42191  1.000 32.66473 ? 101 HOH B O   1 
HETATM 834 O  O   . HOH K 5 .  ? -10.37552 1.50257   -10.56802 1.000 35.34925 ? 102 HOH B O   1 
HETATM 835 O  O   . HOH K 5 .  ? -15.28424 5.72549   -5.33209  1.000 30.05684 ? 103 HOH B O   1 
# 
loop_
_pdbx_poly_seq_scheme.asym_id 
_pdbx_poly_seq_scheme.entity_id 
_pdbx_poly_seq_scheme.seq_id 
_pdbx_poly_seq_scheme.mon_id 
_pdbx_poly_seq_scheme.ndb_seq_num 
_pdbx_poly_seq_scheme.pdb_seq_num 
_pdbx_poly_seq_scheme.auth_seq_num 
_pdbx_poly_seq_scheme.pdb_mon_id 
_pdbx_poly_seq_scheme.auth_mon_id 
_pdbx_poly_seq_scheme.pdb_strand_id 
_pdbx_poly_seq_scheme.pdb_ins_code 
_pdbx_poly_seq_scheme.hetero 
A 1 1  GLY 1  253 ?   ?   ?   A . n 
A 1 2  PRO 2  254 ?   ?   ?   A . n 
A 1 3  LEU 3  255 ?   ?   ?   A . n 
A 1 4  GLY 4  256 ?   ?   ?   A . n 
A 1 5  SER 5  257 257 SER SER A . n 
A 1 6  PRO 6  258 258 PRO PRO A . n 
A 1 7  GLU 7  259 259 GLU GLU A . n 
A 1 8  PHE 8  260 260 PHE PHE A . n 
A 1 9  ILE 9  261 261 ILE ILE A . n 
A 1 10 SER 10 262 262 SER SER A . n 
A 1 11 ASN 11 263 263 ASN ASN A . n 
A 1 12 LEU 12 264 264 LEU LEU A . n 
A 1 13 SER 13 265 265 SER SER A . n 
A 1 14 MET 14 266 266 MET MET A . n 
A 1 15 GLN 15 267 267 GLN GLN A . n 
A 1 16 THR 16 268 268 THR THR A . n 
A 1 17 HIS 17 269 269 HIS HIS A . n 
A 1 18 ALA 18 270 270 ALA ALA A . n 
A 1 19 ALA 19 271 271 ALA ALA A . n 
A 1 20 ARG 20 272 272 ARG ARG A . n 
A 1 21 MET 21 273 273 MET MET A . n 
A 1 22 ARG 22 274 274 ARG ARG A . n 
A 1 23 THR 23 275 275 THR THR A . n 
A 1 24 PHE 24 276 276 PHE PHE A . n 
A 1 25 MET 25 277 277 MET MET A . n 
A 1 26 TYR 26 278 278 TYR TYR A . n 
A 1 27 TRP 27 279 279 TRP TRP A . n 
A 1 28 PRO 28 280 280 PRO PRO A . n 
A 1 29 SER 29 281 281 SER SER A . n 
A 1 30 SER 30 282 282 SER SER A . n 
A 1 31 VAL 31 283 283 VAL VAL A . n 
A 1 32 PRO 32 284 284 PRO PRO A . n 
A 1 33 VAL 33 285 285 VAL VAL A . n 
A 1 34 GLN 34 286 286 GLN GLN A . n 
A 1 35 PRO 35 287 287 PRO PRO A . n 
A 1 36 GLU 36 288 288 GLU GLU A . n 
A 1 37 GLN 37 289 289 GLN GLN A . n 
A 1 38 LEU 38 290 290 LEU LEU A . n 
A 1 39 ALA 39 291 291 ALA ALA A . n 
A 1 40 SER 40 292 292 SER SER A . n 
A 1 41 ALA 41 293 293 ALA ALA A . n 
A 1 42 GLY 42 294 294 GLY GLY A . n 
A 1 43 PHE 43 295 295 PHE PHE A . n 
A 1 44 TYR 44 296 296 TYR TYR A . n 
A 1 45 TYR 45 297 297 TYR TYR A . n 
A 1 46 VAL 46 298 298 VAL VAL A . n 
A 1 47 GLY 47 299 299 GLY GLY A . n 
A 1 48 ARG 48 300 300 ARG ARG A . n 
A 1 49 ASN 49 301 301 ASN ASN A . n 
A 1 50 ASP 50 302 302 ASP ASP A . n 
A 1 51 ASP 51 303 303 ASP ASP A . n 
A 1 52 VAL 52 304 304 VAL VAL A . n 
A 1 53 LYS 53 305 305 LYS LYS A . n 
A 1 54 CYS 54 306 306 CYS CYS A . n 
A 1 55 PHE 55 307 307 PHE PHE A . n 
A 1 56 CYS 56 308 308 CYS CYS A . n 
A 1 57 CYS 57 309 309 CYS CYS A . n 
A 1 58 ASP 58 310 310 ASP ASP A . n 
A 1 59 GLY 59 311 311 GLY GLY A . n 
A 1 60 GLY 60 312 312 GLY GLY A . n 
A 1 61 LEU 61 313 313 LEU LEU A . n 
A 1 62 ARG 62 314 314 ARG ARG A . n 
A 1 63 CYS 63 315 315 CYS CYS A . n 
A 1 64 TRP 64 316 316 TRP TRP A . n 
A 1 65 GLU 65 317 317 GLU GLU A . n 
A 1 66 SER 66 318 318 SER SER A . n 
A 1 67 GLY 67 319 319 GLY GLY A . n 
A 1 68 ASP 68 320 320 ASP ASP A . n 
A 1 69 ASP 69 321 321 ASP ASP A . n 
A 1 70 PRO 70 322 322 PRO PRO A . n 
A 1 71 TRP 71 323 323 TRP TRP A . n 
A 1 72 VAL 72 324 324 VAL VAL A . n 
A 1 73 GLU 73 325 325 GLU GLU A . n 
A 1 74 HIS 74 326 326 HIS HIS A . n 
A 1 75 ALA 75 327 327 ALA ALA A . n 
A 1 76 LYS 76 328 328 LYS LYS A . n 
A 1 77 TRP 77 329 329 TRP TRP A . n 
A 1 78 PHE 78 330 330 PHE PHE A . n 
A 1 79 PRO 79 331 331 PRO PRO A . n 
A 1 80 ARG 80 332 332 ARG ARG A . n 
A 1 81 CYS 81 333 333 CYS CYS A . n 
A 1 82 GLU 82 334 334 GLU GLU A . n 
A 1 83 PHE 83 335 335 PHE PHE A . n 
A 1 84 LEU 84 336 336 LEU LEU A . n 
A 1 85 ILE 85 337 337 ILE ILE A . n 
A 1 86 ARG 86 338 338 ARG ARG A . n 
A 1 87 MET 87 339 339 MET MET A . n 
A 1 88 LYS 88 340 340 LYS LYS A . n 
A 1 89 GLY 89 341 341 GLY GLY A . n 
A 1 90 GLN 90 342 342 GLN GLN A . n 
A 1 91 GLU 91 343 343 GLU GLU A . n 
A 1 92 PHE 92 344 344 PHE PHE A . n 
A 1 93 VAL 93 345 345 VAL VAL A . n 
A 1 94 ASP 94 346 346 ASP ASP A . n 
B 2 1  ALA 1  1   1   ALA ALA B . n 
B 2 2  ARG 2  2   2   ARG ARG B . n 
B 2 3  THR 3  3   3   THR THR B . n 
B 2 4  LYS 4  4   4   LYS LYS B . n 
B 2 5  GLN 5  5   ?   ?   ?   B . n 
B 2 6  THR 6  6   ?   ?   ?   B . n 
B 2 7  ALA 7  7   ?   ?   ?   B . n 
B 2 8  ARG 8  8   ?   ?   ?   B . n 
B 2 9  LYS 9  9   ?   ?   ?   B . n 
B 2 10 SER 10 10  ?   ?   ?   B . n 
B 2 11 THR 11 11  ?   ?   ?   B . n 
B 2 12 GLY 12 12  ?   ?   ?   B . n 
# 
_pdbx_contact_author.id                 3 
_pdbx_contact_author.email              tatiana.kutateladze@cuanschutz.edu 
_pdbx_contact_author.name_first         Tatiana 
_pdbx_contact_author.name_last          Kutateladze 
_pdbx_contact_author.name_mi            ? 
_pdbx_contact_author.role               'principal investigator/group leader' 
_pdbx_contact_author.identifier_ORCID   0000-0001-7375-6990 
# 
loop_
_pdbx_nonpoly_scheme.asym_id 
_pdbx_nonpoly_scheme.entity_id 
_pdbx_nonpoly_scheme.mon_id 
_pdbx_nonpoly_scheme.ndb_seq_num 
_pdbx_nonpoly_scheme.pdb_seq_num 
_pdbx_nonpoly_scheme.auth_seq_num 
_pdbx_nonpoly_scheme.pdb_mon_id 
_pdbx_nonpoly_scheme.auth_mon_id 
_pdbx_nonpoly_scheme.pdb_strand_id 
_pdbx_nonpoly_scheme.pdb_ins_code 
C 3 EDO 1  401 1  EDO EDO A . 
D 3 EDO 1  402 2  EDO EDO A . 
E 3 EDO 1  403 3  EDO EDO A . 
F 3 EDO 1  404 4  EDO EDO A . 
G 3 EDO 1  405 5  EDO EDO A . 
H 3 EDO 1  406 6  EDO EDO A . 
I 4 ZN  1  407 1  ZN  ZN  A . 
J 5 HOH 1  501 12 HOH HOH A . 
J 5 HOH 2  502 10 HOH HOH A . 
J 5 HOH 3  503 32 HOH HOH A . 
J 5 HOH 4  504 7  HOH HOH A . 
J 5 HOH 5  505 8  HOH HOH A . 
J 5 HOH 6  506 5  HOH HOH A . 
J 5 HOH 7  507 1  HOH HOH A . 
J 5 HOH 8  508 9  HOH HOH A . 
J 5 HOH 9  509 30 HOH HOH A . 
J 5 HOH 10 510 17 HOH HOH A . 
J 5 HOH 11 511 16 HOH HOH A . 
J 5 HOH 12 512 15 HOH HOH A . 
J 5 HOH 13 513 28 HOH HOH A . 
J 5 HOH 14 514 3  HOH HOH A . 
J 5 HOH 15 515 23 HOH HOH A . 
J 5 HOH 16 516 6  HOH HOH A . 
J 5 HOH 17 517 11 HOH HOH A . 
J 5 HOH 18 518 4  HOH HOH A . 
J 5 HOH 19 519 19 HOH HOH A . 
J 5 HOH 20 520 14 HOH HOH A . 
J 5 HOH 21 521 2  HOH HOH A . 
J 5 HOH 22 522 34 HOH HOH A . 
J 5 HOH 23 523 13 HOH HOH A . 
J 5 HOH 24 524 21 HOH HOH A . 
J 5 HOH 25 525 22 HOH HOH A . 
J 5 HOH 26 526 18 HOH HOH A . 
J 5 HOH 27 527 31 HOH HOH A . 
J 5 HOH 28 528 33 HOH HOH A . 
J 5 HOH 29 529 24 HOH HOH A . 
J 5 HOH 30 530 29 HOH HOH A . 
J 5 HOH 31 531 20 HOH HOH A . 
K 5 HOH 1  101 25 HOH HOH B . 
K 5 HOH 2  102 27 HOH HOH B . 
K 5 HOH 3  103 26 HOH HOH B . 
# 
_pdbx_struct_assembly.id                   1 
_pdbx_struct_assembly.details              author_and_software_defined_assembly 
_pdbx_struct_assembly.method_details       PISA 
_pdbx_struct_assembly.oligomeric_details   dimeric 
_pdbx_struct_assembly.oligomeric_count     2 
# 
_pdbx_struct_assembly_gen.assembly_id       1 
_pdbx_struct_assembly_gen.oper_expression   1 
_pdbx_struct_assembly_gen.asym_id_list      A,B,C,D,E,F,G,H,I,J,K 
# 
loop_
_pdbx_struct_assembly_prop.biol_id 
_pdbx_struct_assembly_prop.type 
_pdbx_struct_assembly_prop.value 
_pdbx_struct_assembly_prop.details 
1 'ABSA (A^2)' 1240 ? 
1 MORE         2    ? 
1 'SSA (A^2)'  6170 ? 
# 
_pdbx_struct_oper_list.id                   1 
_pdbx_struct_oper_list.type                 'identity operation' 
_pdbx_struct_oper_list.name                 1_555 
_pdbx_struct_oper_list.symmetry_operation   x,y,z 
_pdbx_struct_oper_list.matrix[1][1]         1.0000000000 
_pdbx_struct_oper_list.matrix[1][2]         0.0000000000 
_pdbx_struct_oper_list.matrix[1][3]         0.0000000000 
_pdbx_struct_oper_list.vector[1]            0.0000000000 
_pdbx_struct_oper_list.matrix[2][1]         0.0000000000 
_pdbx_struct_oper_list.matrix[2][2]         1.0000000000 
_pdbx_struct_oper_list.matrix[2][3]         0.0000000000 
_pdbx_struct_oper_list.vector[2]            0.0000000000 
_pdbx_struct_oper_list.matrix[3][1]         0.0000000000 
_pdbx_struct_oper_list.matrix[3][2]         0.0000000000 
_pdbx_struct_oper_list.matrix[3][3]         1.0000000000 
_pdbx_struct_oper_list.vector[3]            0.0000000000 
# 
loop_
_pdbx_struct_conn_angle.id 
_pdbx_struct_conn_angle.ptnr1_label_atom_id 
_pdbx_struct_conn_angle.ptnr1_label_alt_id 
_pdbx_struct_conn_angle.ptnr1_label_asym_id 
_pdbx_struct_conn_angle.ptnr1_label_comp_id 
_pdbx_struct_conn_angle.ptnr1_label_seq_id 
_pdbx_struct_conn_angle.ptnr1_auth_atom_id 
_pdbx_struct_conn_angle.ptnr1_auth_asym_id 
_pdbx_struct_conn_angle.ptnr1_auth_comp_id 
_pdbx_struct_conn_angle.ptnr1_auth_seq_id 
_pdbx_struct_conn_angle.ptnr1_PDB_ins_code 
_pdbx_struct_conn_angle.ptnr1_symmetry 
_pdbx_struct_conn_angle.ptnr2_label_atom_id 
_pdbx_struct_conn_angle.ptnr2_label_alt_id 
_pdbx_struct_conn_angle.ptnr2_label_asym_id 
_pdbx_struct_conn_angle.ptnr2_label_comp_id 
_pdbx_struct_conn_angle.ptnr2_label_seq_id 
_pdbx_struct_conn_angle.ptnr2_auth_atom_id 
_pdbx_struct_conn_angle.ptnr2_auth_asym_id 
_pdbx_struct_conn_angle.ptnr2_auth_comp_id 
_pdbx_struct_conn_angle.ptnr2_auth_seq_id 
_pdbx_struct_conn_angle.ptnr2_PDB_ins_code 
_pdbx_struct_conn_angle.ptnr2_symmetry 
_pdbx_struct_conn_angle.ptnr3_label_atom_id 
_pdbx_struct_conn_angle.ptnr3_label_alt_id 
_pdbx_struct_conn_angle.ptnr3_label_asym_id 
_pdbx_struct_conn_angle.ptnr3_label_comp_id 
_pdbx_struct_conn_angle.ptnr3_label_seq_id 
_pdbx_struct_conn_angle.ptnr3_auth_atom_id 
_pdbx_struct_conn_angle.ptnr3_auth_asym_id 
_pdbx_struct_conn_angle.ptnr3_auth_comp_id 
_pdbx_struct_conn_angle.ptnr3_auth_seq_id 
_pdbx_struct_conn_angle.ptnr3_PDB_ins_code 
_pdbx_struct_conn_angle.ptnr3_symmetry 
_pdbx_struct_conn_angle.value 
_pdbx_struct_conn_angle.value_esd 
1 SG  ? A CYS 54 ? A CYS 306 ? 1_555 ZN ? I ZN . ? A ZN 407 ? 1_555 SG  ? A CYS 57 ? A CYS 309 ? 1_555 107.6 ? 
2 SG  ? A CYS 54 ? A CYS 306 ? 1_555 ZN ? I ZN . ? A ZN 407 ? 1_555 NE2 ? A HIS 74 ? A HIS 326 ? 1_555 99.6  ? 
3 SG  ? A CYS 57 ? A CYS 309 ? 1_555 ZN ? I ZN . ? A ZN 407 ? 1_555 NE2 ? A HIS 74 ? A HIS 326 ? 1_555 120.5 ? 
4 SG  ? A CYS 54 ? A CYS 306 ? 1_555 ZN ? I ZN . ? A ZN 407 ? 1_555 SG  ? A CYS 81 ? A CYS 333 ? 1_555 112.8 ? 
5 SG  ? A CYS 57 ? A CYS 309 ? 1_555 ZN ? I ZN . ? A ZN 407 ? 1_555 SG  ? A CYS 81 ? A CYS 333 ? 1_555 111.7 ? 
6 NE2 ? A HIS 74 ? A HIS 326 ? 1_555 ZN ? I ZN . ? A ZN 407 ? 1_555 SG  ? A CYS 81 ? A CYS 333 ? 1_555 104.2 ? 
# 
loop_
_pdbx_audit_revision_history.ordinal 
_pdbx_audit_revision_history.data_content_type 
_pdbx_audit_revision_history.major_revision 
_pdbx_audit_revision_history.minor_revision 
_pdbx_audit_revision_history.revision_date 
1 'Structure model' 1 0 2023-08-02 
2 'Structure model' 1 1 2023-08-16 
3 'Structure model' 1 2 2023-09-20 
# 
_pdbx_audit_revision_details.ordinal             1 
_pdbx_audit_revision_details.revision_ordinal    1 
_pdbx_audit_revision_details.data_content_type   'Structure model' 
_pdbx_audit_revision_details.provider            repository 
_pdbx_audit_revision_details.type                'Initial release' 
_pdbx_audit_revision_details.description         ? 
_pdbx_audit_revision_details.details             ? 
# 
loop_
_pdbx_audit_revision_group.ordinal 
_pdbx_audit_revision_group.revision_ordinal 
_pdbx_audit_revision_group.data_content_type 
_pdbx_audit_revision_group.group 
1 2 'Structure model' 'Data collection'     
2 2 'Structure model' 'Database references' 
3 3 'Structure model' 'Database references' 
# 
loop_
_pdbx_audit_revision_category.ordinal 
_pdbx_audit_revision_category.revision_ordinal 
_pdbx_audit_revision_category.data_content_type 
_pdbx_audit_revision_category.category 
1 2 'Structure model' chem_comp_atom  
2 2 'Structure model' chem_comp_bond  
3 2 'Structure model' citation        
4 2 'Structure model' citation_author 
5 3 'Structure model' citation        
6 3 'Structure model' citation_author 
# 
loop_
_pdbx_audit_revision_item.ordinal 
_pdbx_audit_revision_item.revision_ordinal 
_pdbx_audit_revision_item.data_content_type 
_pdbx_audit_revision_item.item 
1 2 'Structure model' '_citation.pdbx_database_id_PubMed' 
2 2 'Structure model' '_citation.title'                   
3 2 'Structure model' '_citation_author.identifier_ORCID' 
4 3 'Structure model' '_citation.journal_volume'          
5 3 'Structure model' '_citation.page_first'              
6 3 'Structure model' '_citation.page_last'               
7 3 'Structure model' '_citation_author.identifier_ORCID' 
# 
loop_
_space_group_symop.id 
_space_group_symop.operation_xyz 
1 x,y,z       
2 -x,y+1/2,-z 
# 
loop_
_software.citation_id 
_software.classification 
_software.compiler_name 
_software.compiler_version 
_software.contact_author 
_software.contact_author_email 
_software.date 
_software.description 
_software.dependencies 
_software.hardware 
_software.language 
_software.location 
_software.mods 
_software.name 
_software.os 
_software.os_version 
_software.type 
_software.version 
_software.pdbx_ordinal 
? refinement       ? ? ? ? ? ? ? ? ? ? ? PHENIX   ? ? ? 1.17.1_3660 1 
? 'data reduction' ? ? ? ? ? ? ? ? ? ? ? HKL-3000 ? ? ? .           2 
? 'data scaling'   ? ? ? ? ? ? ? ? ? ? ? HKL-3000 ? ? ? .           3 
? phasing          ? ? ? ? ? ? ? ? ? ? ? PHENIX   ? ? ? .           4 
# 
_pdbx_entry_details.entry_id                 7TRL 
_pdbx_entry_details.has_ligand_of_interest   N 
_pdbx_entry_details.compound_details         ? 
_pdbx_entry_details.source_details           ? 
_pdbx_entry_details.nonpolymer_details       ? 
_pdbx_entry_details.sequence_details         ? 
# 
loop_
_pdbx_validate_torsion.id 
_pdbx_validate_torsion.PDB_model_num 
_pdbx_validate_torsion.auth_comp_id 
_pdbx_validate_torsion.auth_asym_id 
_pdbx_validate_torsion.auth_seq_id 
_pdbx_validate_torsion.PDB_ins_code 
_pdbx_validate_torsion.label_alt_id 
_pdbx_validate_torsion.phi 
_pdbx_validate_torsion.psi 
1 1 ASN A 301 ? ? 50.89  -133.50 
2 1 CYS A 308 ? ? -91.38 -65.26  
# 
loop_
_pdbx_unobs_or_zero_occ_residues.id 
_pdbx_unobs_or_zero_occ_residues.PDB_model_num 
_pdbx_unobs_or_zero_occ_residues.polymer_flag 
_pdbx_unobs_or_zero_occ_residues.occupancy_flag 
_pdbx_unobs_or_zero_occ_residues.auth_asym_id 
_pdbx_unobs_or_zero_occ_residues.auth_comp_id 
_pdbx_unobs_or_zero_occ_residues.auth_seq_id 
_pdbx_unobs_or_zero_occ_residues.PDB_ins_code 
_pdbx_unobs_or_zero_occ_residues.label_asym_id 
_pdbx_unobs_or_zero_occ_residues.label_comp_id 
_pdbx_unobs_or_zero_occ_residues.label_seq_id 
1  1 Y 1 A GLY 253 ? A GLY 1  
2  1 Y 1 A PRO 254 ? A PRO 2  
3  1 Y 1 A LEU 255 ? A LEU 3  
4  1 Y 1 A GLY 256 ? A GLY 4  
5  1 Y 1 B GLN 5   ? B GLN 5  
6  1 Y 1 B THR 6   ? B THR 6  
7  1 Y 1 B ALA 7   ? B ALA 7  
8  1 Y 1 B ARG 8   ? B ARG 8  
9  1 Y 1 B LYS 9   ? B LYS 9  
10 1 Y 1 B SER 10  ? B SER 10 
11 1 Y 1 B THR 11  ? B THR 11 
12 1 Y 1 B GLY 12  ? B GLY 12 
# 
loop_
_chem_comp_atom.comp_id 
_chem_comp_atom.atom_id 
_chem_comp_atom.type_symbol 
_chem_comp_atom.pdbx_aromatic_flag 
_chem_comp_atom.pdbx_stereo_config 
_chem_comp_atom.pdbx_ordinal 
ALA N    N  N N 1   
ALA CA   C  N S 2   
ALA C    C  N N 3   
ALA O    O  N N 4   
ALA CB   C  N N 5   
ALA OXT  O  N N 6   
ALA H    H  N N 7   
ALA H2   H  N N 8   
ALA HA   H  N N 9   
ALA HB1  H  N N 10  
ALA HB2  H  N N 11  
ALA HB3  H  N N 12  
ALA HXT  H  N N 13  
ARG N    N  N N 14  
ARG CA   C  N S 15  
ARG C    C  N N 16  
ARG O    O  N N 17  
ARG CB   C  N N 18  
ARG CG   C  N N 19  
ARG CD   C  N N 20  
ARG NE   N  N N 21  
ARG CZ   C  N N 22  
ARG NH1  N  N N 23  
ARG NH2  N  N N 24  
ARG OXT  O  N N 25  
ARG H    H  N N 26  
ARG H2   H  N N 27  
ARG HA   H  N N 28  
ARG HB2  H  N N 29  
ARG HB3  H  N N 30  
ARG HG2  H  N N 31  
ARG HG3  H  N N 32  
ARG HD2  H  N N 33  
ARG HD3  H  N N 34  
ARG HE   H  N N 35  
ARG HH11 H  N N 36  
ARG HH12 H  N N 37  
ARG HH21 H  N N 38  
ARG HH22 H  N N 39  
ARG HXT  H  N N 40  
ASN N    N  N N 41  
ASN CA   C  N S 42  
ASN C    C  N N 43  
ASN O    O  N N 44  
ASN CB   C  N N 45  
ASN CG   C  N N 46  
ASN OD1  O  N N 47  
ASN ND2  N  N N 48  
ASN OXT  O  N N 49  
ASN H    H  N N 50  
ASN H2   H  N N 51  
ASN HA   H  N N 52  
ASN HB2  H  N N 53  
ASN HB3  H  N N 54  
ASN HD21 H  N N 55  
ASN HD22 H  N N 56  
ASN HXT  H  N N 57  
ASP N    N  N N 58  
ASP CA   C  N S 59  
ASP C    C  N N 60  
ASP O    O  N N 61  
ASP CB   C  N N 62  
ASP CG   C  N N 63  
ASP OD1  O  N N 64  
ASP OD2  O  N N 65  
ASP OXT  O  N N 66  
ASP H    H  N N 67  
ASP H2   H  N N 68  
ASP HA   H  N N 69  
ASP HB2  H  N N 70  
ASP HB3  H  N N 71  
ASP HD2  H  N N 72  
ASP HXT  H  N N 73  
CYS N    N  N N 74  
CYS CA   C  N R 75  
CYS C    C  N N 76  
CYS O    O  N N 77  
CYS CB   C  N N 78  
CYS SG   S  N N 79  
CYS OXT  O  N N 80  
CYS H    H  N N 81  
CYS H2   H  N N 82  
CYS HA   H  N N 83  
CYS HB2  H  N N 84  
CYS HB3  H  N N 85  
CYS HG   H  N N 86  
CYS HXT  H  N N 87  
EDO C1   C  N N 88  
EDO O1   O  N N 89  
EDO C2   C  N N 90  
EDO O2   O  N N 91  
EDO H11  H  N N 92  
EDO H12  H  N N 93  
EDO HO1  H  N N 94  
EDO H21  H  N N 95  
EDO H22  H  N N 96  
EDO HO2  H  N N 97  
GLN N    N  N N 98  
GLN CA   C  N S 99  
GLN C    C  N N 100 
GLN O    O  N N 101 
GLN CB   C  N N 102 
GLN CG   C  N N 103 
GLN CD   C  N N 104 
GLN OE1  O  N N 105 
GLN NE2  N  N N 106 
GLN OXT  O  N N 107 
GLN H    H  N N 108 
GLN H2   H  N N 109 
GLN HA   H  N N 110 
GLN HB2  H  N N 111 
GLN HB3  H  N N 112 
GLN HG2  H  N N 113 
GLN HG3  H  N N 114 
GLN HE21 H  N N 115 
GLN HE22 H  N N 116 
GLN HXT  H  N N 117 
GLU N    N  N N 118 
GLU CA   C  N S 119 
GLU C    C  N N 120 
GLU O    O  N N 121 
GLU CB   C  N N 122 
GLU CG   C  N N 123 
GLU CD   C  N N 124 
GLU OE1  O  N N 125 
GLU OE2  O  N N 126 
GLU OXT  O  N N 127 
GLU H    H  N N 128 
GLU H2   H  N N 129 
GLU HA   H  N N 130 
GLU HB2  H  N N 131 
GLU HB3  H  N N 132 
GLU HG2  H  N N 133 
GLU HG3  H  N N 134 
GLU HE2  H  N N 135 
GLU HXT  H  N N 136 
GLY N    N  N N 137 
GLY CA   C  N N 138 
GLY C    C  N N 139 
GLY O    O  N N 140 
GLY OXT  O  N N 141 
GLY H    H  N N 142 
GLY H2   H  N N 143 
GLY HA2  H  N N 144 
GLY HA3  H  N N 145 
GLY HXT  H  N N 146 
HIS N    N  N N 147 
HIS CA   C  N S 148 
HIS C    C  N N 149 
HIS O    O  N N 150 
HIS CB   C  N N 151 
HIS CG   C  Y N 152 
HIS ND1  N  Y N 153 
HIS CD2  C  Y N 154 
HIS CE1  C  Y N 155 
HIS NE2  N  Y N 156 
HIS OXT  O  N N 157 
HIS H    H  N N 158 
HIS H2   H  N N 159 
HIS HA   H  N N 160 
HIS HB2  H  N N 161 
HIS HB3  H  N N 162 
HIS HD1  H  N N 163 
HIS HD2  H  N N 164 
HIS HE1  H  N N 165 
HIS HE2  H  N N 166 
HIS HXT  H  N N 167 
HOH O    O  N N 168 
HOH H1   H  N N 169 
HOH H2   H  N N 170 
ILE N    N  N N 171 
ILE CA   C  N S 172 
ILE C    C  N N 173 
ILE O    O  N N 174 
ILE CB   C  N S 175 
ILE CG1  C  N N 176 
ILE CG2  C  N N 177 
ILE CD1  C  N N 178 
ILE OXT  O  N N 179 
ILE H    H  N N 180 
ILE H2   H  N N 181 
ILE HA   H  N N 182 
ILE HB   H  N N 183 
ILE HG12 H  N N 184 
ILE HG13 H  N N 185 
ILE HG21 H  N N 186 
ILE HG22 H  N N 187 
ILE HG23 H  N N 188 
ILE HD11 H  N N 189 
ILE HD12 H  N N 190 
ILE HD13 H  N N 191 
ILE HXT  H  N N 192 
LEU N    N  N N 193 
LEU CA   C  N S 194 
LEU C    C  N N 195 
LEU O    O  N N 196 
LEU CB   C  N N 197 
LEU CG   C  N N 198 
LEU CD1  C  N N 199 
LEU CD2  C  N N 200 
LEU OXT  O  N N 201 
LEU H    H  N N 202 
LEU H2   H  N N 203 
LEU HA   H  N N 204 
LEU HB2  H  N N 205 
LEU HB3  H  N N 206 
LEU HG   H  N N 207 
LEU HD11 H  N N 208 
LEU HD12 H  N N 209 
LEU HD13 H  N N 210 
LEU HD21 H  N N 211 
LEU HD22 H  N N 212 
LEU HD23 H  N N 213 
LEU HXT  H  N N 214 
LYS N    N  N N 215 
LYS CA   C  N S 216 
LYS C    C  N N 217 
LYS O    O  N N 218 
LYS CB   C  N N 219 
LYS CG   C  N N 220 
LYS CD   C  N N 221 
LYS CE   C  N N 222 
LYS NZ   N  N N 223 
LYS OXT  O  N N 224 
LYS H    H  N N 225 
LYS H2   H  N N 226 
LYS HA   H  N N 227 
LYS HB2  H  N N 228 
LYS HB3  H  N N 229 
LYS HG2  H  N N 230 
LYS HG3  H  N N 231 
LYS HD2  H  N N 232 
LYS HD3  H  N N 233 
LYS HE2  H  N N 234 
LYS HE3  H  N N 235 
LYS HZ1  H  N N 236 
LYS HZ2  H  N N 237 
LYS HZ3  H  N N 238 
LYS HXT  H  N N 239 
MET N    N  N N 240 
MET CA   C  N S 241 
MET C    C  N N 242 
MET O    O  N N 243 
MET CB   C  N N 244 
MET CG   C  N N 245 
MET SD   S  N N 246 
MET CE   C  N N 247 
MET OXT  O  N N 248 
MET H    H  N N 249 
MET H2   H  N N 250 
MET HA   H  N N 251 
MET HB2  H  N N 252 
MET HB3  H  N N 253 
MET HG2  H  N N 254 
MET HG3  H  N N 255 
MET HE1  H  N N 256 
MET HE2  H  N N 257 
MET HE3  H  N N 258 
MET HXT  H  N N 259 
PHE N    N  N N 260 
PHE CA   C  N S 261 
PHE C    C  N N 262 
PHE O    O  N N 263 
PHE CB   C  N N 264 
PHE CG   C  Y N 265 
PHE CD1  C  Y N 266 
PHE CD2  C  Y N 267 
PHE CE1  C  Y N 268 
PHE CE2  C  Y N 269 
PHE CZ   C  Y N 270 
PHE OXT  O  N N 271 
PHE H    H  N N 272 
PHE H2   H  N N 273 
PHE HA   H  N N 274 
PHE HB2  H  N N 275 
PHE HB3  H  N N 276 
PHE HD1  H  N N 277 
PHE HD2  H  N N 278 
PHE HE1  H  N N 279 
PHE HE2  H  N N 280 
PHE HZ   H  N N 281 
PHE HXT  H  N N 282 
PRO N    N  N N 283 
PRO CA   C  N S 284 
PRO C    C  N N 285 
PRO O    O  N N 286 
PRO CB   C  N N 287 
PRO CG   C  N N 288 
PRO CD   C  N N 289 
PRO OXT  O  N N 290 
PRO H    H  N N 291 
PRO HA   H  N N 292 
PRO HB2  H  N N 293 
PRO HB3  H  N N 294 
PRO HG2  H  N N 295 
PRO HG3  H  N N 296 
PRO HD2  H  N N 297 
PRO HD3  H  N N 298 
PRO HXT  H  N N 299 
SER N    N  N N 300 
SER CA   C  N S 301 
SER C    C  N N 302 
SER O    O  N N 303 
SER CB   C  N N 304 
SER OG   O  N N 305 
SER OXT  O  N N 306 
SER H    H  N N 307 
SER H2   H  N N 308 
SER HA   H  N N 309 
SER HB2  H  N N 310 
SER HB3  H  N N 311 
SER HG   H  N N 312 
SER HXT  H  N N 313 
THR N    N  N N 314 
THR CA   C  N S 315 
THR C    C  N N 316 
THR O    O  N N 317 
THR CB   C  N R 318 
THR OG1  O  N N 319 
THR CG2  C  N N 320 
THR OXT  O  N N 321 
THR H    H  N N 322 
THR H2   H  N N 323 
THR HA   H  N N 324 
THR HB   H  N N 325 
THR HG1  H  N N 326 
THR HG21 H  N N 327 
THR HG22 H  N N 328 
THR HG23 H  N N 329 
THR HXT  H  N N 330 
TRP N    N  N N 331 
TRP CA   C  N S 332 
TRP C    C  N N 333 
TRP O    O  N N 334 
TRP CB   C  N N 335 
TRP CG   C  Y N 336 
TRP CD1  C  Y N 337 
TRP CD2  C  Y N 338 
TRP NE1  N  Y N 339 
TRP CE2  C  Y N 340 
TRP CE3  C  Y N 341 
TRP CZ2  C  Y N 342 
TRP CZ3  C  Y N 343 
TRP CH2  C  Y N 344 
TRP OXT  O  N N 345 
TRP H    H  N N 346 
TRP H2   H  N N 347 
TRP HA   H  N N 348 
TRP HB2  H  N N 349 
TRP HB3  H  N N 350 
TRP HD1  H  N N 351 
TRP HE1  H  N N 352 
TRP HE3  H  N N 353 
TRP HZ2  H  N N 354 
TRP HZ3  H  N N 355 
TRP HH2  H  N N 356 
TRP HXT  H  N N 357 
TYR N    N  N N 358 
TYR CA   C  N S 359 
TYR C    C  N N 360 
TYR O    O  N N 361 
TYR CB   C  N N 362 
TYR CG   C  Y N 363 
TYR CD1  C  Y N 364 
TYR CD2  C  Y N 365 
TYR CE1  C  Y N 366 
TYR CE2  C  Y N 367 
TYR CZ   C  Y N 368 
TYR OH   O  N N 369 
TYR OXT  O  N N 370 
TYR H    H  N N 371 
TYR H2   H  N N 372 
TYR HA   H  N N 373 
TYR HB2  H  N N 374 
TYR HB3  H  N N 375 
TYR HD1  H  N N 376 
TYR HD2  H  N N 377 
TYR HE1  H  N N 378 
TYR HE2  H  N N 379 
TYR HH   H  N N 380 
TYR HXT  H  N N 381 
VAL N    N  N N 382 
VAL CA   C  N S 383 
VAL C    C  N N 384 
VAL O    O  N N 385 
VAL CB   C  N N 386 
VAL CG1  C  N N 387 
VAL CG2  C  N N 388 
VAL OXT  O  N N 389 
VAL H    H  N N 390 
VAL H2   H  N N 391 
VAL HA   H  N N 392 
VAL HB   H  N N 393 
VAL HG11 H  N N 394 
VAL HG12 H  N N 395 
VAL HG13 H  N N 396 
VAL HG21 H  N N 397 
VAL HG22 H  N N 398 
VAL HG23 H  N N 399 
VAL HXT  H  N N 400 
ZN  ZN   ZN N N 401 
# 
loop_
_chem_comp_bond.comp_id 
_chem_comp_bond.atom_id_1 
_chem_comp_bond.atom_id_2 
_chem_comp_bond.value_order 
_chem_comp_bond.pdbx_aromatic_flag 
_chem_comp_bond.pdbx_stereo_config 
_chem_comp_bond.pdbx_ordinal 
ALA N   CA   sing N N 1   
ALA N   H    sing N N 2   
ALA N   H2   sing N N 3   
ALA CA  C    sing N N 4   
ALA CA  CB   sing N N 5   
ALA CA  HA   sing N N 6   
ALA C   O    doub N N 7   
ALA C   OXT  sing N N 8   
ALA CB  HB1  sing N N 9   
ALA CB  HB2  sing N N 10  
ALA CB  HB3  sing N N 11  
ALA OXT HXT  sing N N 12  
ARG N   CA   sing N N 13  
ARG N   H    sing N N 14  
ARG N   H2   sing N N 15  
ARG CA  C    sing N N 16  
ARG CA  CB   sing N N 17  
ARG CA  HA   sing N N 18  
ARG C   O    doub N N 19  
ARG C   OXT  sing N N 20  
ARG CB  CG   sing N N 21  
ARG CB  HB2  sing N N 22  
ARG CB  HB3  sing N N 23  
ARG CG  CD   sing N N 24  
ARG CG  HG2  sing N N 25  
ARG CG  HG3  sing N N 26  
ARG CD  NE   sing N N 27  
ARG CD  HD2  sing N N 28  
ARG CD  HD3  sing N N 29  
ARG NE  CZ   sing N N 30  
ARG NE  HE   sing N N 31  
ARG CZ  NH1  sing N N 32  
ARG CZ  NH2  doub N N 33  
ARG NH1 HH11 sing N N 34  
ARG NH1 HH12 sing N N 35  
ARG NH2 HH21 sing N N 36  
ARG NH2 HH22 sing N N 37  
ARG OXT HXT  sing N N 38  
ASN N   CA   sing N N 39  
ASN N   H    sing N N 40  
ASN N   H2   sing N N 41  
ASN CA  C    sing N N 42  
ASN CA  CB   sing N N 43  
ASN CA  HA   sing N N 44  
ASN C   O    doub N N 45  
ASN C   OXT  sing N N 46  
ASN CB  CG   sing N N 47  
ASN CB  HB2  sing N N 48  
ASN CB  HB3  sing N N 49  
ASN CG  OD1  doub N N 50  
ASN CG  ND2  sing N N 51  
ASN ND2 HD21 sing N N 52  
ASN ND2 HD22 sing N N 53  
ASN OXT HXT  sing N N 54  
ASP N   CA   sing N N 55  
ASP N   H    sing N N 56  
ASP N   H2   sing N N 57  
ASP CA  C    sing N N 58  
ASP CA  CB   sing N N 59  
ASP CA  HA   sing N N 60  
ASP C   O    doub N N 61  
ASP C   OXT  sing N N 62  
ASP CB  CG   sing N N 63  
ASP CB  HB2  sing N N 64  
ASP CB  HB3  sing N N 65  
ASP CG  OD1  doub N N 66  
ASP CG  OD2  sing N N 67  
ASP OD2 HD2  sing N N 68  
ASP OXT HXT  sing N N 69  
CYS N   CA   sing N N 70  
CYS N   H    sing N N 71  
CYS N   H2   sing N N 72  
CYS CA  C    sing N N 73  
CYS CA  CB   sing N N 74  
CYS CA  HA   sing N N 75  
CYS C   O    doub N N 76  
CYS C   OXT  sing N N 77  
CYS CB  SG   sing N N 78  
CYS CB  HB2  sing N N 79  
CYS CB  HB3  sing N N 80  
CYS SG  HG   sing N N 81  
CYS OXT HXT  sing N N 82  
EDO C1  O1   sing N N 83  
EDO C1  C2   sing N N 84  
EDO C1  H11  sing N N 85  
EDO C1  H12  sing N N 86  
EDO O1  HO1  sing N N 87  
EDO C2  O2   sing N N 88  
EDO C2  H21  sing N N 89  
EDO C2  H22  sing N N 90  
EDO O2  HO2  sing N N 91  
GLN N   CA   sing N N 92  
GLN N   H    sing N N 93  
GLN N   H2   sing N N 94  
GLN CA  C    sing N N 95  
GLN CA  CB   sing N N 96  
GLN CA  HA   sing N N 97  
GLN C   O    doub N N 98  
GLN C   OXT  sing N N 99  
GLN CB  CG   sing N N 100 
GLN CB  HB2  sing N N 101 
GLN CB  HB3  sing N N 102 
GLN CG  CD   sing N N 103 
GLN CG  HG2  sing N N 104 
GLN CG  HG3  sing N N 105 
GLN CD  OE1  doub N N 106 
GLN CD  NE2  sing N N 107 
GLN NE2 HE21 sing N N 108 
GLN NE2 HE22 sing N N 109 
GLN OXT HXT  sing N N 110 
GLU N   CA   sing N N 111 
GLU N   H    sing N N 112 
GLU N   H2   sing N N 113 
GLU CA  C    sing N N 114 
GLU CA  CB   sing N N 115 
GLU CA  HA   sing N N 116 
GLU C   O    doub N N 117 
GLU C   OXT  sing N N 118 
GLU CB  CG   sing N N 119 
GLU CB  HB2  sing N N 120 
GLU CB  HB3  sing N N 121 
GLU CG  CD   sing N N 122 
GLU CG  HG2  sing N N 123 
GLU CG  HG3  sing N N 124 
GLU CD  OE1  doub N N 125 
GLU CD  OE2  sing N N 126 
GLU OE2 HE2  sing N N 127 
GLU OXT HXT  sing N N 128 
GLY N   CA   sing N N 129 
GLY N   H    sing N N 130 
GLY N   H2   sing N N 131 
GLY CA  C    sing N N 132 
GLY CA  HA2  sing N N 133 
GLY CA  HA3  sing N N 134 
GLY C   O    doub N N 135 
GLY C   OXT  sing N N 136 
GLY OXT HXT  sing N N 137 
HIS N   CA   sing N N 138 
HIS N   H    sing N N 139 
HIS N   H2   sing N N 140 
HIS CA  C    sing N N 141 
HIS CA  CB   sing N N 142 
HIS CA  HA   sing N N 143 
HIS C   O    doub N N 144 
HIS C   OXT  sing N N 145 
HIS CB  CG   sing N N 146 
HIS CB  HB2  sing N N 147 
HIS CB  HB3  sing N N 148 
HIS CG  ND1  sing Y N 149 
HIS CG  CD2  doub Y N 150 
HIS ND1 CE1  doub Y N 151 
HIS ND1 HD1  sing N N 152 
HIS CD2 NE2  sing Y N 153 
HIS CD2 HD2  sing N N 154 
HIS CE1 NE2  sing Y N 155 
HIS CE1 HE1  sing N N 156 
HIS NE2 HE2  sing N N 157 
HIS OXT HXT  sing N N 158 
HOH O   H1   sing N N 159 
HOH O   H2   sing N N 160 
ILE N   CA   sing N N 161 
ILE N   H    sing N N 162 
ILE N   H2   sing N N 163 
ILE CA  C    sing N N 164 
ILE CA  CB   sing N N 165 
ILE CA  HA   sing N N 166 
ILE C   O    doub N N 167 
ILE C   OXT  sing N N 168 
ILE CB  CG1  sing N N 169 
ILE CB  CG2  sing N N 170 
ILE CB  HB   sing N N 171 
ILE CG1 CD1  sing N N 172 
ILE CG1 HG12 sing N N 173 
ILE CG1 HG13 sing N N 174 
ILE CG2 HG21 sing N N 175 
ILE CG2 HG22 sing N N 176 
ILE CG2 HG23 sing N N 177 
ILE CD1 HD11 sing N N 178 
ILE CD1 HD12 sing N N 179 
ILE CD1 HD13 sing N N 180 
ILE OXT HXT  sing N N 181 
LEU N   CA   sing N N 182 
LEU N   H    sing N N 183 
LEU N   H2   sing N N 184 
LEU CA  C    sing N N 185 
LEU CA  CB   sing N N 186 
LEU CA  HA   sing N N 187 
LEU C   O    doub N N 188 
LEU C   OXT  sing N N 189 
LEU CB  CG   sing N N 190 
LEU CB  HB2  sing N N 191 
LEU CB  HB3  sing N N 192 
LEU CG  CD1  sing N N 193 
LEU CG  CD2  sing N N 194 
LEU CG  HG   sing N N 195 
LEU CD1 HD11 sing N N 196 
LEU CD1 HD12 sing N N 197 
LEU CD1 HD13 sing N N 198 
LEU CD2 HD21 sing N N 199 
LEU CD2 HD22 sing N N 200 
LEU CD2 HD23 sing N N 201 
LEU OXT HXT  sing N N 202 
LYS N   CA   sing N N 203 
LYS N   H    sing N N 204 
LYS N   H2   sing N N 205 
LYS CA  C    sing N N 206 
LYS CA  CB   sing N N 207 
LYS CA  HA   sing N N 208 
LYS C   O    doub N N 209 
LYS C   OXT  sing N N 210 
LYS CB  CG   sing N N 211 
LYS CB  HB2  sing N N 212 
LYS CB  HB3  sing N N 213 
LYS CG  CD   sing N N 214 
LYS CG  HG2  sing N N 215 
LYS CG  HG3  sing N N 216 
LYS CD  CE   sing N N 217 
LYS CD  HD2  sing N N 218 
LYS CD  HD3  sing N N 219 
LYS CE  NZ   sing N N 220 
LYS CE  HE2  sing N N 221 
LYS CE  HE3  sing N N 222 
LYS NZ  HZ1  sing N N 223 
LYS NZ  HZ2  sing N N 224 
LYS NZ  HZ3  sing N N 225 
LYS OXT HXT  sing N N 226 
MET N   CA   sing N N 227 
MET N   H    sing N N 228 
MET N   H2   sing N N 229 
MET CA  C    sing N N 230 
MET CA  CB   sing N N 231 
MET CA  HA   sing N N 232 
MET C   O    doub N N 233 
MET C   OXT  sing N N 234 
MET CB  CG   sing N N 235 
MET CB  HB2  sing N N 236 
MET CB  HB3  sing N N 237 
MET CG  SD   sing N N 238 
MET CG  HG2  sing N N 239 
MET CG  HG3  sing N N 240 
MET SD  CE   sing N N 241 
MET CE  HE1  sing N N 242 
MET CE  HE2  sing N N 243 
MET CE  HE3  sing N N 244 
MET OXT HXT  sing N N 245 
PHE N   CA   sing N N 246 
PHE N   H    sing N N 247 
PHE N   H2   sing N N 248 
PHE CA  C    sing N N 249 
PHE CA  CB   sing N N 250 
PHE CA  HA   sing N N 251 
PHE C   O    doub N N 252 
PHE C   OXT  sing N N 253 
PHE CB  CG   sing N N 254 
PHE CB  HB2  sing N N 255 
PHE CB  HB3  sing N N 256 
PHE CG  CD1  doub Y N 257 
PHE CG  CD2  sing Y N 258 
PHE CD1 CE1  sing Y N 259 
PHE CD1 HD1  sing N N 260 
PHE CD2 CE2  doub Y N 261 
PHE CD2 HD2  sing N N 262 
PHE CE1 CZ   doub Y N 263 
PHE CE1 HE1  sing N N 264 
PHE CE2 CZ   sing Y N 265 
PHE CE2 HE2  sing N N 266 
PHE CZ  HZ   sing N N 267 
PHE OXT HXT  sing N N 268 
PRO N   CA   sing N N 269 
PRO N   CD   sing N N 270 
PRO N   H    sing N N 271 
PRO CA  C    sing N N 272 
PRO CA  CB   sing N N 273 
PRO CA  HA   sing N N 274 
PRO C   O    doub N N 275 
PRO C   OXT  sing N N 276 
PRO CB  CG   sing N N 277 
PRO CB  HB2  sing N N 278 
PRO CB  HB3  sing N N 279 
PRO CG  CD   sing N N 280 
PRO CG  HG2  sing N N 281 
PRO CG  HG3  sing N N 282 
PRO CD  HD2  sing N N 283 
PRO CD  HD3  sing N N 284 
PRO OXT HXT  sing N N 285 
SER N   CA   sing N N 286 
SER N   H    sing N N 287 
SER N   H2   sing N N 288 
SER CA  C    sing N N 289 
SER CA  CB   sing N N 290 
SER CA  HA   sing N N 291 
SER C   O    doub N N 292 
SER C   OXT  sing N N 293 
SER CB  OG   sing N N 294 
SER CB  HB2  sing N N 295 
SER CB  HB3  sing N N 296 
SER OG  HG   sing N N 297 
SER OXT HXT  sing N N 298 
THR N   CA   sing N N 299 
THR N   H    sing N N 300 
THR N   H2   sing N N 301 
THR CA  C    sing N N 302 
THR CA  CB   sing N N 303 
THR CA  HA   sing N N 304 
THR C   O    doub N N 305 
THR C   OXT  sing N N 306 
THR CB  OG1  sing N N 307 
THR CB  CG2  sing N N 308 
THR CB  HB   sing N N 309 
THR OG1 HG1  sing N N 310 
THR CG2 HG21 sing N N 311 
THR CG2 HG22 sing N N 312 
THR CG2 HG23 sing N N 313 
THR OXT HXT  sing N N 314 
TRP N   CA   sing N N 315 
TRP N   H    sing N N 316 
TRP N   H2   sing N N 317 
TRP CA  C    sing N N 318 
TRP CA  CB   sing N N 319 
TRP CA  HA   sing N N 320 
TRP C   O    doub N N 321 
TRP C   OXT  sing N N 322 
TRP CB  CG   sing N N 323 
TRP CB  HB2  sing N N 324 
TRP CB  HB3  sing N N 325 
TRP CG  CD1  doub Y N 326 
TRP CG  CD2  sing Y N 327 
TRP CD1 NE1  sing Y N 328 
TRP CD1 HD1  sing N N 329 
TRP CD2 CE2  doub Y N 330 
TRP CD2 CE3  sing Y N 331 
TRP NE1 CE2  sing Y N 332 
TRP NE1 HE1  sing N N 333 
TRP CE2 CZ2  sing Y N 334 
TRP CE3 CZ3  doub Y N 335 
TRP CE3 HE3  sing N N 336 
TRP CZ2 CH2  doub Y N 337 
TRP CZ2 HZ2  sing N N 338 
TRP CZ3 CH2  sing Y N 339 
TRP CZ3 HZ3  sing N N 340 
TRP CH2 HH2  sing N N 341 
TRP OXT HXT  sing N N 342 
TYR N   CA   sing N N 343 
TYR N   H    sing N N 344 
TYR N   H2   sing N N 345 
TYR CA  C    sing N N 346 
TYR CA  CB   sing N N 347 
TYR CA  HA   sing N N 348 
TYR C   O    doub N N 349 
TYR C   OXT  sing N N 350 
TYR CB  CG   sing N N 351 
TYR CB  HB2  sing N N 352 
TYR CB  HB3  sing N N 353 
TYR CG  CD1  doub Y N 354 
TYR CG  CD2  sing Y N 355 
TYR CD1 CE1  sing Y N 356 
TYR CD1 HD1  sing N N 357 
TYR CD2 CE2  doub Y N 358 
TYR CD2 HD2  sing N N 359 
TYR CE1 CZ   doub Y N 360 
TYR CE1 HE1  sing N N 361 
TYR CE2 CZ   sing Y N 362 
TYR CE2 HE2  sing N N 363 
TYR CZ  OH   sing N N 364 
TYR OH  HH   sing N N 365 
TYR OXT HXT  sing N N 366 
VAL N   CA   sing N N 367 
VAL N   H    sing N N 368 
VAL N   H2   sing N N 369 
VAL CA  C    sing N N 370 
VAL CA  CB   sing N N 371 
VAL CA  HA   sing N N 372 
VAL C   O    doub N N 373 
VAL C   OXT  sing N N 374 
VAL CB  CG1  sing N N 375 
VAL CB  CG2  sing N N 376 
VAL CB  HB   sing N N 377 
VAL CG1 HG11 sing N N 378 
VAL CG1 HG12 sing N N 379 
VAL CG1 HG13 sing N N 380 
VAL CG2 HG21 sing N N 381 
VAL CG2 HG22 sing N N 382 
VAL CG2 HG23 sing N N 383 
VAL OXT HXT  sing N N 384 
# 
_pdbx_audit_support.funding_organization   'Not funded' 
_pdbx_audit_support.country                ? 
_pdbx_audit_support.grant_number           ? 
_pdbx_audit_support.ordinal                1 
# 
loop_
_pdbx_entity_nonpoly.entity_id 
_pdbx_entity_nonpoly.name 
_pdbx_entity_nonpoly.comp_id 
3 1,2-ETHANEDIOL EDO 
4 'ZINC ION'     ZN  
5 water          HOH 
# 
_pdbx_struct_assembly_auth_evidence.id                     1 
_pdbx_struct_assembly_auth_evidence.assembly_id            1 
_pdbx_struct_assembly_auth_evidence.experimental_support   'assay for oligomerization' 
_pdbx_struct_assembly_auth_evidence.details                'NMR titration' 
# 
_space_group.name_H-M_alt     'P 1 21 1' 
_space_group.name_Hall        'P 2yb' 
_space_group.IT_number        4 
_space_group.crystal_system   monoclinic 
_space_group.id               1 
# 
